data_4EIX
# 
_entry.id   4EIX 
# 
_audit_conform.dict_name       mmcif_pdbx.dic 
_audit_conform.dict_version    5.397 
_audit_conform.dict_location   http://mmcif.pdb.org/dictionaries/ascii/mmcif_pdbx.dic 
# 
loop_
_database_2.database_id 
_database_2.database_code 
_database_2.pdbx_database_accession 
_database_2.pdbx_DOI 
PDB   4EIX         pdb_00004eix 10.2210/pdb4eix/pdb 
RCSB  RCSB071675   ?            ?                   
WWPDB D_1000071675 ?            ?                   
# 
loop_
_pdbx_audit_revision_history.ordinal 
_pdbx_audit_revision_history.data_content_type 
_pdbx_audit_revision_history.major_revision 
_pdbx_audit_revision_history.minor_revision 
_pdbx_audit_revision_history.revision_date 
1 'Structure model' 1 0 2012-04-25 
2 'Structure model' 1 1 2023-11-08 
3 'Structure model' 1 2 2024-10-30 
# 
_pdbx_audit_revision_details.ordinal             1 
_pdbx_audit_revision_details.revision_ordinal    1 
_pdbx_audit_revision_details.data_content_type   'Structure model' 
_pdbx_audit_revision_details.provider            repository 
_pdbx_audit_revision_details.type                'Initial release' 
_pdbx_audit_revision_details.description         ? 
_pdbx_audit_revision_details.details             ? 
# 
loop_
_pdbx_audit_revision_group.ordinal 
_pdbx_audit_revision_group.revision_ordinal 
_pdbx_audit_revision_group.data_content_type 
_pdbx_audit_revision_group.group 
1 2 'Structure model' 'Data collection'        
2 2 'Structure model' 'Database references'    
3 2 'Structure model' 'Derived calculations'   
4 2 'Structure model' 'Refinement description' 
5 3 'Structure model' 'Structure summary'      
# 
loop_
_pdbx_audit_revision_category.ordinal 
_pdbx_audit_revision_category.revision_ordinal 
_pdbx_audit_revision_category.data_content_type 
_pdbx_audit_revision_category.category 
1 2 'Structure model' chem_comp_atom                
2 2 'Structure model' chem_comp_bond                
3 2 'Structure model' database_2                    
4 2 'Structure model' pdbx_initial_refinement_model 
5 2 'Structure model' struct_site                   
6 3 'Structure model' pdbx_entry_details            
7 3 'Structure model' pdbx_modification_feature     
# 
loop_
_pdbx_audit_revision_item.ordinal 
_pdbx_audit_revision_item.revision_ordinal 
_pdbx_audit_revision_item.data_content_type 
_pdbx_audit_revision_item.item 
1 2 'Structure model' '_database_2.pdbx_DOI'                
2 2 'Structure model' '_database_2.pdbx_database_accession' 
3 2 'Structure model' '_struct_site.pdbx_auth_asym_id'      
4 2 'Structure model' '_struct_site.pdbx_auth_comp_id'      
5 2 'Structure model' '_struct_site.pdbx_auth_seq_id'       
# 
_pdbx_database_status.status_code                     REL 
_pdbx_database_status.entry_id                        4EIX 
_pdbx_database_status.recvd_initial_deposition_date   2012-04-06 
_pdbx_database_status.deposit_site                    RCSB 
_pdbx_database_status.process_site                    PDBJ 
_pdbx_database_status.methods_development_category    ? 
_pdbx_database_status.status_code_sf                  REL 
_pdbx_database_status.status_code_mr                  ? 
_pdbx_database_status.SG_entry                        ? 
_pdbx_database_status.status_code_cs                  ? 
_pdbx_database_status.pdb_format_compatible           Y 
_pdbx_database_status.status_code_nmr_data            ? 
# 
_pdbx_database_related.db_name        PDB 
_pdbx_database_related.db_id          2ARM 
_pdbx_database_related.details        . 
_pdbx_database_related.content_type   unspecified 
# 
loop_
_audit_author.name 
_audit_author.pdbx_ordinal 
'Shukla, P.K.' 1 
'Singh, N.'    2 
'Kumar, S.'    3 
'Bhushan, A.'  4 
'Sinha, M.'    5 
'Kaur, P.'     6 
'Sharma, S.'   7 
'Singh, T.P.'  8 
# 
_citation.id                        primary 
_citation.title                     
'Structural Studies of the ternary complex of Phaspholipase A2 with nimusulide and indomethacin' 
_citation.journal_abbrev            'To be Published' 
_citation.journal_volume            ? 
_citation.page_first                ? 
_citation.page_last                 ? 
_citation.year                      ? 
_citation.journal_id_ASTM           ? 
_citation.country                   ? 
_citation.journal_id_ISSN           ? 
_citation.journal_id_CSD            0353 
_citation.book_publisher            ? 
_citation.pdbx_database_id_PubMed   ? 
_citation.pdbx_database_id_DOI      ? 
# 
loop_
_citation_author.citation_id 
_citation_author.name 
_citation_author.ordinal 
_citation_author.identifier_ORCID 
primary 'Shukla, P.K.' 1 ? 
primary 'Singh, N.'    2 ? 
primary 'Kumar, S.'    3 ? 
primary 'Bhushan, A.'  4 ? 
primary 'Sinha, M.'    5 ? 
primary 'Kaur, P.'     6 ? 
primary 'Sharma, S.'   7 ? 
primary 'Singh, T.P.'  8 ? 
# 
loop_
_entity.id 
_entity.type 
_entity.src_method 
_entity.pdbx_description 
_entity.formula_weight 
_entity.pdbx_number_of_molecules 
_entity.pdbx_ec 
_entity.pdbx_mutation 
_entity.pdbx_fragment 
_entity.details 
1 polymer     nat 'Phospholipase A2 VRV-PL-VIIIa'       13629.767 1  3.1.1.4 ? ? ? 
2 non-polymer syn 4-NITRO-2-PHENOXYMETHANESULFONANILIDE 308.310   1  ?       ? ? ? 
3 non-polymer syn INDOMETHACIN                          357.788   1  ?       ? ? ? 
4 non-polymer syn ACETONITRILE                          41.052    1  ?       ? ? ? 
5 water       nat water                                 18.015    44 ?       ? ? ? 
# 
_entity_poly.entity_id                      1 
_entity_poly.type                           'polypeptide(L)' 
_entity_poly.nstd_linkage                   no 
_entity_poly.nstd_monomer                   no 
_entity_poly.pdbx_seq_one_letter_code       
;SLLEFGKMILEETGKLAIPSYSSYGCYCGWGGKGTPKDATDRCCFVHDCCYGNLPDCNPKSDRYKYKRVNGAIVCEKGTS
CENRICECDKAAAICFRQNLNTYSKKYMLYPDFLCKGELKC
;
_entity_poly.pdbx_seq_one_letter_code_can   
;SLLEFGKMILEETGKLAIPSYSSYGCYCGWGGKGTPKDATDRCCFVHDCCYGNLPDCNPKSDRYKYKRVNGAIVCEKGTS
CENRICECDKAAAICFRQNLNTYSKKYMLYPDFLCKGELKC
;
_entity_poly.pdbx_strand_id                 A 
_entity_poly.pdbx_target_identifier         ? 
# 
loop_
_pdbx_entity_nonpoly.entity_id 
_pdbx_entity_nonpoly.name 
_pdbx_entity_nonpoly.comp_id 
2 4-NITRO-2-PHENOXYMETHANESULFONANILIDE NIM 
3 INDOMETHACIN                          IMN 
4 ACETONITRILE                          CCN 
5 water                                 HOH 
# 
loop_
_entity_poly_seq.entity_id 
_entity_poly_seq.num 
_entity_poly_seq.mon_id 
_entity_poly_seq.hetero 
1 1   SER n 
1 2   LEU n 
1 3   LEU n 
1 4   GLU n 
1 5   PHE n 
1 6   GLY n 
1 7   LYS n 
1 8   MET n 
1 9   ILE n 
1 10  LEU n 
1 11  GLU n 
1 12  GLU n 
1 13  THR n 
1 14  GLY n 
1 15  LYS n 
1 16  LEU n 
1 17  ALA n 
1 18  ILE n 
1 19  PRO n 
1 20  SER n 
1 21  TYR n 
1 22  SER n 
1 23  SER n 
1 24  TYR n 
1 25  GLY n 
1 26  CYS n 
1 27  TYR n 
1 28  CYS n 
1 29  GLY n 
1 30  TRP n 
1 31  GLY n 
1 32  GLY n 
1 33  LYS n 
1 34  GLY n 
1 35  THR n 
1 36  PRO n 
1 37  LYS n 
1 38  ASP n 
1 39  ALA n 
1 40  THR n 
1 41  ASP n 
1 42  ARG n 
1 43  CYS n 
1 44  CYS n 
1 45  PHE n 
1 46  VAL n 
1 47  HIS n 
1 48  ASP n 
1 49  CYS n 
1 50  CYS n 
1 51  TYR n 
1 52  GLY n 
1 53  ASN n 
1 54  LEU n 
1 55  PRO n 
1 56  ASP n 
1 57  CYS n 
1 58  ASN n 
1 59  PRO n 
1 60  LYS n 
1 61  SER n 
1 62  ASP n 
1 63  ARG n 
1 64  TYR n 
1 65  LYS n 
1 66  TYR n 
1 67  LYS n 
1 68  ARG n 
1 69  VAL n 
1 70  ASN n 
1 71  GLY n 
1 72  ALA n 
1 73  ILE n 
1 74  VAL n 
1 75  CYS n 
1 76  GLU n 
1 77  LYS n 
1 78  GLY n 
1 79  THR n 
1 80  SER n 
1 81  CYS n 
1 82  GLU n 
1 83  ASN n 
1 84  ARG n 
1 85  ILE n 
1 86  CYS n 
1 87  GLU n 
1 88  CYS n 
1 89  ASP n 
1 90  LYS n 
1 91  ALA n 
1 92  ALA n 
1 93  ALA n 
1 94  ILE n 
1 95  CYS n 
1 96  PHE n 
1 97  ARG n 
1 98  GLN n 
1 99  ASN n 
1 100 LEU n 
1 101 ASN n 
1 102 THR n 
1 103 TYR n 
1 104 SER n 
1 105 LYS n 
1 106 LYS n 
1 107 TYR n 
1 108 MET n 
1 109 LEU n 
1 110 TYR n 
1 111 PRO n 
1 112 ASP n 
1 113 PHE n 
1 114 LEU n 
1 115 CYS n 
1 116 LYS n 
1 117 GLY n 
1 118 GLU n 
1 119 LEU n 
1 120 LYS n 
1 121 CYS n 
# 
_entity_src_nat.entity_id                  1 
_entity_src_nat.pdbx_src_id                1 
_entity_src_nat.pdbx_alt_source_flag       sample 
_entity_src_nat.pdbx_beg_seq_num           ? 
_entity_src_nat.pdbx_end_seq_num           ? 
_entity_src_nat.common_name                
;Russell's viper
;
_entity_src_nat.pdbx_organism_scientific   'Daboia russellii pulchella' 
_entity_src_nat.pdbx_ncbi_taxonomy_id      97228 
_entity_src_nat.genus                      ? 
_entity_src_nat.species                    ? 
_entity_src_nat.strain                     ? 
_entity_src_nat.tissue                     ? 
_entity_src_nat.tissue_fraction            ? 
_entity_src_nat.pdbx_secretion             ? 
_entity_src_nat.pdbx_fragment              ? 
_entity_src_nat.pdbx_variant               ? 
_entity_src_nat.pdbx_cell_line             ? 
_entity_src_nat.pdbx_atcc                  ? 
_entity_src_nat.pdbx_cellular_location     ? 
_entity_src_nat.pdbx_organ                 ? 
_entity_src_nat.pdbx_organelle             ? 
_entity_src_nat.pdbx_cell                  ? 
_entity_src_nat.pdbx_plasmid_name          ? 
_entity_src_nat.pdbx_plasmid_details       ? 
_entity_src_nat.details                    ? 
# 
loop_
_chem_comp.id 
_chem_comp.type 
_chem_comp.mon_nstd_flag 
_chem_comp.name 
_chem_comp.pdbx_synonyms 
_chem_comp.formula 
_chem_comp.formula_weight 
ALA 'L-peptide linking' y ALANINE                               ?          'C3 H7 N O2'      89.093  
ARG 'L-peptide linking' y ARGININE                              ?          'C6 H15 N4 O2 1'  175.209 
ASN 'L-peptide linking' y ASPARAGINE                            ?          'C4 H8 N2 O3'     132.118 
ASP 'L-peptide linking' y 'ASPARTIC ACID'                       ?          'C4 H7 N O4'      133.103 
CCN non-polymer         . ACETONITRILE                          ?          'C2 H3 N'         41.052  
CYS 'L-peptide linking' y CYSTEINE                              ?          'C3 H7 N O2 S'    121.158 
GLN 'L-peptide linking' y GLUTAMINE                             ?          'C5 H10 N2 O3'    146.144 
GLU 'L-peptide linking' y 'GLUTAMIC ACID'                       ?          'C5 H9 N O4'      147.129 
GLY 'peptide linking'   y GLYCINE                               ?          'C2 H5 N O2'      75.067  
HIS 'L-peptide linking' y HISTIDINE                             ?          'C6 H10 N3 O2 1'  156.162 
HOH non-polymer         . WATER                                 ?          'H2 O'            18.015  
ILE 'L-peptide linking' y ISOLEUCINE                            ?          'C6 H13 N O2'     131.173 
IMN non-polymer         . INDOMETHACIN                          ?          'C19 H16 Cl N O4' 357.788 
LEU 'L-peptide linking' y LEUCINE                               ?          'C6 H13 N O2'     131.173 
LYS 'L-peptide linking' y LYSINE                                ?          'C6 H15 N2 O2 1'  147.195 
MET 'L-peptide linking' y METHIONINE                            ?          'C5 H11 N O2 S'   149.211 
NIM non-polymer         . 4-NITRO-2-PHENOXYMETHANESULFONANILIDE NIMESULIDE 'C13 H12 N2 O5 S' 308.310 
PHE 'L-peptide linking' y PHENYLALANINE                         ?          'C9 H11 N O2'     165.189 
PRO 'L-peptide linking' y PROLINE                               ?          'C5 H9 N O2'      115.130 
SER 'L-peptide linking' y SERINE                                ?          'C3 H7 N O3'      105.093 
THR 'L-peptide linking' y THREONINE                             ?          'C4 H9 N O3'      119.119 
TRP 'L-peptide linking' y TRYPTOPHAN                            ?          'C11 H12 N2 O2'   204.225 
TYR 'L-peptide linking' y TYROSINE                              ?          'C9 H11 N O3'     181.189 
VAL 'L-peptide linking' y VALINE                                ?          'C5 H11 N O2'     117.146 
# 
loop_
_pdbx_poly_seq_scheme.asym_id 
_pdbx_poly_seq_scheme.entity_id 
_pdbx_poly_seq_scheme.seq_id 
_pdbx_poly_seq_scheme.mon_id 
_pdbx_poly_seq_scheme.ndb_seq_num 
_pdbx_poly_seq_scheme.pdb_seq_num 
_pdbx_poly_seq_scheme.auth_seq_num 
_pdbx_poly_seq_scheme.pdb_mon_id 
_pdbx_poly_seq_scheme.auth_mon_id 
_pdbx_poly_seq_scheme.pdb_strand_id 
_pdbx_poly_seq_scheme.pdb_ins_code 
_pdbx_poly_seq_scheme.hetero 
A 1 1   SER 1   1   1   SER SER A . n 
A 1 2   LEU 2   2   2   LEU LEU A . n 
A 1 3   LEU 3   3   3   LEU LEU A . n 
A 1 4   GLU 4   4   4   GLU GLU A . n 
A 1 5   PHE 5   5   5   PHE PHE A . n 
A 1 6   GLY 6   6   6   GLY GLY A . n 
A 1 7   LYS 7   7   7   LYS LYS A . n 
A 1 8   MET 8   8   8   MET MET A . n 
A 1 9   ILE 9   9   9   ILE ILE A . n 
A 1 10  LEU 10  10  10  LEU LEU A . n 
A 1 11  GLU 11  11  11  GLU GLU A . n 
A 1 12  GLU 12  12  12  GLU GLU A . n 
A 1 13  THR 13  13  13  THR THR A . n 
A 1 14  GLY 14  14  14  GLY GLY A . n 
A 1 15  LYS 15  16  16  LYS LYS A . n 
A 1 16  LEU 16  17  17  LEU LEU A . n 
A 1 17  ALA 17  18  18  ALA ALA A . n 
A 1 18  ILE 18  19  19  ILE ILE A . n 
A 1 19  PRO 19  20  20  PRO PRO A . n 
A 1 20  SER 20  21  21  SER SER A . n 
A 1 21  TYR 21  22  22  TYR TYR A . n 
A 1 22  SER 22  23  23  SER SER A . n 
A 1 23  SER 23  24  24  SER SER A . n 
A 1 24  TYR 24  25  25  TYR TYR A . n 
A 1 25  GLY 25  26  26  GLY GLY A . n 
A 1 26  CYS 26  27  27  CYS CYS A . n 
A 1 27  TYR 27  28  28  TYR TYR A . n 
A 1 28  CYS 28  29  29  CYS CYS A . n 
A 1 29  GLY 29  30  30  GLY GLY A . n 
A 1 30  TRP 30  31  31  TRP TRP A . n 
A 1 31  GLY 31  32  32  GLY GLY A . n 
A 1 32  GLY 32  33  33  GLY GLY A . n 
A 1 33  LYS 33  34  34  LYS LYS A . n 
A 1 34  GLY 34  35  35  GLY GLY A . n 
A 1 35  THR 35  36  36  THR THR A . n 
A 1 36  PRO 36  37  37  PRO PRO A . n 
A 1 37  LYS 37  38  38  LYS LYS A . n 
A 1 38  ASP 38  39  39  ASP ASP A . n 
A 1 39  ALA 39  40  40  ALA ALA A . n 
A 1 40  THR 40  41  41  THR THR A . n 
A 1 41  ASP 41  42  42  ASP ASP A . n 
A 1 42  ARG 42  43  43  ARG ARG A . n 
A 1 43  CYS 43  44  44  CYS CYS A . n 
A 1 44  CYS 44  45  45  CYS CYS A . n 
A 1 45  PHE 45  46  46  PHE PHE A . n 
A 1 46  VAL 46  47  47  VAL VAL A . n 
A 1 47  HIS 47  48  48  HIS HIS A . n 
A 1 48  ASP 48  49  49  ASP ASP A . n 
A 1 49  CYS 49  50  50  CYS CYS A . n 
A 1 50  CYS 50  51  51  CYS CYS A . n 
A 1 51  TYR 51  52  52  TYR TYR A . n 
A 1 52  GLY 52  53  53  GLY GLY A . n 
A 1 53  ASN 53  54  54  ASN ASN A . n 
A 1 54  LEU 54  55  55  LEU LEU A . n 
A 1 55  PRO 55  56  56  PRO PRO A . n 
A 1 56  ASP 56  59  59  ASP ASP A . n 
A 1 57  CYS 57  61  61  CYS CYS A . n 
A 1 58  ASN 58  67  67  ASN ASN A . n 
A 1 59  PRO 59  68  68  PRO PRO A . n 
A 1 60  LYS 60  69  69  LYS LYS A . n 
A 1 61  SER 61  70  70  SER SER A . n 
A 1 62  ASP 62  71  71  ASP ASP A . n 
A 1 63  ARG 63  72  72  ARG ARG A . n 
A 1 64  TYR 64  73  73  TYR TYR A . n 
A 1 65  LYS 65  74  74  LYS LYS A . n 
A 1 66  TYR 66  75  75  TYR TYR A . n 
A 1 67  LYS 67  76  76  LYS LYS A . n 
A 1 68  ARG 68  77  77  ARG ARG A . n 
A 1 69  VAL 69  78  78  VAL VAL A . n 
A 1 70  ASN 70  79  79  ASN ASN A . n 
A 1 71  GLY 71  80  80  GLY GLY A . n 
A 1 72  ALA 72  81  81  ALA ALA A . n 
A 1 73  ILE 73  82  82  ILE ILE A . n 
A 1 74  VAL 74  83  83  VAL VAL A . n 
A 1 75  CYS 75  84  84  CYS CYS A . n 
A 1 76  GLU 76  85  85  GLU GLU A . n 
A 1 77  LYS 77  86  86  LYS LYS A . n 
A 1 78  GLY 78  88  88  GLY GLY A . n 
A 1 79  THR 79  89  89  THR THR A . n 
A 1 80  SER 80  90  90  SER SER A . n 
A 1 81  CYS 81  91  91  CYS CYS A . n 
A 1 82  GLU 82  92  92  GLU GLU A . n 
A 1 83  ASN 83  93  93  ASN ASN A . n 
A 1 84  ARG 84  94  94  ARG ARG A . n 
A 1 85  ILE 85  95  95  ILE ILE A . n 
A 1 86  CYS 86  96  96  CYS CYS A . n 
A 1 87  GLU 87  97  97  GLU GLU A . n 
A 1 88  CYS 88  98  98  CYS CYS A . n 
A 1 89  ASP 89  99  99  ASP ASP A . n 
A 1 90  LYS 90  100 100 LYS LYS A . n 
A 1 91  ALA 91  101 101 ALA ALA A . n 
A 1 92  ALA 92  102 102 ALA ALA A . n 
A 1 93  ALA 93  103 103 ALA ALA A . n 
A 1 94  ILE 94  104 104 ILE ILE A . n 
A 1 95  CYS 95  105 105 CYS CYS A . n 
A 1 96  PHE 96  106 106 PHE PHE A . n 
A 1 97  ARG 97  107 107 ARG ARG A . n 
A 1 98  GLN 98  108 108 GLN GLN A . n 
A 1 99  ASN 99  109 109 ASN ASN A . n 
A 1 100 LEU 100 110 110 LEU LEU A . n 
A 1 101 ASN 101 111 111 ASN ASN A . n 
A 1 102 THR 102 112 112 THR THR A . n 
A 1 103 TYR 103 113 113 TYR TYR A . n 
A 1 104 SER 104 114 114 SER SER A . n 
A 1 105 LYS 105 115 115 LYS LYS A . n 
A 1 106 LYS 106 116 116 LYS LYS A . n 
A 1 107 TYR 107 117 117 TYR TYR A . n 
A 1 108 MET 108 118 118 MET MET A . n 
A 1 109 LEU 109 119 119 LEU LEU A . n 
A 1 110 TYR 110 120 120 TYR TYR A . n 
A 1 111 PRO 111 121 121 PRO PRO A . n 
A 1 112 ASP 112 122 122 ASP ASP A . n 
A 1 113 PHE 113 124 124 PHE PHE A . n 
A 1 114 LEU 114 125 125 LEU LEU A . n 
A 1 115 CYS 115 126 126 CYS CYS A . n 
A 1 116 LYS 116 127 127 LYS LYS A . n 
A 1 117 GLY 117 128 128 GLY GLY A . n 
A 1 118 GLU 118 129 129 GLU GLU A . n 
A 1 119 LEU 119 130 130 LEU LEU A . n 
A 1 120 LYS 120 131 131 LYS LYS A . n 
A 1 121 CYS 121 133 133 CYS CYS A . n 
# 
loop_
_pdbx_nonpoly_scheme.asym_id 
_pdbx_nonpoly_scheme.entity_id 
_pdbx_nonpoly_scheme.mon_id 
_pdbx_nonpoly_scheme.ndb_seq_num 
_pdbx_nonpoly_scheme.pdb_seq_num 
_pdbx_nonpoly_scheme.auth_seq_num 
_pdbx_nonpoly_scheme.pdb_mon_id 
_pdbx_nonpoly_scheme.auth_mon_id 
_pdbx_nonpoly_scheme.pdb_strand_id 
_pdbx_nonpoly_scheme.pdb_ins_code 
B 2 NIM 1  201 300  NIM NIM A . 
C 3 IMN 1  202 301  IMN IMN A . 
D 4 CCN 1  203 2067 CCN CCN A . 
E 5 HOH 1  301 2068 HOH HOH A . 
E 5 HOH 2  302 2069 HOH HOH A . 
E 5 HOH 3  303 2070 HOH HOH A . 
E 5 HOH 4  304 2071 HOH HOH A . 
E 5 HOH 5  305 2072 HOH HOH A . 
E 5 HOH 6  306 2073 HOH HOH A . 
E 5 HOH 7  307 2074 HOH HOH A . 
E 5 HOH 8  308 2075 HOH HOH A . 
E 5 HOH 9  309 2076 HOH HOH A . 
E 5 HOH 10 310 2077 HOH HOH A . 
E 5 HOH 11 311 2078 HOH HOH A . 
E 5 HOH 12 312 2079 HOH HOH A . 
E 5 HOH 13 313 2080 HOH HOH A . 
E 5 HOH 14 314 2081 HOH HOH A . 
E 5 HOH 15 315 2083 HOH HOH A . 
E 5 HOH 16 316 2084 HOH HOH A . 
E 5 HOH 17 317 2085 HOH HOH A . 
E 5 HOH 18 318 2086 HOH HOH A . 
E 5 HOH 19 319 2087 HOH HOH A . 
E 5 HOH 20 320 2088 HOH HOH A . 
E 5 HOH 21 321 2089 HOH HOH A . 
E 5 HOH 22 322 2090 HOH HOH A . 
E 5 HOH 23 323 2091 HOH HOH A . 
E 5 HOH 24 324 2092 HOH HOH A . 
E 5 HOH 25 325 2093 HOH HOH A . 
E 5 HOH 26 326 2094 HOH HOH A . 
E 5 HOH 27 327 2095 HOH HOH A . 
E 5 HOH 28 328 2096 HOH HOH A . 
E 5 HOH 29 329 2097 HOH HOH A . 
E 5 HOH 30 330 2098 HOH HOH A . 
E 5 HOH 31 331 2099 HOH HOH A . 
E 5 HOH 32 332 2100 HOH HOH A . 
E 5 HOH 33 333 2101 HOH HOH A . 
E 5 HOH 34 334 2102 HOH HOH A . 
E 5 HOH 35 335 2103 HOH HOH A . 
E 5 HOH 36 336 2104 HOH HOH A . 
E 5 HOH 37 337 2106 HOH HOH A . 
E 5 HOH 38 338 2108 HOH HOH A . 
E 5 HOH 39 339 2109 HOH HOH A . 
E 5 HOH 40 340 2110 HOH HOH A . 
E 5 HOH 41 341 2112 HOH HOH A . 
E 5 HOH 42 342 2114 HOH HOH A . 
E 5 HOH 43 343 2115 HOH HOH A . 
E 5 HOH 44 344 2116 HOH HOH A . 
# 
loop_
_software.name 
_software.classification 
_software.version 
_software.citation_id 
_software.pdbx_ordinal 
HKL-2000  'data collection' .   ? 1 
AMoRE     phasing           .   ? 2 
CNS       refinement        1.1 ? 3 
DENZO     'data reduction'  .   ? 4 
SCALEPACK 'data scaling'    .   ? 5 
# 
_cell.entry_id           4EIX 
_cell.length_a           52.880 
_cell.length_b           52.880 
_cell.length_c           48.420 
_cell.angle_alpha        90.00 
_cell.angle_beta         90.00 
_cell.angle_gamma        90.00 
_cell.Z_PDB              4 
_cell.pdbx_unique_axis   ? 
_cell.length_a_esd       ? 
_cell.length_b_esd       ? 
_cell.length_c_esd       ? 
_cell.angle_alpha_esd    ? 
_cell.angle_beta_esd     ? 
_cell.angle_gamma_esd    ? 
# 
_symmetry.entry_id                         4EIX 
_symmetry.space_group_name_H-M             'P 43' 
_symmetry.pdbx_full_space_group_name_H-M   ? 
_symmetry.cell_setting                     ? 
_symmetry.Int_Tables_number                78 
_symmetry.space_group_name_Hall            ? 
# 
_exptl.entry_id          4EIX 
_exptl.method            'X-RAY DIFFRACTION' 
_exptl.crystals_number   1 
# 
_exptl_crystal.id                    1 
_exptl_crystal.density_meas          ? 
_exptl_crystal.density_Matthews      2.48 
_exptl_crystal.density_percent_sol   50.47 
_exptl_crystal.description           ? 
_exptl_crystal.F_000                 ? 
_exptl_crystal.preparation           ? 
# 
_exptl_crystal_grow.crystal_id      1 
_exptl_crystal_grow.method          'VAPOR DIFFUSION, HANGING DROP' 
_exptl_crystal_grow.temp            298 
_exptl_crystal_grow.temp_details    ? 
_exptl_crystal_grow.pH              6.8 
_exptl_crystal_grow.pdbx_details    'Ammonium Sulphate, PEG4000, pH 6.8, VAPOR DIFFUSION, HANGING DROP, temperature 298K' 
_exptl_crystal_grow.pdbx_pH_range   . 
# 
_diffrn.id                     1 
_diffrn.ambient_temp           292 
_diffrn.ambient_temp_details   ? 
_diffrn.crystal_id             1 
# 
_diffrn_detector.diffrn_id              1 
_diffrn_detector.detector               'IMAGE PLATE' 
_diffrn_detector.type                   MARRESEARCH 
_diffrn_detector.pdbx_collection_date   2007-01-15 
_diffrn_detector.details                mirror 
# 
_diffrn_radiation.diffrn_id                        1 
_diffrn_radiation.wavelength_id                    1 
_diffrn_radiation.pdbx_monochromatic_or_laue_m_l   M 
_diffrn_radiation.monochromator                    graphite 
_diffrn_radiation.pdbx_diffrn_protocol             'SINGLE WAVELENGTH' 
_diffrn_radiation.pdbx_scattering_type             x-ray 
# 
_diffrn_radiation_wavelength.id           1 
_diffrn_radiation_wavelength.wavelength   1.54 
_diffrn_radiation_wavelength.wt           1.0 
# 
_diffrn_source.diffrn_id                   1 
_diffrn_source.source                      'ROTATING ANODE' 
_diffrn_source.type                        'RIGAKU RU300' 
_diffrn_source.pdbx_synchrotron_site       ? 
_diffrn_source.pdbx_synchrotron_beamline   ? 
_diffrn_source.pdbx_wavelength             ? 
_diffrn_source.pdbx_wavelength_list        1.54 
# 
_reflns.entry_id                     4EIX 
_reflns.observed_criterion_sigma_I   0.0 
_reflns.observed_criterion_sigma_F   0.0 
_reflns.d_resolution_low             23.65 
_reflns.d_resolution_high            2.9 
_reflns.number_obs                   2930 
_reflns.number_all                   2930 
_reflns.percent_possible_obs         98.2 
_reflns.pdbx_Rmerge_I_obs            ? 
_reflns.pdbx_Rsym_value              0.181 
_reflns.pdbx_netI_over_sigmaI        5.6 
_reflns.B_iso_Wilson_estimate        42.0 
_reflns.pdbx_redundancy              ? 
_reflns.R_free_details               ? 
_reflns.limit_h_max                  ? 
_reflns.limit_h_min                  ? 
_reflns.limit_k_max                  ? 
_reflns.limit_k_min                  ? 
_reflns.limit_l_max                  ? 
_reflns.limit_l_min                  ? 
_reflns.observed_criterion_F_max     ? 
_reflns.observed_criterion_F_min     ? 
_reflns.pdbx_chi_squared             ? 
_reflns.pdbx_scaling_rejects         ? 
_reflns.pdbx_ordinal                 1 
_reflns.pdbx_diffrn_id               1 
# 
_reflns_shell.d_res_high                  2.90 
_reflns_shell.d_res_low                   3.00 
_reflns_shell.percent_possible_all        96.2 
_reflns_shell.Rmerge_I_obs                ? 
_reflns_shell.pdbx_Rsym_value             0.444 
_reflns_shell.meanI_over_sigI_obs         2.0 
_reflns_shell.pdbx_redundancy             ? 
_reflns_shell.percent_possible_obs        ? 
_reflns_shell.number_unique_all           ? 
_reflns_shell.number_measured_all         ? 
_reflns_shell.number_measured_obs         ? 
_reflns_shell.number_unique_obs           ? 
_reflns_shell.pdbx_chi_squared            ? 
_reflns_shell.pdbx_rejects                ? 
_reflns_shell.pdbx_netI_over_sigmaI_obs   ? 
_reflns_shell.number_possible             ? 
_reflns_shell.Rmerge_F_all                ? 
_reflns_shell.Rmerge_F_obs                ? 
_reflns_shell.Rmerge_I_all                ? 
_reflns_shell.meanI_over_sigI_all         ? 
_reflns_shell.pdbx_Rrim_I_all             ? 
_reflns_shell.pdbx_Rpim_I_all             ? 
_reflns_shell.pdbx_ordinal                1 
_reflns_shell.pdbx_diffrn_id              1 
# 
_refine.entry_id                                 4EIX 
_refine.ls_number_reflns_obs                     2930 
_refine.ls_number_reflns_all                     2930 
_refine.pdbx_ls_sigma_I                          0.0 
_refine.pdbx_ls_sigma_F                          0.0 
_refine.pdbx_data_cutoff_high_absF               617238.42 
_refine.pdbx_data_cutoff_low_absF                0.000000 
_refine.pdbx_data_cutoff_high_rms_absF           ? 
_refine.ls_d_res_low                             23.65 
_refine.ls_d_res_high                            2.90 
_refine.ls_percent_reflns_obs                    96.2 
_refine.ls_R_factor_obs                          0.184 
_refine.ls_R_factor_all                          ? 
_refine.ls_R_factor_R_work                       0.184 
_refine.ls_R_factor_R_free                       0.208 
_refine.ls_R_factor_R_free_error                 0.018 
_refine.ls_R_factor_R_free_error_details         ? 
_refine.ls_percent_reflns_R_free                 4.7 
_refine.ls_number_reflns_R_free                  139 
_refine.ls_number_parameters                     ? 
_refine.ls_number_restraints                     ? 
_refine.correlation_coeff_Fo_to_Fc               ? 
_refine.correlation_coeff_Fo_to_Fc_free          ? 
_refine.B_iso_mean                               28.6 
_refine.aniso_B[1][1]                            2.57 
_refine.aniso_B[2][2]                            2.57 
_refine.aniso_B[3][3]                            -5.13 
_refine.aniso_B[1][2]                            0.00 
_refine.aniso_B[1][3]                            0.00 
_refine.aniso_B[2][3]                            0.00 
_refine.solvent_model_details                    'FLAT MODEL' 
_refine.solvent_model_param_ksol                 0.339355 
_refine.solvent_model_param_bsol                 35.701 
_refine.pdbx_solvent_vdw_probe_radii             ? 
_refine.pdbx_solvent_ion_probe_radii             ? 
_refine.pdbx_solvent_shrinkage_radii             ? 
_refine.pdbx_ls_cross_valid_method               THROUGHOUT 
_refine.details                                  ? 
_refine.pdbx_starting_model                      2ARM 
_refine.pdbx_method_to_determine_struct          'MOLECULAR REPLACEMENT' 
_refine.pdbx_isotropic_thermal_model             RESTRAINED 
_refine.pdbx_stereochemistry_target_values       'Engh & Huber' 
_refine.pdbx_stereochem_target_val_spec_case     ? 
_refine.pdbx_R_Free_selection_details            RANDOM 
_refine.pdbx_overall_ESU_R                       ? 
_refine.pdbx_overall_ESU_R_Free                  ? 
_refine.overall_SU_ML                            ? 
_refine.overall_SU_B                             ? 
_refine.overall_SU_R_Cruickshank_DPI             ? 
_refine.ls_redundancy_reflns_obs                 ? 
_refine.B_iso_max                                78.410 
_refine.B_iso_min                                9.080 
_refine.pdbx_overall_phase_error                 ? 
_refine.occupancy_max                            1.000 
_refine.occupancy_min                            0.800 
_refine.overall_SU_R_free                        ? 
_refine.ls_wR_factor_R_free                      ? 
_refine.ls_wR_factor_R_work                      ? 
_refine.overall_FOM_free_R_set                   ? 
_refine.overall_FOM_work_R_set                   ? 
_refine.pdbx_diffrn_id                           1 
_refine.pdbx_refine_id                           'X-RAY DIFFRACTION' 
_refine.pdbx_TLS_residual_ADP_flag               ? 
_refine.pdbx_overall_SU_R_free_Cruickshank_DPI   ? 
_refine.pdbx_overall_SU_R_Blow_DPI               ? 
_refine.pdbx_overall_SU_R_free_Blow_DPI          ? 
# 
_refine_analyze.entry_id                        4EIX 
_refine_analyze.Luzzati_coordinate_error_obs    0.27 
_refine_analyze.Luzzati_sigma_a_obs             0.32 
_refine_analyze.Luzzati_d_res_low_obs           5.00 
_refine_analyze.Luzzati_coordinate_error_free   0.26 
_refine_analyze.Luzzati_sigma_a_free            ? 
_refine_analyze.Luzzati_d_res_low_free          ? 
_refine_analyze.number_disordered_residues      ? 
_refine_analyze.occupancy_sum_hydrogen          ? 
_refine_analyze.occupancy_sum_non_hydrogen      ? 
_refine_analyze.pdbx_Luzzati_d_res_high_obs     ? 
_refine_analyze.pdbx_refine_id                  'X-RAY DIFFRACTION' 
# 
_refine_hist.pdbx_refine_id                   'X-RAY DIFFRACTION' 
_refine_hist.cycle_id                         LAST 
_refine_hist.pdbx_number_atoms_protein        943 
_refine_hist.pdbx_number_atoms_nucleic_acid   0 
_refine_hist.pdbx_number_atoms_ligand         49 
_refine_hist.number_atoms_solvent             44 
_refine_hist.number_atoms_total               1036 
_refine_hist.d_res_high                       2.90 
_refine_hist.d_res_low                        23.65 
# 
loop_
_refine_ls_restr.type 
_refine_ls_restr.dev_ideal 
_refine_ls_restr.dev_ideal_target 
_refine_ls_restr.weight 
_refine_ls_restr.number 
_refine_ls_restr.pdbx_restraint_function 
_refine_ls_restr.pdbx_refine_id 
c_bond_d           0.011 ? ? ? ? 'X-RAY DIFFRACTION' 
c_angle_deg        1.8   ? ? ? ? 'X-RAY DIFFRACTION' 
c_dihedral_angle_d 23.4  ? ? ? ? 'X-RAY DIFFRACTION' 
c_improper_angle_d 1.15  ? ? ? ? 'X-RAY DIFFRACTION' 
# 
_refine_ls_shell.pdbx_refine_id                   'X-RAY DIFFRACTION' 
_refine_ls_shell.pdbx_total_number_of_bins_used   6 
_refine_ls_shell.d_res_high                       2.90 
_refine_ls_shell.d_res_low                        3.00 
_refine_ls_shell.number_reflns_R_work             420 
_refine_ls_shell.R_factor_R_work                  0.254 
_refine_ls_shell.percent_reflns_obs               90.3 
_refine_ls_shell.R_factor_R_free                  0.192 
_refine_ls_shell.R_factor_R_free_error            0.038 
_refine_ls_shell.percent_reflns_R_free            5.6 
_refine_ls_shell.number_reflns_R_free             25 
_refine_ls_shell.number_reflns_all                ? 
_refine_ls_shell.R_factor_all                     ? 
_refine_ls_shell.number_reflns_obs                ? 
_refine_ls_shell.redundancy_reflns_obs            ? 
# 
loop_
_pdbx_xplor_file.pdbx_refine_id 
_pdbx_xplor_file.serial_no 
_pdbx_xplor_file.param_file 
_pdbx_xplor_file.topol_file 
'X-RAY DIFFRACTION' 1 protein_rep.param  protein.top      
'X-RAY DIFFRACTION' 2 ion.param          ion.top          
'X-RAY DIFFRACTION' 3 water_rep.param    water.top        
'X-RAY DIFFRACTION' 4 carbohydrate.param carbohydrate.top 
'X-RAY DIFFRACTION' 5 ccn.param          ccn.top          
# 
_struct.entry_id                  4EIX 
_struct.title                     'Structural Studies of the ternary complex of Phaspholipase A2 with nimesulide and indomethacin' 
_struct.pdbx_model_details        ? 
_struct.pdbx_CASP_flag            ? 
_struct.pdbx_model_type_details   ? 
# 
_struct_keywords.entry_id        4EIX 
_struct_keywords.pdbx_keywords   HYDROLASE 
_struct_keywords.text            Hydrolase 
# 
loop_
_struct_asym.id 
_struct_asym.pdbx_blank_PDB_chainid_flag 
_struct_asym.pdbx_modified 
_struct_asym.entity_id 
_struct_asym.details 
A N N 1 ? 
B N N 2 ? 
C N N 3 ? 
D N N 4 ? 
E N N 5 ? 
# 
_struct_ref.id                         1 
_struct_ref.db_name                    UNP 
_struct_ref.db_code                    D0VX11_DABRP 
_struct_ref.pdbx_db_accession          D0VX11 
_struct_ref.entity_id                  1 
_struct_ref.pdbx_seq_one_letter_code   
;SLLEFGKMILEETGKLAIPSYSSYGCYCGWGGKGTPKDATDRCCFVHDCCYGNLPDCNPKSDRYKYKRVNGAIVCEKGTS
CENRICECDKAAAICFRQNLNTYSKKYMLYPDFLCKGELKC
;
_struct_ref.pdbx_align_begin           1 
_struct_ref.pdbx_db_isoform            ? 
# 
_struct_ref_seq.align_id                      1 
_struct_ref_seq.ref_id                        1 
_struct_ref_seq.pdbx_PDB_id_code              4EIX 
_struct_ref_seq.pdbx_strand_id                A 
_struct_ref_seq.seq_align_beg                 1 
_struct_ref_seq.pdbx_seq_align_beg_ins_code   ? 
_struct_ref_seq.seq_align_end                 121 
_struct_ref_seq.pdbx_seq_align_end_ins_code   ? 
_struct_ref_seq.pdbx_db_accession             D0VX11 
_struct_ref_seq.db_align_beg                  1 
_struct_ref_seq.pdbx_db_align_beg_ins_code    ? 
_struct_ref_seq.db_align_end                  121 
_struct_ref_seq.pdbx_db_align_end_ins_code    ? 
_struct_ref_seq.pdbx_auth_seq_align_beg       1 
_struct_ref_seq.pdbx_auth_seq_align_end       133 
# 
_pdbx_struct_assembly.id                   1 
_pdbx_struct_assembly.details              author_and_software_defined_assembly 
_pdbx_struct_assembly.method_details       PISA 
_pdbx_struct_assembly.oligomeric_details   monomeric 
_pdbx_struct_assembly.oligomeric_count     1 
# 
_pdbx_struct_assembly_gen.assembly_id       1 
_pdbx_struct_assembly_gen.oper_expression   1 
_pdbx_struct_assembly_gen.asym_id_list      A,B,C,D,E 
# 
_pdbx_struct_oper_list.id                   1 
_pdbx_struct_oper_list.type                 'identity operation' 
_pdbx_struct_oper_list.name                 1_555 
_pdbx_struct_oper_list.symmetry_operation   x,y,z 
_pdbx_struct_oper_list.matrix[1][1]         1.0000000000 
_pdbx_struct_oper_list.matrix[1][2]         0.0000000000 
_pdbx_struct_oper_list.matrix[1][3]         0.0000000000 
_pdbx_struct_oper_list.vector[1]            0.0000000000 
_pdbx_struct_oper_list.matrix[2][1]         0.0000000000 
_pdbx_struct_oper_list.matrix[2][2]         1.0000000000 
_pdbx_struct_oper_list.matrix[2][3]         0.0000000000 
_pdbx_struct_oper_list.vector[2]            0.0000000000 
_pdbx_struct_oper_list.matrix[3][1]         0.0000000000 
_pdbx_struct_oper_list.matrix[3][2]         0.0000000000 
_pdbx_struct_oper_list.matrix[3][3]         1.0000000000 
_pdbx_struct_oper_list.vector[3]            0.0000000000 
# 
_struct_biol.id        1 
_struct_biol.details   ? 
# 
loop_
_struct_conf.conf_type_id 
_struct_conf.id 
_struct_conf.pdbx_PDB_helix_id 
_struct_conf.beg_label_comp_id 
_struct_conf.beg_label_asym_id 
_struct_conf.beg_label_seq_id 
_struct_conf.pdbx_beg_PDB_ins_code 
_struct_conf.end_label_comp_id 
_struct_conf.end_label_asym_id 
_struct_conf.end_label_seq_id 
_struct_conf.pdbx_end_PDB_ins_code 
_struct_conf.beg_auth_comp_id 
_struct_conf.beg_auth_asym_id 
_struct_conf.beg_auth_seq_id 
_struct_conf.end_auth_comp_id 
_struct_conf.end_auth_asym_id 
_struct_conf.end_auth_seq_id 
_struct_conf.pdbx_PDB_helix_class 
_struct_conf.details 
_struct_conf.pdbx_PDB_helix_length 
HELX_P HELX_P1 1 SER A 1   ? GLY A 14  ? SER A 1   GLY A 14  1 ? 14 
HELX_P HELX_P2 2 LEU A 16  ? TYR A 21  ? LEU A 17  TYR A 22  1 ? 6  
HELX_P HELX_P3 3 ASP A 38  ? GLY A 52  ? ASP A 39  GLY A 53  1 ? 15 
HELX_P HELX_P4 4 THR A 79  ? GLN A 98  ? THR A 89  GLN A 108 1 ? 20 
HELX_P HELX_P5 5 ASN A 99  ? TYR A 103 ? ASN A 109 TYR A 113 5 ? 5  
HELX_P HELX_P6 6 SER A 104 ? MET A 108 ? SER A 114 MET A 118 5 ? 5  
HELX_P HELX_P7 7 PRO A 111 ? CYS A 115 ? PRO A 121 CYS A 126 5 ? 5  
# 
_struct_conf_type.id          HELX_P 
_struct_conf_type.criteria    ? 
_struct_conf_type.reference   ? 
# 
loop_
_struct_conn.id 
_struct_conn.conn_type_id 
_struct_conn.pdbx_leaving_atom_flag 
_struct_conn.pdbx_PDB_id 
_struct_conn.ptnr1_label_asym_id 
_struct_conn.ptnr1_label_comp_id 
_struct_conn.ptnr1_label_seq_id 
_struct_conn.ptnr1_label_atom_id 
_struct_conn.pdbx_ptnr1_label_alt_id 
_struct_conn.pdbx_ptnr1_PDB_ins_code 
_struct_conn.pdbx_ptnr1_standard_comp_id 
_struct_conn.ptnr1_symmetry 
_struct_conn.ptnr2_label_asym_id 
_struct_conn.ptnr2_label_comp_id 
_struct_conn.ptnr2_label_seq_id 
_struct_conn.ptnr2_label_atom_id 
_struct_conn.pdbx_ptnr2_label_alt_id 
_struct_conn.pdbx_ptnr2_PDB_ins_code 
_struct_conn.ptnr1_auth_asym_id 
_struct_conn.ptnr1_auth_comp_id 
_struct_conn.ptnr1_auth_seq_id 
_struct_conn.ptnr2_auth_asym_id 
_struct_conn.ptnr2_auth_comp_id 
_struct_conn.ptnr2_auth_seq_id 
_struct_conn.ptnr2_symmetry 
_struct_conn.pdbx_ptnr3_label_atom_id 
_struct_conn.pdbx_ptnr3_label_seq_id 
_struct_conn.pdbx_ptnr3_label_comp_id 
_struct_conn.pdbx_ptnr3_label_asym_id 
_struct_conn.pdbx_ptnr3_label_alt_id 
_struct_conn.pdbx_ptnr3_PDB_ins_code 
_struct_conn.details 
_struct_conn.pdbx_dist_value 
_struct_conn.pdbx_value_order 
_struct_conn.pdbx_role 
disulf1 disulf ? ? A CYS 26 SG ? ? ? 1_555 A CYS 115 SG ? ? A CYS 27 A CYS 126 1_555 ? ? ? ? ? ? ? 2.030 ? ? 
disulf2 disulf ? ? A CYS 28 SG ? ? ? 1_555 A CYS 44  SG ? ? A CYS 29 A CYS 45  1_555 ? ? ? ? ? ? ? 2.027 ? ? 
disulf3 disulf ? ? A CYS 43 SG ? ? ? 1_555 A CYS 95  SG ? ? A CYS 44 A CYS 105 1_555 ? ? ? ? ? ? ? 2.027 ? ? 
disulf4 disulf ? ? A CYS 49 SG ? ? ? 1_555 A CYS 121 SG ? ? A CYS 50 A CYS 133 1_555 ? ? ? ? ? ? ? 2.030 ? ? 
disulf5 disulf ? ? A CYS 50 SG ? ? ? 1_555 A CYS 88  SG ? ? A CYS 51 A CYS 98  1_555 ? ? ? ? ? ? ? 2.020 ? ? 
disulf6 disulf ? ? A CYS 57 SG ? ? ? 1_555 A CYS 81  SG ? ? A CYS 61 A CYS 91  1_555 ? ? ? ? ? ? ? 2.027 ? ? 
disulf7 disulf ? ? A CYS 75 SG ? ? ? 1_555 A CYS 86  SG ? ? A CYS 84 A CYS 96  1_555 ? ? ? ? ? ? ? 2.021 ? ? 
# 
_struct_conn_type.id          disulf 
_struct_conn_type.criteria    ? 
_struct_conn_type.reference   ? 
# 
loop_
_pdbx_modification_feature.ordinal 
_pdbx_modification_feature.label_comp_id 
_pdbx_modification_feature.label_asym_id 
_pdbx_modification_feature.label_seq_id 
_pdbx_modification_feature.label_alt_id 
_pdbx_modification_feature.modified_residue_label_comp_id 
_pdbx_modification_feature.modified_residue_label_asym_id 
_pdbx_modification_feature.modified_residue_label_seq_id 
_pdbx_modification_feature.modified_residue_label_alt_id 
_pdbx_modification_feature.auth_comp_id 
_pdbx_modification_feature.auth_asym_id 
_pdbx_modification_feature.auth_seq_id 
_pdbx_modification_feature.PDB_ins_code 
_pdbx_modification_feature.symmetry 
_pdbx_modification_feature.modified_residue_auth_comp_id 
_pdbx_modification_feature.modified_residue_auth_asym_id 
_pdbx_modification_feature.modified_residue_auth_seq_id 
_pdbx_modification_feature.modified_residue_PDB_ins_code 
_pdbx_modification_feature.modified_residue_symmetry 
_pdbx_modification_feature.comp_id_linking_atom 
_pdbx_modification_feature.modified_residue_id_linking_atom 
_pdbx_modification_feature.modified_residue_id 
_pdbx_modification_feature.ref_pcm_id 
_pdbx_modification_feature.ref_comp_id 
_pdbx_modification_feature.type 
_pdbx_modification_feature.category 
1 CYS A 26 ? CYS A 115 ? CYS A 27 ? 1_555 CYS A 126 ? 1_555 SG SG . . . None 'Disulfide bridge' 
2 CYS A 28 ? CYS A 44  ? CYS A 29 ? 1_555 CYS A 45  ? 1_555 SG SG . . . None 'Disulfide bridge' 
3 CYS A 43 ? CYS A 95  ? CYS A 44 ? 1_555 CYS A 105 ? 1_555 SG SG . . . None 'Disulfide bridge' 
4 CYS A 49 ? CYS A 121 ? CYS A 50 ? 1_555 CYS A 133 ? 1_555 SG SG . . . None 'Disulfide bridge' 
5 CYS A 50 ? CYS A 88  ? CYS A 51 ? 1_555 CYS A 98  ? 1_555 SG SG . . . None 'Disulfide bridge' 
6 CYS A 57 ? CYS A 81  ? CYS A 61 ? 1_555 CYS A 91  ? 1_555 SG SG . . . None 'Disulfide bridge' 
7 CYS A 75 ? CYS A 86  ? CYS A 84 ? 1_555 CYS A 96  ? 1_555 SG SG . . . None 'Disulfide bridge' 
# 
_struct_mon_prot_cis.pdbx_id                1 
_struct_mon_prot_cis.label_comp_id          ILE 
_struct_mon_prot_cis.label_seq_id           18 
_struct_mon_prot_cis.label_asym_id          A 
_struct_mon_prot_cis.label_alt_id           . 
_struct_mon_prot_cis.pdbx_PDB_ins_code      ? 
_struct_mon_prot_cis.auth_comp_id           ILE 
_struct_mon_prot_cis.auth_seq_id            19 
_struct_mon_prot_cis.auth_asym_id           A 
_struct_mon_prot_cis.pdbx_label_comp_id_2   PRO 
_struct_mon_prot_cis.pdbx_label_seq_id_2    19 
_struct_mon_prot_cis.pdbx_label_asym_id_2   A 
_struct_mon_prot_cis.pdbx_PDB_ins_code_2    ? 
_struct_mon_prot_cis.pdbx_auth_comp_id_2    PRO 
_struct_mon_prot_cis.pdbx_auth_seq_id_2     20 
_struct_mon_prot_cis.pdbx_auth_asym_id_2    A 
_struct_mon_prot_cis.pdbx_PDB_model_num     1 
_struct_mon_prot_cis.pdbx_omega_angle       1.40 
# 
_struct_sheet.id               A 
_struct_sheet.type             ? 
_struct_sheet.number_strands   2 
_struct_sheet.details          ? 
# 
_struct_sheet_order.sheet_id     A 
_struct_sheet_order.range_id_1   1 
_struct_sheet_order.range_id_2   2 
_struct_sheet_order.offset       ? 
_struct_sheet_order.sense        anti-parallel 
# 
loop_
_struct_sheet_range.sheet_id 
_struct_sheet_range.id 
_struct_sheet_range.beg_label_comp_id 
_struct_sheet_range.beg_label_asym_id 
_struct_sheet_range.beg_label_seq_id 
_struct_sheet_range.pdbx_beg_PDB_ins_code 
_struct_sheet_range.end_label_comp_id 
_struct_sheet_range.end_label_asym_id 
_struct_sheet_range.end_label_seq_id 
_struct_sheet_range.pdbx_end_PDB_ins_code 
_struct_sheet_range.beg_auth_comp_id 
_struct_sheet_range.beg_auth_asym_id 
_struct_sheet_range.beg_auth_seq_id 
_struct_sheet_range.end_auth_comp_id 
_struct_sheet_range.end_auth_asym_id 
_struct_sheet_range.end_auth_seq_id 
A 1 TYR A 66 ? VAL A 69 ? TYR A 75 VAL A 78 
A 2 ALA A 72 ? CYS A 75 ? ALA A 81 CYS A 84 
# 
_pdbx_struct_sheet_hbond.sheet_id                A 
_pdbx_struct_sheet_hbond.range_id_1              1 
_pdbx_struct_sheet_hbond.range_id_2              2 
_pdbx_struct_sheet_hbond.range_1_label_atom_id   N 
_pdbx_struct_sheet_hbond.range_1_label_comp_id   LYS 
_pdbx_struct_sheet_hbond.range_1_label_asym_id   A 
_pdbx_struct_sheet_hbond.range_1_label_seq_id    67 
_pdbx_struct_sheet_hbond.range_1_PDB_ins_code    ? 
_pdbx_struct_sheet_hbond.range_1_auth_atom_id    N 
_pdbx_struct_sheet_hbond.range_1_auth_comp_id    LYS 
_pdbx_struct_sheet_hbond.range_1_auth_asym_id    A 
_pdbx_struct_sheet_hbond.range_1_auth_seq_id     76 
_pdbx_struct_sheet_hbond.range_2_label_atom_id   O 
_pdbx_struct_sheet_hbond.range_2_label_comp_id   VAL 
_pdbx_struct_sheet_hbond.range_2_label_asym_id   A 
_pdbx_struct_sheet_hbond.range_2_label_seq_id    74 
_pdbx_struct_sheet_hbond.range_2_PDB_ins_code    ? 
_pdbx_struct_sheet_hbond.range_2_auth_atom_id    O 
_pdbx_struct_sheet_hbond.range_2_auth_comp_id    VAL 
_pdbx_struct_sheet_hbond.range_2_auth_asym_id    A 
_pdbx_struct_sheet_hbond.range_2_auth_seq_id     83 
# 
loop_
_struct_site.id 
_struct_site.pdbx_evidence_code 
_struct_site.pdbx_auth_asym_id 
_struct_site.pdbx_auth_comp_id 
_struct_site.pdbx_auth_seq_id 
_struct_site.pdbx_auth_ins_code 
_struct_site.pdbx_num_residues 
_struct_site.details 
AC1 Software A NIM 201 ? 6 'BINDING SITE FOR RESIDUE NIM A 201' 
AC2 Software A IMN 202 ? 5 'BINDING SITE FOR RESIDUE IMN A 202' 
AC3 Software A CCN 203 ? 5 'BINDING SITE FOR RESIDUE CCN A 203' 
# 
loop_
_struct_site_gen.id 
_struct_site_gen.site_id 
_struct_site_gen.pdbx_num_res 
_struct_site_gen.label_comp_id 
_struct_site_gen.label_asym_id 
_struct_site_gen.label_seq_id 
_struct_site_gen.pdbx_auth_ins_code 
_struct_site_gen.auth_comp_id 
_struct_site_gen.auth_asym_id 
_struct_site_gen.auth_seq_id 
_struct_site_gen.label_atom_id 
_struct_site_gen.label_alt_id 
_struct_site_gen.symmetry 
_struct_site_gen.details 
1  AC1 6 LEU A 2   ? LEU A 2   . ? 1_555 ? 
2  AC1 6 ALA A 17  ? ALA A 18  . ? 1_555 ? 
3  AC1 6 ILE A 18  ? ILE A 19  . ? 1_555 ? 
4  AC1 6 GLY A 29  ? GLY A 30  . ? 1_555 ? 
5  AC1 6 LYS A 60  ? LYS A 69  . ? 1_555 ? 
6  AC1 6 ASN A 101 ? ASN A 111 . ? 2_654 ? 
7  AC2 5 ASP A 48  ? ASP A 49  . ? 1_555 ? 
8  AC2 5 ASN A 53  ? ASN A 54  . ? 3_654 ? 
9  AC2 5 PRO A 55  ? PRO A 56  . ? 1_555 ? 
10 AC2 5 CYS A 57  ? CYS A 61  . ? 1_555 ? 
11 AC2 5 LYS A 60  ? LYS A 69  . ? 1_555 ? 
12 AC3 5 CYS A 43  ? CYS A 44  . ? 1_555 ? 
13 AC3 5 GLU A 82  ? GLU A 92  . ? 4_565 ? 
14 AC3 5 ALA A 92  ? ALA A 102 . ? 1_555 ? 
15 AC3 5 CYS A 95  ? CYS A 105 . ? 1_555 ? 
16 AC3 5 HOH E .   ? HOH A 325 . ? 1_555 ? 
# 
_pdbx_entry_details.entry_id                   4EIX 
_pdbx_entry_details.compound_details           ? 
_pdbx_entry_details.source_details             ? 
_pdbx_entry_details.nonpolymer_details         ? 
_pdbx_entry_details.sequence_details           ? 
_pdbx_entry_details.has_ligand_of_interest     ? 
_pdbx_entry_details.has_protein_modification   Y 
# 
_pdbx_validate_rmsd_bond.id                        1 
_pdbx_validate_rmsd_bond.PDB_model_num             1 
_pdbx_validate_rmsd_bond.auth_atom_id_1            CD 
_pdbx_validate_rmsd_bond.auth_asym_id_1            A 
_pdbx_validate_rmsd_bond.auth_comp_id_1            PRO 
_pdbx_validate_rmsd_bond.auth_seq_id_1             20 
_pdbx_validate_rmsd_bond.PDB_ins_code_1            ? 
_pdbx_validate_rmsd_bond.label_alt_id_1            ? 
_pdbx_validate_rmsd_bond.auth_atom_id_2            N 
_pdbx_validate_rmsd_bond.auth_asym_id_2            A 
_pdbx_validate_rmsd_bond.auth_comp_id_2            PRO 
_pdbx_validate_rmsd_bond.auth_seq_id_2             20 
_pdbx_validate_rmsd_bond.PDB_ins_code_2            ? 
_pdbx_validate_rmsd_bond.label_alt_id_2            ? 
_pdbx_validate_rmsd_bond.bond_value                1.301 
_pdbx_validate_rmsd_bond.bond_target_value         1.474 
_pdbx_validate_rmsd_bond.bond_deviation            -0.173 
_pdbx_validate_rmsd_bond.bond_standard_deviation   0.014 
_pdbx_validate_rmsd_bond.linker_flag               N 
# 
loop_
_pdbx_validate_rmsd_angle.id 
_pdbx_validate_rmsd_angle.PDB_model_num 
_pdbx_validate_rmsd_angle.auth_atom_id_1 
_pdbx_validate_rmsd_angle.auth_asym_id_1 
_pdbx_validate_rmsd_angle.auth_comp_id_1 
_pdbx_validate_rmsd_angle.auth_seq_id_1 
_pdbx_validate_rmsd_angle.PDB_ins_code_1 
_pdbx_validate_rmsd_angle.label_alt_id_1 
_pdbx_validate_rmsd_angle.auth_atom_id_2 
_pdbx_validate_rmsd_angle.auth_asym_id_2 
_pdbx_validate_rmsd_angle.auth_comp_id_2 
_pdbx_validate_rmsd_angle.auth_seq_id_2 
_pdbx_validate_rmsd_angle.PDB_ins_code_2 
_pdbx_validate_rmsd_angle.label_alt_id_2 
_pdbx_validate_rmsd_angle.auth_atom_id_3 
_pdbx_validate_rmsd_angle.auth_asym_id_3 
_pdbx_validate_rmsd_angle.auth_comp_id_3 
_pdbx_validate_rmsd_angle.auth_seq_id_3 
_pdbx_validate_rmsd_angle.PDB_ins_code_3 
_pdbx_validate_rmsd_angle.label_alt_id_3 
_pdbx_validate_rmsd_angle.angle_value 
_pdbx_validate_rmsd_angle.angle_target_value 
_pdbx_validate_rmsd_angle.angle_deviation 
_pdbx_validate_rmsd_angle.angle_standard_deviation 
_pdbx_validate_rmsd_angle.linker_flag 
1 1 C  A ILE 19 ? ? N A PRO 20 ? ? CD A PRO 20 ? ? 103.86 120.60 -16.74 2.20 Y 
2 1 CA A PRO 20 ? ? N A PRO 20 ? ? CD A PRO 20 ? ? 120.30 111.50 8.80   1.40 N 
# 
loop_
_chem_comp_atom.comp_id 
_chem_comp_atom.atom_id 
_chem_comp_atom.type_symbol 
_chem_comp_atom.pdbx_aromatic_flag 
_chem_comp_atom.pdbx_stereo_config 
_chem_comp_atom.pdbx_ordinal 
ALA N    N  N N 1   
ALA CA   C  N S 2   
ALA C    C  N N 3   
ALA O    O  N N 4   
ALA CB   C  N N 5   
ALA OXT  O  N N 6   
ALA H    H  N N 7   
ALA H2   H  N N 8   
ALA HA   H  N N 9   
ALA HB1  H  N N 10  
ALA HB2  H  N N 11  
ALA HB3  H  N N 12  
ALA HXT  H  N N 13  
ARG N    N  N N 14  
ARG CA   C  N S 15  
ARG C    C  N N 16  
ARG O    O  N N 17  
ARG CB   C  N N 18  
ARG CG   C  N N 19  
ARG CD   C  N N 20  
ARG NE   N  N N 21  
ARG CZ   C  N N 22  
ARG NH1  N  N N 23  
ARG NH2  N  N N 24  
ARG OXT  O  N N 25  
ARG H    H  N N 26  
ARG H2   H  N N 27  
ARG HA   H  N N 28  
ARG HB2  H  N N 29  
ARG HB3  H  N N 30  
ARG HG2  H  N N 31  
ARG HG3  H  N N 32  
ARG HD2  H  N N 33  
ARG HD3  H  N N 34  
ARG HE   H  N N 35  
ARG HH11 H  N N 36  
ARG HH12 H  N N 37  
ARG HH21 H  N N 38  
ARG HH22 H  N N 39  
ARG HXT  H  N N 40  
ASN N    N  N N 41  
ASN CA   C  N S 42  
ASN C    C  N N 43  
ASN O    O  N N 44  
ASN CB   C  N N 45  
ASN CG   C  N N 46  
ASN OD1  O  N N 47  
ASN ND2  N  N N 48  
ASN OXT  O  N N 49  
ASN H    H  N N 50  
ASN H2   H  N N 51  
ASN HA   H  N N 52  
ASN HB2  H  N N 53  
ASN HB3  H  N N 54  
ASN HD21 H  N N 55  
ASN HD22 H  N N 56  
ASN HXT  H  N N 57  
ASP N    N  N N 58  
ASP CA   C  N S 59  
ASP C    C  N N 60  
ASP O    O  N N 61  
ASP CB   C  N N 62  
ASP CG   C  N N 63  
ASP OD1  O  N N 64  
ASP OD2  O  N N 65  
ASP OXT  O  N N 66  
ASP H    H  N N 67  
ASP H2   H  N N 68  
ASP HA   H  N N 69  
ASP HB2  H  N N 70  
ASP HB3  H  N N 71  
ASP HD2  H  N N 72  
ASP HXT  H  N N 73  
CCN N    N  N N 74  
CCN C1   C  N N 75  
CCN C2   C  N N 76  
CCN H21  H  N N 77  
CCN H22  H  N N 78  
CCN H23  H  N N 79  
CYS N    N  N N 80  
CYS CA   C  N R 81  
CYS C    C  N N 82  
CYS O    O  N N 83  
CYS CB   C  N N 84  
CYS SG   S  N N 85  
CYS OXT  O  N N 86  
CYS H    H  N N 87  
CYS H2   H  N N 88  
CYS HA   H  N N 89  
CYS HB2  H  N N 90  
CYS HB3  H  N N 91  
CYS HG   H  N N 92  
CYS HXT  H  N N 93  
GLN N    N  N N 94  
GLN CA   C  N S 95  
GLN C    C  N N 96  
GLN O    O  N N 97  
GLN CB   C  N N 98  
GLN CG   C  N N 99  
GLN CD   C  N N 100 
GLN OE1  O  N N 101 
GLN NE2  N  N N 102 
GLN OXT  O  N N 103 
GLN H    H  N N 104 
GLN H2   H  N N 105 
GLN HA   H  N N 106 
GLN HB2  H  N N 107 
GLN HB3  H  N N 108 
GLN HG2  H  N N 109 
GLN HG3  H  N N 110 
GLN HE21 H  N N 111 
GLN HE22 H  N N 112 
GLN HXT  H  N N 113 
GLU N    N  N N 114 
GLU CA   C  N S 115 
GLU C    C  N N 116 
GLU O    O  N N 117 
GLU CB   C  N N 118 
GLU CG   C  N N 119 
GLU CD   C  N N 120 
GLU OE1  O  N N 121 
GLU OE2  O  N N 122 
GLU OXT  O  N N 123 
GLU H    H  N N 124 
GLU H2   H  N N 125 
GLU HA   H  N N 126 
GLU HB2  H  N N 127 
GLU HB3  H  N N 128 
GLU HG2  H  N N 129 
GLU HG3  H  N N 130 
GLU HE2  H  N N 131 
GLU HXT  H  N N 132 
GLY N    N  N N 133 
GLY CA   C  N N 134 
GLY C    C  N N 135 
GLY O    O  N N 136 
GLY OXT  O  N N 137 
GLY H    H  N N 138 
GLY H2   H  N N 139 
GLY HA2  H  N N 140 
GLY HA3  H  N N 141 
GLY HXT  H  N N 142 
HIS N    N  N N 143 
HIS CA   C  N S 144 
HIS C    C  N N 145 
HIS O    O  N N 146 
HIS CB   C  N N 147 
HIS CG   C  Y N 148 
HIS ND1  N  Y N 149 
HIS CD2  C  Y N 150 
HIS CE1  C  Y N 151 
HIS NE2  N  Y N 152 
HIS OXT  O  N N 153 
HIS H    H  N N 154 
HIS H2   H  N N 155 
HIS HA   H  N N 156 
HIS HB2  H  N N 157 
HIS HB3  H  N N 158 
HIS HD1  H  N N 159 
HIS HD2  H  N N 160 
HIS HE1  H  N N 161 
HIS HE2  H  N N 162 
HIS HXT  H  N N 163 
HOH O    O  N N 164 
HOH H1   H  N N 165 
HOH H2   H  N N 166 
ILE N    N  N N 167 
ILE CA   C  N S 168 
ILE C    C  N N 169 
ILE O    O  N N 170 
ILE CB   C  N S 171 
ILE CG1  C  N N 172 
ILE CG2  C  N N 173 
ILE CD1  C  N N 174 
ILE OXT  O  N N 175 
ILE H    H  N N 176 
ILE H2   H  N N 177 
ILE HA   H  N N 178 
ILE HB   H  N N 179 
ILE HG12 H  N N 180 
ILE HG13 H  N N 181 
ILE HG21 H  N N 182 
ILE HG22 H  N N 183 
ILE HG23 H  N N 184 
ILE HD11 H  N N 185 
ILE HD12 H  N N 186 
ILE HD13 H  N N 187 
ILE HXT  H  N N 188 
IMN C    C  Y N 189 
IMN C1   C  Y N 190 
IMN C2   C  Y N 191 
IMN C3   C  Y N 192 
IMN C4   C  Y N 193 
IMN C5   C  Y N 194 
IMN C6   C  N N 195 
IMN C7   C  Y N 196 
IMN C8   C  Y N 197 
IMN C9   C  N N 198 
IMN C10  C  Y N 199 
IMN C11  C  Y N 200 
IMN C12  C  Y N 201 
IMN C13  C  Y N 202 
IMN C14  C  Y N 203 
IMN C15  C  Y N 204 
IMN C16  C  N N 205 
IMN C17  C  N N 206 
IMN C18  C  N N 207 
IMN N    N  Y N 208 
IMN O    O  N N 209 
IMN O1   O  N N 210 
IMN O2   O  N N 211 
IMN O3   O  N N 212 
IMN CL   CL N N 213 
IMN H2   H  N N 214 
IMN H4   H  N N 215 
IMN H5   H  N N 216 
IMN H61  H  N N 217 
IMN H62  H  N N 218 
IMN H63  H  N N 219 
IMN H11  H  N N 220 
IMN H12  H  N N 221 
IMN H14  H  N N 222 
IMN H15  H  N N 223 
IMN H161 H  N N 224 
IMN H162 H  N N 225 
IMN H163 H  N N 226 
IMN H171 H  N N 227 
IMN H172 H  N N 228 
IMN HO3  H  N N 229 
LEU N    N  N N 230 
LEU CA   C  N S 231 
LEU C    C  N N 232 
LEU O    O  N N 233 
LEU CB   C  N N 234 
LEU CG   C  N N 235 
LEU CD1  C  N N 236 
LEU CD2  C  N N 237 
LEU OXT  O  N N 238 
LEU H    H  N N 239 
LEU H2   H  N N 240 
LEU HA   H  N N 241 
LEU HB2  H  N N 242 
LEU HB3  H  N N 243 
LEU HG   H  N N 244 
LEU HD11 H  N N 245 
LEU HD12 H  N N 246 
LEU HD13 H  N N 247 
LEU HD21 H  N N 248 
LEU HD22 H  N N 249 
LEU HD23 H  N N 250 
LEU HXT  H  N N 251 
LYS N    N  N N 252 
LYS CA   C  N S 253 
LYS C    C  N N 254 
LYS O    O  N N 255 
LYS CB   C  N N 256 
LYS CG   C  N N 257 
LYS CD   C  N N 258 
LYS CE   C  N N 259 
LYS NZ   N  N N 260 
LYS OXT  O  N N 261 
LYS H    H  N N 262 
LYS H2   H  N N 263 
LYS HA   H  N N 264 
LYS HB2  H  N N 265 
LYS HB3  H  N N 266 
LYS HG2  H  N N 267 
LYS HG3  H  N N 268 
LYS HD2  H  N N 269 
LYS HD3  H  N N 270 
LYS HE2  H  N N 271 
LYS HE3  H  N N 272 
LYS HZ1  H  N N 273 
LYS HZ2  H  N N 274 
LYS HZ3  H  N N 275 
LYS HXT  H  N N 276 
MET N    N  N N 277 
MET CA   C  N S 278 
MET C    C  N N 279 
MET O    O  N N 280 
MET CB   C  N N 281 
MET CG   C  N N 282 
MET SD   S  N N 283 
MET CE   C  N N 284 
MET OXT  O  N N 285 
MET H    H  N N 286 
MET H2   H  N N 287 
MET HA   H  N N 288 
MET HB2  H  N N 289 
MET HB3  H  N N 290 
MET HG2  H  N N 291 
MET HG3  H  N N 292 
MET HE1  H  N N 293 
MET HE2  H  N N 294 
MET HE3  H  N N 295 
MET HXT  H  N N 296 
NIM O4   O  N N 297 
NIM N2   N  N N 298 
NIM O3   O  N N 299 
NIM C5   C  Y N 300 
NIM C4   C  Y N 301 
NIM C3   C  Y N 302 
NIM C2   C  Y N 303 
NIM N1   N  N N 304 
NIM S1   S  N N 305 
NIM O1   O  N N 306 
NIM O2   O  N N 307 
NIM C1   C  N N 308 
NIM C6   C  Y N 309 
NIM C7   C  Y N 310 
NIM O5   O  N N 311 
NIM C8   C  Y N 312 
NIM C13  C  Y N 313 
NIM C12  C  Y N 314 
NIM C11  C  Y N 315 
NIM C10  C  Y N 316 
NIM C9   C  Y N 317 
NIM H4   H  N N 318 
NIM H3   H  N N 319 
NIM HN1  H  N N 320 
NIM H11A H  N N 321 
NIM H12A H  N N 322 
NIM H13A H  N N 323 
NIM H6   H  N N 324 
NIM H13  H  N N 325 
NIM H12  H  N N 326 
NIM H11  H  N N 327 
NIM H10  H  N N 328 
NIM H9   H  N N 329 
PHE N    N  N N 330 
PHE CA   C  N S 331 
PHE C    C  N N 332 
PHE O    O  N N 333 
PHE CB   C  N N 334 
PHE CG   C  Y N 335 
PHE CD1  C  Y N 336 
PHE CD2  C  Y N 337 
PHE CE1  C  Y N 338 
PHE CE2  C  Y N 339 
PHE CZ   C  Y N 340 
PHE OXT  O  N N 341 
PHE H    H  N N 342 
PHE H2   H  N N 343 
PHE HA   H  N N 344 
PHE HB2  H  N N 345 
PHE HB3  H  N N 346 
PHE HD1  H  N N 347 
PHE HD2  H  N N 348 
PHE HE1  H  N N 349 
PHE HE2  H  N N 350 
PHE HZ   H  N N 351 
PHE HXT  H  N N 352 
PRO N    N  N N 353 
PRO CA   C  N S 354 
PRO C    C  N N 355 
PRO O    O  N N 356 
PRO CB   C  N N 357 
PRO CG   C  N N 358 
PRO CD   C  N N 359 
PRO OXT  O  N N 360 
PRO H    H  N N 361 
PRO HA   H  N N 362 
PRO HB2  H  N N 363 
PRO HB3  H  N N 364 
PRO HG2  H  N N 365 
PRO HG3  H  N N 366 
PRO HD2  H  N N 367 
PRO HD3  H  N N 368 
PRO HXT  H  N N 369 
SER N    N  N N 370 
SER CA   C  N S 371 
SER C    C  N N 372 
SER O    O  N N 373 
SER CB   C  N N 374 
SER OG   O  N N 375 
SER OXT  O  N N 376 
SER H    H  N N 377 
SER H2   H  N N 378 
SER HA   H  N N 379 
SER HB2  H  N N 380 
SER HB3  H  N N 381 
SER HG   H  N N 382 
SER HXT  H  N N 383 
THR N    N  N N 384 
THR CA   C  N S 385 
THR C    C  N N 386 
THR O    O  N N 387 
THR CB   C  N R 388 
THR OG1  O  N N 389 
THR CG2  C  N N 390 
THR OXT  O  N N 391 
THR H    H  N N 392 
THR H2   H  N N 393 
THR HA   H  N N 394 
THR HB   H  N N 395 
THR HG1  H  N N 396 
THR HG21 H  N N 397 
THR HG22 H  N N 398 
THR HG23 H  N N 399 
THR HXT  H  N N 400 
TRP N    N  N N 401 
TRP CA   C  N S 402 
TRP C    C  N N 403 
TRP O    O  N N 404 
TRP CB   C  N N 405 
TRP CG   C  Y N 406 
TRP CD1  C  Y N 407 
TRP CD2  C  Y N 408 
TRP NE1  N  Y N 409 
TRP CE2  C  Y N 410 
TRP CE3  C  Y N 411 
TRP CZ2  C  Y N 412 
TRP CZ3  C  Y N 413 
TRP CH2  C  Y N 414 
TRP OXT  O  N N 415 
TRP H    H  N N 416 
TRP H2   H  N N 417 
TRP HA   H  N N 418 
TRP HB2  H  N N 419 
TRP HB3  H  N N 420 
TRP HD1  H  N N 421 
TRP HE1  H  N N 422 
TRP HE3  H  N N 423 
TRP HZ2  H  N N 424 
TRP HZ3  H  N N 425 
TRP HH2  H  N N 426 
TRP HXT  H  N N 427 
TYR N    N  N N 428 
TYR CA   C  N S 429 
TYR C    C  N N 430 
TYR O    O  N N 431 
TYR CB   C  N N 432 
TYR CG   C  Y N 433 
TYR CD1  C  Y N 434 
TYR CD2  C  Y N 435 
TYR CE1  C  Y N 436 
TYR CE2  C  Y N 437 
TYR CZ   C  Y N 438 
TYR OH   O  N N 439 
TYR OXT  O  N N 440 
TYR H    H  N N 441 
TYR H2   H  N N 442 
TYR HA   H  N N 443 
TYR HB2  H  N N 444 
TYR HB3  H  N N 445 
TYR HD1  H  N N 446 
TYR HD2  H  N N 447 
TYR HE1  H  N N 448 
TYR HE2  H  N N 449 
TYR HH   H  N N 450 
TYR HXT  H  N N 451 
VAL N    N  N N 452 
VAL CA   C  N S 453 
VAL C    C  N N 454 
VAL O    O  N N 455 
VAL CB   C  N N 456 
VAL CG1  C  N N 457 
VAL CG2  C  N N 458 
VAL OXT  O  N N 459 
VAL H    H  N N 460 
VAL H2   H  N N 461 
VAL HA   H  N N 462 
VAL HB   H  N N 463 
VAL HG11 H  N N 464 
VAL HG12 H  N N 465 
VAL HG13 H  N N 466 
VAL HG21 H  N N 467 
VAL HG22 H  N N 468 
VAL HG23 H  N N 469 
VAL HXT  H  N N 470 
# 
loop_
_chem_comp_bond.comp_id 
_chem_comp_bond.atom_id_1 
_chem_comp_bond.atom_id_2 
_chem_comp_bond.value_order 
_chem_comp_bond.pdbx_aromatic_flag 
_chem_comp_bond.pdbx_stereo_config 
_chem_comp_bond.pdbx_ordinal 
ALA N   CA   sing N N 1   
ALA N   H    sing N N 2   
ALA N   H2   sing N N 3   
ALA CA  C    sing N N 4   
ALA CA  CB   sing N N 5   
ALA CA  HA   sing N N 6   
ALA C   O    doub N N 7   
ALA C   OXT  sing N N 8   
ALA CB  HB1  sing N N 9   
ALA CB  HB2  sing N N 10  
ALA CB  HB3  sing N N 11  
ALA OXT HXT  sing N N 12  
ARG N   CA   sing N N 13  
ARG N   H    sing N N 14  
ARG N   H2   sing N N 15  
ARG CA  C    sing N N 16  
ARG CA  CB   sing N N 17  
ARG CA  HA   sing N N 18  
ARG C   O    doub N N 19  
ARG C   OXT  sing N N 20  
ARG CB  CG   sing N N 21  
ARG CB  HB2  sing N N 22  
ARG CB  HB3  sing N N 23  
ARG CG  CD   sing N N 24  
ARG CG  HG2  sing N N 25  
ARG CG  HG3  sing N N 26  
ARG CD  NE   sing N N 27  
ARG CD  HD2  sing N N 28  
ARG CD  HD3  sing N N 29  
ARG NE  CZ   sing N N 30  
ARG NE  HE   sing N N 31  
ARG CZ  NH1  sing N N 32  
ARG CZ  NH2  doub N N 33  
ARG NH1 HH11 sing N N 34  
ARG NH1 HH12 sing N N 35  
ARG NH2 HH21 sing N N 36  
ARG NH2 HH22 sing N N 37  
ARG OXT HXT  sing N N 38  
ASN N   CA   sing N N 39  
ASN N   H    sing N N 40  
ASN N   H2   sing N N 41  
ASN CA  C    sing N N 42  
ASN CA  CB   sing N N 43  
ASN CA  HA   sing N N 44  
ASN C   O    doub N N 45  
ASN C   OXT  sing N N 46  
ASN CB  CG   sing N N 47  
ASN CB  HB2  sing N N 48  
ASN CB  HB3  sing N N 49  
ASN CG  OD1  doub N N 50  
ASN CG  ND2  sing N N 51  
ASN ND2 HD21 sing N N 52  
ASN ND2 HD22 sing N N 53  
ASN OXT HXT  sing N N 54  
ASP N   CA   sing N N 55  
ASP N   H    sing N N 56  
ASP N   H2   sing N N 57  
ASP CA  C    sing N N 58  
ASP CA  CB   sing N N 59  
ASP CA  HA   sing N N 60  
ASP C   O    doub N N 61  
ASP C   OXT  sing N N 62  
ASP CB  CG   sing N N 63  
ASP CB  HB2  sing N N 64  
ASP CB  HB3  sing N N 65  
ASP CG  OD1  doub N N 66  
ASP CG  OD2  sing N N 67  
ASP OD2 HD2  sing N N 68  
ASP OXT HXT  sing N N 69  
CCN N   C1   trip N N 70  
CCN C1  C2   sing N N 71  
CCN C2  H21  sing N N 72  
CCN C2  H22  sing N N 73  
CCN C2  H23  sing N N 74  
CYS N   CA   sing N N 75  
CYS N   H    sing N N 76  
CYS N   H2   sing N N 77  
CYS CA  C    sing N N 78  
CYS CA  CB   sing N N 79  
CYS CA  HA   sing N N 80  
CYS C   O    doub N N 81  
CYS C   OXT  sing N N 82  
CYS CB  SG   sing N N 83  
CYS CB  HB2  sing N N 84  
CYS CB  HB3  sing N N 85  
CYS SG  HG   sing N N 86  
CYS OXT HXT  sing N N 87  
GLN N   CA   sing N N 88  
GLN N   H    sing N N 89  
GLN N   H2   sing N N 90  
GLN CA  C    sing N N 91  
GLN CA  CB   sing N N 92  
GLN CA  HA   sing N N 93  
GLN C   O    doub N N 94  
GLN C   OXT  sing N N 95  
GLN CB  CG   sing N N 96  
GLN CB  HB2  sing N N 97  
GLN CB  HB3  sing N N 98  
GLN CG  CD   sing N N 99  
GLN CG  HG2  sing N N 100 
GLN CG  HG3  sing N N 101 
GLN CD  OE1  doub N N 102 
GLN CD  NE2  sing N N 103 
GLN NE2 HE21 sing N N 104 
GLN NE2 HE22 sing N N 105 
GLN OXT HXT  sing N N 106 
GLU N   CA   sing N N 107 
GLU N   H    sing N N 108 
GLU N   H2   sing N N 109 
GLU CA  C    sing N N 110 
GLU CA  CB   sing N N 111 
GLU CA  HA   sing N N 112 
GLU C   O    doub N N 113 
GLU C   OXT  sing N N 114 
GLU CB  CG   sing N N 115 
GLU CB  HB2  sing N N 116 
GLU CB  HB3  sing N N 117 
GLU CG  CD   sing N N 118 
GLU CG  HG2  sing N N 119 
GLU CG  HG3  sing N N 120 
GLU CD  OE1  doub N N 121 
GLU CD  OE2  sing N N 122 
GLU OE2 HE2  sing N N 123 
GLU OXT HXT  sing N N 124 
GLY N   CA   sing N N 125 
GLY N   H    sing N N 126 
GLY N   H2   sing N N 127 
GLY CA  C    sing N N 128 
GLY CA  HA2  sing N N 129 
GLY CA  HA3  sing N N 130 
GLY C   O    doub N N 131 
GLY C   OXT  sing N N 132 
GLY OXT HXT  sing N N 133 
HIS N   CA   sing N N 134 
HIS N   H    sing N N 135 
HIS N   H2   sing N N 136 
HIS CA  C    sing N N 137 
HIS CA  CB   sing N N 138 
HIS CA  HA   sing N N 139 
HIS C   O    doub N N 140 
HIS C   OXT  sing N N 141 
HIS CB  CG   sing N N 142 
HIS CB  HB2  sing N N 143 
HIS CB  HB3  sing N N 144 
HIS CG  ND1  sing Y N 145 
HIS CG  CD2  doub Y N 146 
HIS ND1 CE1  doub Y N 147 
HIS ND1 HD1  sing N N 148 
HIS CD2 NE2  sing Y N 149 
HIS CD2 HD2  sing N N 150 
HIS CE1 NE2  sing Y N 151 
HIS CE1 HE1  sing N N 152 
HIS NE2 HE2  sing N N 153 
HIS OXT HXT  sing N N 154 
HOH O   H1   sing N N 155 
HOH O   H2   sing N N 156 
ILE N   CA   sing N N 157 
ILE N   H    sing N N 158 
ILE N   H2   sing N N 159 
ILE CA  C    sing N N 160 
ILE CA  CB   sing N N 161 
ILE CA  HA   sing N N 162 
ILE C   O    doub N N 163 
ILE C   OXT  sing N N 164 
ILE CB  CG1  sing N N 165 
ILE CB  CG2  sing N N 166 
ILE CB  HB   sing N N 167 
ILE CG1 CD1  sing N N 168 
ILE CG1 HG12 sing N N 169 
ILE CG1 HG13 sing N N 170 
ILE CG2 HG21 sing N N 171 
ILE CG2 HG22 sing N N 172 
ILE CG2 HG23 sing N N 173 
ILE CD1 HD11 sing N N 174 
ILE CD1 HD12 sing N N 175 
ILE CD1 HD13 sing N N 176 
ILE OXT HXT  sing N N 177 
IMN C   C1   doub Y N 178 
IMN C   C5   sing Y N 179 
IMN C   N    sing Y N 180 
IMN C1  C2   sing Y N 181 
IMN C1  C7   sing Y N 182 
IMN C2  C3   doub Y N 183 
IMN C2  H2   sing N N 184 
IMN C3  C4   sing Y N 185 
IMN C3  O    sing N N 186 
IMN C4  C5   doub Y N 187 
IMN C4  H4   sing N N 188 
IMN C5  H5   sing N N 189 
IMN C6  O    sing N N 190 
IMN C6  H61  sing N N 191 
IMN C6  H62  sing N N 192 
IMN C6  H63  sing N N 193 
IMN C7  C8   doub Y N 194 
IMN C7  C17  sing N N 195 
IMN C8  C16  sing N N 196 
IMN C8  N    sing Y N 197 
IMN C9  C10  sing N N 198 
IMN C9  N    sing N N 199 
IMN C9  O1   doub N N 200 
IMN C10 C11  doub Y N 201 
IMN C10 C15  sing Y N 202 
IMN C11 C12  sing Y N 203 
IMN C11 H11  sing N N 204 
IMN C12 C13  doub Y N 205 
IMN C12 H12  sing N N 206 
IMN C13 C14  sing Y N 207 
IMN C13 CL   sing N N 208 
IMN C14 C15  doub Y N 209 
IMN C14 H14  sing N N 210 
IMN C15 H15  sing N N 211 
IMN C16 H161 sing N N 212 
IMN C16 H162 sing N N 213 
IMN C16 H163 sing N N 214 
IMN C17 C18  sing N N 215 
IMN C17 H171 sing N N 216 
IMN C17 H172 sing N N 217 
IMN C18 O2   doub N N 218 
IMN C18 O3   sing N N 219 
IMN O3  HO3  sing N N 220 
LEU N   CA   sing N N 221 
LEU N   H    sing N N 222 
LEU N   H2   sing N N 223 
LEU CA  C    sing N N 224 
LEU CA  CB   sing N N 225 
LEU CA  HA   sing N N 226 
LEU C   O    doub N N 227 
LEU C   OXT  sing N N 228 
LEU CB  CG   sing N N 229 
LEU CB  HB2  sing N N 230 
LEU CB  HB3  sing N N 231 
LEU CG  CD1  sing N N 232 
LEU CG  CD2  sing N N 233 
LEU CG  HG   sing N N 234 
LEU CD1 HD11 sing N N 235 
LEU CD1 HD12 sing N N 236 
LEU CD1 HD13 sing N N 237 
LEU CD2 HD21 sing N N 238 
LEU CD2 HD22 sing N N 239 
LEU CD2 HD23 sing N N 240 
LEU OXT HXT  sing N N 241 
LYS N   CA   sing N N 242 
LYS N   H    sing N N 243 
LYS N   H2   sing N N 244 
LYS CA  C    sing N N 245 
LYS CA  CB   sing N N 246 
LYS CA  HA   sing N N 247 
LYS C   O    doub N N 248 
LYS C   OXT  sing N N 249 
LYS CB  CG   sing N N 250 
LYS CB  HB2  sing N N 251 
LYS CB  HB3  sing N N 252 
LYS CG  CD   sing N N 253 
LYS CG  HG2  sing N N 254 
LYS CG  HG3  sing N N 255 
LYS CD  CE   sing N N 256 
LYS CD  HD2  sing N N 257 
LYS CD  HD3  sing N N 258 
LYS CE  NZ   sing N N 259 
LYS CE  HE2  sing N N 260 
LYS CE  HE3  sing N N 261 
LYS NZ  HZ1  sing N N 262 
LYS NZ  HZ2  sing N N 263 
LYS NZ  HZ3  sing N N 264 
LYS OXT HXT  sing N N 265 
MET N   CA   sing N N 266 
MET N   H    sing N N 267 
MET N   H2   sing N N 268 
MET CA  C    sing N N 269 
MET CA  CB   sing N N 270 
MET CA  HA   sing N N 271 
MET C   O    doub N N 272 
MET C   OXT  sing N N 273 
MET CB  CG   sing N N 274 
MET CB  HB2  sing N N 275 
MET CB  HB3  sing N N 276 
MET CG  SD   sing N N 277 
MET CG  HG2  sing N N 278 
MET CG  HG3  sing N N 279 
MET SD  CE   sing N N 280 
MET CE  HE1  sing N N 281 
MET CE  HE2  sing N N 282 
MET CE  HE3  sing N N 283 
MET OXT HXT  sing N N 284 
NIM O4  N2   sing N N 285 
NIM N2  O3   doub N N 286 
NIM N2  C5   sing N N 287 
NIM C5  C4   doub Y N 288 
NIM C5  C6   sing Y N 289 
NIM C4  C3   sing Y N 290 
NIM C4  H4   sing N N 291 
NIM C3  C2   doub Y N 292 
NIM C3  H3   sing N N 293 
NIM C2  N1   sing N N 294 
NIM C2  C7   sing Y N 295 
NIM N1  S1   sing N N 296 
NIM N1  HN1  sing N N 297 
NIM S1  O1   doub N N 298 
NIM S1  O2   doub N N 299 
NIM S1  C1   sing N N 300 
NIM C1  H11A sing N N 301 
NIM C1  H12A sing N N 302 
NIM C1  H13A sing N N 303 
NIM C6  C7   doub Y N 304 
NIM C6  H6   sing N N 305 
NIM C7  O5   sing N N 306 
NIM O5  C8   sing N N 307 
NIM C8  C13  doub Y N 308 
NIM C8  C9   sing Y N 309 
NIM C13 C12  sing Y N 310 
NIM C13 H13  sing N N 311 
NIM C12 C11  doub Y N 312 
NIM C12 H12  sing N N 313 
NIM C11 C10  sing Y N 314 
NIM C11 H11  sing N N 315 
NIM C10 C9   doub Y N 316 
NIM C10 H10  sing N N 317 
NIM C9  H9   sing N N 318 
PHE N   CA   sing N N 319 
PHE N   H    sing N N 320 
PHE N   H2   sing N N 321 
PHE CA  C    sing N N 322 
PHE CA  CB   sing N N 323 
PHE CA  HA   sing N N 324 
PHE C   O    doub N N 325 
PHE C   OXT  sing N N 326 
PHE CB  CG   sing N N 327 
PHE CB  HB2  sing N N 328 
PHE CB  HB3  sing N N 329 
PHE CG  CD1  doub Y N 330 
PHE CG  CD2  sing Y N 331 
PHE CD1 CE1  sing Y N 332 
PHE CD1 HD1  sing N N 333 
PHE CD2 CE2  doub Y N 334 
PHE CD2 HD2  sing N N 335 
PHE CE1 CZ   doub Y N 336 
PHE CE1 HE1  sing N N 337 
PHE CE2 CZ   sing Y N 338 
PHE CE2 HE2  sing N N 339 
PHE CZ  HZ   sing N N 340 
PHE OXT HXT  sing N N 341 
PRO N   CA   sing N N 342 
PRO N   CD   sing N N 343 
PRO N   H    sing N N 344 
PRO CA  C    sing N N 345 
PRO CA  CB   sing N N 346 
PRO CA  HA   sing N N 347 
PRO C   O    doub N N 348 
PRO C   OXT  sing N N 349 
PRO CB  CG   sing N N 350 
PRO CB  HB2  sing N N 351 
PRO CB  HB3  sing N N 352 
PRO CG  CD   sing N N 353 
PRO CG  HG2  sing N N 354 
PRO CG  HG3  sing N N 355 
PRO CD  HD2  sing N N 356 
PRO CD  HD3  sing N N 357 
PRO OXT HXT  sing N N 358 
SER N   CA   sing N N 359 
SER N   H    sing N N 360 
SER N   H2   sing N N 361 
SER CA  C    sing N N 362 
SER CA  CB   sing N N 363 
SER CA  HA   sing N N 364 
SER C   O    doub N N 365 
SER C   OXT  sing N N 366 
SER CB  OG   sing N N 367 
SER CB  HB2  sing N N 368 
SER CB  HB3  sing N N 369 
SER OG  HG   sing N N 370 
SER OXT HXT  sing N N 371 
THR N   CA   sing N N 372 
THR N   H    sing N N 373 
THR N   H2   sing N N 374 
THR CA  C    sing N N 375 
THR CA  CB   sing N N 376 
THR CA  HA   sing N N 377 
THR C   O    doub N N 378 
THR C   OXT  sing N N 379 
THR CB  OG1  sing N N 380 
THR CB  CG2  sing N N 381 
THR CB  HB   sing N N 382 
THR OG1 HG1  sing N N 383 
THR CG2 HG21 sing N N 384 
THR CG2 HG22 sing N N 385 
THR CG2 HG23 sing N N 386 
THR OXT HXT  sing N N 387 
TRP N   CA   sing N N 388 
TRP N   H    sing N N 389 
TRP N   H2   sing N N 390 
TRP CA  C    sing N N 391 
TRP CA  CB   sing N N 392 
TRP CA  HA   sing N N 393 
TRP C   O    doub N N 394 
TRP C   OXT  sing N N 395 
TRP CB  CG   sing N N 396 
TRP CB  HB2  sing N N 397 
TRP CB  HB3  sing N N 398 
TRP CG  CD1  doub Y N 399 
TRP CG  CD2  sing Y N 400 
TRP CD1 NE1  sing Y N 401 
TRP CD1 HD1  sing N N 402 
TRP CD2 CE2  doub Y N 403 
TRP CD2 CE3  sing Y N 404 
TRP NE1 CE2  sing Y N 405 
TRP NE1 HE1  sing N N 406 
TRP CE2 CZ2  sing Y N 407 
TRP CE3 CZ3  doub Y N 408 
TRP CE3 HE3  sing N N 409 
TRP CZ2 CH2  doub Y N 410 
TRP CZ2 HZ2  sing N N 411 
TRP CZ3 CH2  sing Y N 412 
TRP CZ3 HZ3  sing N N 413 
TRP CH2 HH2  sing N N 414 
TRP OXT HXT  sing N N 415 
TYR N   CA   sing N N 416 
TYR N   H    sing N N 417 
TYR N   H2   sing N N 418 
TYR CA  C    sing N N 419 
TYR CA  CB   sing N N 420 
TYR CA  HA   sing N N 421 
TYR C   O    doub N N 422 
TYR C   OXT  sing N N 423 
TYR CB  CG   sing N N 424 
TYR CB  HB2  sing N N 425 
TYR CB  HB3  sing N N 426 
TYR CG  CD1  doub Y N 427 
TYR CG  CD2  sing Y N 428 
TYR CD1 CE1  sing Y N 429 
TYR CD1 HD1  sing N N 430 
TYR CD2 CE2  doub Y N 431 
TYR CD2 HD2  sing N N 432 
TYR CE1 CZ   doub Y N 433 
TYR CE1 HE1  sing N N 434 
TYR CE2 CZ   sing Y N 435 
TYR CE2 HE2  sing N N 436 
TYR CZ  OH   sing N N 437 
TYR OH  HH   sing N N 438 
TYR OXT HXT  sing N N 439 
VAL N   CA   sing N N 440 
VAL N   H    sing N N 441 
VAL N   H2   sing N N 442 
VAL CA  C    sing N N 443 
VAL CA  CB   sing N N 444 
VAL CA  HA   sing N N 445 
VAL C   O    doub N N 446 
VAL C   OXT  sing N N 447 
VAL CB  CG1  sing N N 448 
VAL CB  CG2  sing N N 449 
VAL CB  HB   sing N N 450 
VAL CG1 HG11 sing N N 451 
VAL CG1 HG12 sing N N 452 
VAL CG1 HG13 sing N N 453 
VAL CG2 HG21 sing N N 454 
VAL CG2 HG22 sing N N 455 
VAL CG2 HG23 sing N N 456 
VAL OXT HXT  sing N N 457 
# 
_pdbx_initial_refinement_model.id               1 
_pdbx_initial_refinement_model.entity_id_list   ? 
_pdbx_initial_refinement_model.type             'experimental model' 
_pdbx_initial_refinement_model.source_name      PDB 
_pdbx_initial_refinement_model.accession_code   2ARM 
_pdbx_initial_refinement_model.details          ? 
# 
_atom_sites.entry_id                    4EIX 
_atom_sites.fract_transf_matrix[1][1]   -0.01244071 
_atom_sites.fract_transf_matrix[1][2]   0.01193332 
_atom_sites.fract_transf_matrix[1][3]   -0.00777499 
_atom_sites.fract_transf_matrix[2][1]   -0.00139701 
_atom_sites.fract_transf_matrix[2][2]   -0.01129600 
_atom_sites.fract_transf_matrix[2][3]   -0.01510214 
_atom_sites.fract_transf_matrix[3][1]   -0.01547967 
_atom_sites.fract_transf_matrix[3][2]   -0.01022294 
_atom_sites.fract_transf_matrix[3][3]   0.00907842 
_atom_sites.fract_transf_vector[1]      0.529995 
_atom_sites.fract_transf_vector[2]      0.163171 
_atom_sites.fract_transf_vector[3]      -0.011114 
# 
loop_
_atom_type.symbol 
C  
CL 
N  
O  
S  
# 
loop_
_atom_site.group_PDB 
_atom_site.id 
_atom_site.type_symbol 
_atom_site.label_atom_id 
_atom_site.label_alt_id 
_atom_site.label_comp_id 
_atom_site.label_asym_id 
_atom_site.label_entity_id 
_atom_site.label_seq_id 
_atom_site.pdbx_PDB_ins_code 
_atom_site.Cartn_x 
_atom_site.Cartn_y 
_atom_site.Cartn_z 
_atom_site.occupancy 
_atom_site.B_iso_or_equiv 
_atom_site.pdbx_formal_charge 
_atom_site.auth_seq_id 
_atom_site.auth_comp_id 
_atom_site.auth_asym_id 
_atom_site.auth_atom_id 
_atom_site.pdbx_PDB_model_num 
ATOM   1    N  N   . SER A 1 1   ? -3.553  5.061   -10.099 1.00 24.97 ? 1   SER A N   1 
ATOM   2    C  CA  . SER A 1 1   ? -2.803  6.227   -9.651  1.00 25.91 ? 1   SER A CA  1 
ATOM   3    C  C   . SER A 1 1   ? -2.785  6.319   -8.129  1.00 26.38 ? 1   SER A C   1 
ATOM   4    O  O   . SER A 1 1   ? -3.573  5.663   -7.448  1.00 27.26 ? 1   SER A O   1 
ATOM   5    C  CB  . SER A 1 1   ? -3.393  7.506   -10.248 1.00 26.84 ? 1   SER A CB  1 
ATOM   6    O  OG  . SER A 1 1   ? -4.540  7.923   -9.527  1.00 27.92 ? 1   SER A OG  1 
ATOM   7    N  N   . LEU A 1 2   ? -1.879  7.136   -7.601  1.00 25.36 ? 2   LEU A N   1 
ATOM   8    C  CA  . LEU A 1 2   ? -1.761  7.310   -6.211  1.00 25.80 ? 2   LEU A CA  1 
ATOM   9    C  C   . LEU A 1 2   ? -2.991  7.991   -5.721  1.00 27.11 ? 2   LEU A C   1 
ATOM   10   O  O   . LEU A 1 2   ? -3.343  7.841   -4.597  1.00 28.75 ? 2   LEU A O   1 
ATOM   11   C  CB  . LEU A 1 2   ? -0.502  8.060   -5.871  1.00 24.78 ? 2   LEU A CB  1 
ATOM   12   C  CG  . LEU A 1 2   ? 0.694   7.186   -6.146  1.00 26.34 ? 2   LEU A CG  1 
ATOM   13   C  CD1 . LEU A 1 2   ? 1.970   7.810   -5.709  1.00 24.84 ? 2   LEU A CD1 1 
ATOM   14   C  CD2 . LEU A 1 2   ? 0.573   5.821   -5.546  1.00 27.63 ? 2   LEU A CD2 1 
ATOM   15   N  N   . LEU A 1 3   ? -3.652  8.750   -6.570  1.00 27.42 ? 3   LEU A N   1 
ATOM   16   C  CA  . LEU A 1 3   ? -4.900  9.414   -6.174  1.00 28.13 ? 3   LEU A CA  1 
ATOM   17   C  C   . LEU A 1 3   ? -5.938  8.423   -5.630  1.00 27.37 ? 3   LEU A C   1 
ATOM   18   O  O   . LEU A 1 3   ? -6.488  8.629   -4.550  1.00 28.03 ? 3   LEU A O   1 
ATOM   19   C  CB  . LEU A 1 3   ? -5.540  10.161  -7.357  1.00 29.73 ? 3   LEU A CB  1 
ATOM   20   C  CG  . LEU A 1 3   ? -4.854  11.356  -8.027  1.00 31.38 ? 3   LEU A CG  1 
ATOM   21   C  CD1 . LEU A 1 3   ? -3.865  12.003  -7.046  1.00 29.75 ? 3   LEU A CD1 1 
ATOM   22   C  CD2 . LEU A 1 3   ? -4.136  10.889  -9.302  1.00 32.16 ? 3   LEU A CD2 1 
ATOM   23   N  N   . GLU A 1 4   ? -6.171  7.336   -6.302  1.00 24.61 ? 4   GLU A N   1 
ATOM   24   C  CA  . GLU A 1 4   ? -7.193  6.398   -5.919  1.00 22.22 ? 4   GLU A CA  1 
ATOM   25   C  C   . GLU A 1 4   ? -6.819  5.591   -4.730  1.00 22.16 ? 4   GLU A C   1 
ATOM   26   O  O   . GLU A 1 4   ? -7.659  5.231   -3.970  1.00 24.14 ? 4   GLU A O   1 
ATOM   27   C  CB  . GLU A 1 4   ? -7.439  5.430   -7.058  1.00 22.56 ? 4   GLU A CB  1 
ATOM   28   C  CG  . GLU A 1 4   ? -8.145  5.980   -8.246  1.00 23.75 ? 4   GLU A CG  1 
ATOM   29   C  CD  . GLU A 1 4   ? -7.179  6.434   -9.227  1.00 25.45 ? 4   GLU A CD  1 
ATOM   30   O  OE1 . GLU A 1 4   ? -6.216  5.745   -9.354  1.00 22.00 ? 4   GLU A OE1 1 
ATOM   31   O  OE2 . GLU A 1 4   ? -7.360  7.474   -9.809  1.00 29.22 ? 4   GLU A OE2 1 
ATOM   32   N  N   . PHE A 1 5   ? -5.550  5.251   -4.622  1.00 19.38 ? 5   PHE A N   1 
ATOM   33   C  CA  . PHE A 1 5   ? -4.994  4.565   -3.471  1.00 16.68 ? 5   PHE A CA  1 
ATOM   34   C  C   . PHE A 1 5   ? -5.057  5.422   -2.231  1.00 17.57 ? 5   PHE A C   1 
ATOM   35   O  O   . PHE A 1 5   ? -5.540  4.989   -1.190  1.00 19.38 ? 5   PHE A O   1 
ATOM   36   C  CB  . PHE A 1 5   ? -3.556  4.171   -3.796  1.00 15.07 ? 5   PHE A CB  1 
ATOM   37   C  CG  . PHE A 1 5   ? -2.893  3.313   -2.756  1.00 11.73 ? 5   PHE A CG  1 
ATOM   38   C  CD1 . PHE A 1 5   ? -3.599  2.330   -2.078  1.00 12.06 ? 5   PHE A CD1 1 
ATOM   39   C  CD2 . PHE A 1 5   ? -1.532  3.435   -2.520  1.00 10.68 ? 5   PHE A CD2 1 
ATOM   40   C  CE1 . PHE A 1 5   ? -2.952  1.477   -1.184  1.00 12.11 ? 5   PHE A CE1 1 
ATOM   41   C  CE2 . PHE A 1 5   ? -0.879  2.587   -1.630  1.00 12.30 ? 5   PHE A CE2 1 
ATOM   42   C  CZ  . PHE A 1 5   ? -1.594  1.606   -0.964  1.00 11.60 ? 5   PHE A CZ  1 
ATOM   43   N  N   . GLY A 1 6   ? -4.577  6.649   -2.343  1.00 19.21 ? 6   GLY A N   1 
ATOM   44   C  CA  . GLY A 1 6   ? -4.596  7.534   -1.195  1.00 18.18 ? 6   GLY A CA  1 
ATOM   45   C  C   . GLY A 1 6   ? -5.994  7.684   -0.633  1.00 17.04 ? 6   GLY A C   1 
ATOM   46   O  O   . GLY A 1 6   ? -6.198  7.650   0.572   1.00 16.38 ? 6   GLY A O   1 
ATOM   47   N  N   . LYS A 1 7   ? -6.964  7.853   -1.518  1.00 17.46 ? 7   LYS A N   1 
ATOM   48   C  CA  . LYS A 1 7   ? -8.345  8.014   -1.107  1.00 20.63 ? 7   LYS A CA  1 
ATOM   49   C  C   . LYS A 1 7   ? -8.821  6.723   -0.428  1.00 21.84 ? 7   LYS A C   1 
ATOM   50   O  O   . LYS A 1 7   ? -9.421  6.741   0.652   1.00 23.42 ? 7   LYS A O   1 
ATOM   51   C  CB  . LYS A 1 7   ? -9.187  8.351   -2.337  1.00 22.02 ? 7   LYS A CB  1 
ATOM   52   C  CG  . LYS A 1 7   ? -10.669 8.406   -2.110  1.00 27.30 ? 7   LYS A CG  1 
ATOM   53   C  CD  . LYS A 1 7   ? -11.324 9.285   -3.178  1.00 32.53 ? 7   LYS A CD  1 
ATOM   54   C  CE  . LYS A 1 7   ? -12.815 9.009   -3.307  1.00 33.29 ? 7   LYS A CE  1 
ATOM   55   N  NZ  . LYS A 1 7   ? -13.054 7.612   -3.753  1.00 33.35 ? 7   LYS A NZ  1 
ATOM   56   N  N   . MET A 1 8   ? -8.527  5.598   -1.065  1.00 21.05 ? 8   MET A N   1 
ATOM   57   C  CA  . MET A 1 8   ? -8.887  4.291   -0.543  1.00 19.32 ? 8   MET A CA  1 
ATOM   58   C  C   . MET A 1 8   ? -8.324  4.141   0.875   1.00 20.17 ? 8   MET A C   1 
ATOM   59   O  O   . MET A 1 8   ? -8.996  3.612   1.754   1.00 20.83 ? 8   MET A O   1 
ATOM   60   C  CB  . MET A 1 8   ? -8.310  3.229   -1.474  1.00 18.83 ? 8   MET A CB  1 
ATOM   61   C  CG  . MET A 1 8   ? -8.793  1.818   -1.278  1.00 18.71 ? 8   MET A CG  1 
ATOM   62   S  SD  . MET A 1 8   ? -8.063  0.778   -2.585  1.00 17.24 ? 8   MET A SD  1 
ATOM   63   C  CE  . MET A 1 8   ? -9.322  0.892   -3.862  1.00 15.55 ? 8   MET A CE  1 
ATOM   64   N  N   . ILE A 1 9   ? -7.099  4.630   1.090   1.00 20.68 ? 9   ILE A N   1 
ATOM   65   C  CA  . ILE A 1 9   ? -6.404  4.571   2.394   1.00 20.49 ? 9   ILE A CA  1 
ATOM   66   C  C   . ILE A 1 9   ? -7.112  5.386   3.487   1.00 22.10 ? 9   ILE A C   1 
ATOM   67   O  O   . ILE A 1 9   ? -7.244  4.943   4.628   1.00 21.60 ? 9   ILE A O   1 
ATOM   68   C  CB  . ILE A 1 9   ? -4.969  5.165   2.323   1.00 19.80 ? 9   ILE A CB  1 
ATOM   69   C  CG1 . ILE A 1 9   ? -4.113  4.436   1.281   1.00 22.15 ? 9   ILE A CG1 1 
ATOM   70   C  CG2 . ILE A 1 9   ? -4.313  5.086   3.695   1.00 14.84 ? 9   ILE A CG2 1 
ATOM   71   C  CD1 . ILE A 1 9   ? -2.660  4.858   1.243   1.00 26.59 ? 9   ILE A CD1 1 
ATOM   72   N  N   . LEU A 1 10  ? -7.534  6.592   3.122   1.00 22.39 ? 10  LEU A N   1 
ATOM   73   C  CA  . LEU A 1 10  ? -8.202  7.522   4.020   1.00 21.88 ? 10  LEU A CA  1 
ATOM   74   C  C   . LEU A 1 10  ? -9.581  7.046   4.443   1.00 22.77 ? 10  LEU A C   1 
ATOM   75   O  O   . LEU A 1 10  ? -9.953  7.190   5.605   1.00 24.35 ? 10  LEU A O   1 
ATOM   76   C  CB  . LEU A 1 10  ? -8.303  8.890   3.336   1.00 20.55 ? 10  LEU A CB  1 
ATOM   77   C  CG  . LEU A 1 10  ? -9.030  10.037  4.042   1.00 19.19 ? 10  LEU A CG  1 
ATOM   78   C  CD1 . LEU A 1 10  ? -8.372  10.329  5.390   1.00 17.90 ? 10  LEU A CD1 1 
ATOM   79   C  CD2 . LEU A 1 10  ? -8.991  11.272  3.158   1.00 17.69 ? 10  LEU A CD2 1 
ATOM   80   N  N   . GLU A 1 11  ? -10.337 6.487   3.501   1.00 23.01 ? 11  GLU A N   1 
ATOM   81   C  CA  . GLU A 1 11  ? -11.683 5.989   3.797   1.00 22.31 ? 11  GLU A CA  1 
ATOM   82   C  C   . GLU A 1 11  ? -11.551 4.846   4.786   1.00 22.50 ? 11  GLU A C   1 
ATOM   83   O  O   . GLU A 1 11  ? -12.257 4.762   5.784   1.00 21.99 ? 11  GLU A O   1 
ATOM   84   C  CB  . GLU A 1 11  ? -12.350 5.439   2.534   1.00 21.92 ? 11  GLU A CB  1 
ATOM   85   C  CG  . GLU A 1 11  ? -12.303 6.348   1.319   1.00 21.82 ? 11  GLU A CG  1 
ATOM   86   C  CD  . GLU A 1 11  ? -12.991 5.741   0.111   1.00 22.04 ? 11  GLU A CD  1 
ATOM   87   O  OE1 . GLU A 1 11  ? -12.785 4.538   -0.170  1.00 20.37 ? 11  GLU A OE1 1 
ATOM   88   O  OE2 . GLU A 1 11  ? -13.737 6.474   -0.563  1.00 24.56 ? 11  GLU A OE2 1 
ATOM   89   N  N   . GLU A 1 12  ? -10.608 3.970   4.476   1.00 23.36 ? 12  GLU A N   1 
ATOM   90   C  CA  . GLU A 1 12  ? -10.328 2.784   5.262   1.00 22.38 ? 12  GLU A CA  1 
ATOM   91   C  C   . GLU A 1 12  ? -9.787  3.037   6.671   1.00 23.15 ? 12  GLU A C   1 
ATOM   92   O  O   . GLU A 1 12  ? -10.355 2.558   7.637   1.00 24.38 ? 12  GLU A O   1 
ATOM   93   C  CB  . GLU A 1 12  ? -9.359  1.896   4.477   1.00 19.35 ? 12  GLU A CB  1 
ATOM   94   C  CG  . GLU A 1 12  ? -9.610  0.412   4.634   1.00 17.46 ? 12  GLU A CG  1 
ATOM   95   C  CD  . GLU A 1 12  ? -10.958 -0.030  4.095   1.00 14.26 ? 12  GLU A CD  1 
ATOM   96   O  OE1 . GLU A 1 12  ? -11.490 -1.025  4.618   1.00 12.93 ? 12  GLU A OE1 1 
ATOM   97   O  OE2 . GLU A 1 12  ? -11.481 0.592   3.147   1.00 14.85 ? 12  GLU A OE2 1 
ATOM   98   N  N   . THR A 1 13  ? -8.716  3.808   6.792   1.00 24.91 ? 13  THR A N   1 
ATOM   99   C  CA  . THR A 1 13  ? -8.102  4.056   8.095   1.00 25.75 ? 13  THR A CA  1 
ATOM   100  C  C   . THR A 1 13  ? -8.338  5.421   8.737   1.00 26.53 ? 13  THR A C   1 
ATOM   101  O  O   . THR A 1 13  ? -8.012  5.618   9.906   1.00 26.15 ? 13  THR A O   1 
ATOM   102  C  CB  . THR A 1 13  ? -6.580  3.867   7.997   1.00 26.55 ? 13  THR A CB  1 
ATOM   103  O  OG1 . THR A 1 13  ? -5.978  5.094   7.565   1.00 28.07 ? 13  THR A OG1 1 
ATOM   104  C  CG2 . THR A 1 13  ? -6.240  2.789   6.974   1.00 26.62 ? 13  THR A CG2 1 
ATOM   105  N  N   . GLY A 1 14  ? -8.898  6.364   7.990   1.00 27.77 ? 14  GLY A N   1 
ATOM   106  C  CA  . GLY A 1 14  ? -9.097  7.688   8.551   1.00 29.60 ? 14  GLY A CA  1 
ATOM   107  C  C   . GLY A 1 14  ? -7.839  8.514   8.660   1.00 31.26 ? 14  GLY A C   1 
ATOM   108  O  O   . GLY A 1 14  ? -7.898  9.676   9.037   1.00 32.96 ? 14  GLY A O   1 
ATOM   109  N  N   . LYS A 1 15  ? -6.706  7.927   8.254   1.00 31.50 ? 16  LYS A N   1 
ATOM   110  C  CA  . LYS A 1 15  ? -5.376  8.569   8.240   1.00 31.37 ? 16  LYS A CA  1 
ATOM   111  C  C   . LYS A 1 15  ? -4.985  8.925   6.787   1.00 30.09 ? 16  LYS A C   1 
ATOM   112  O  O   . LYS A 1 15  ? -5.357  8.211   5.862   1.00 29.77 ? 16  LYS A O   1 
ATOM   113  C  CB  . LYS A 1 15  ? -4.278  7.614   8.758   1.00 32.77 ? 16  LYS A CB  1 
ATOM   114  C  CG  . LYS A 1 15  ? -4.144  7.480   10.260  1.00 36.06 ? 16  LYS A CG  1 
ATOM   115  C  CD  . LYS A 1 15  ? -3.489  6.139   10.614  1.00 39.06 ? 16  LYS A CD  1 
ATOM   116  C  CE  . LYS A 1 15  ? -2.671  6.202   11.901  1.00 41.75 ? 16  LYS A CE  1 
ATOM   117  N  NZ  . LYS A 1 15  ? -3.238  7.168   12.898  1.00 45.16 ? 16  LYS A NZ  1 
ATOM   118  N  N   . LEU A 1 16  ? -4.229  10.004  6.576   1.00 28.35 ? 17  LEU A N   1 
ATOM   119  C  CA  . LEU A 1 16  ? -3.829  10.395  5.215   1.00 28.01 ? 17  LEU A CA  1 
ATOM   120  C  C   . LEU A 1 16  ? -2.588  9.642   4.721   1.00 27.45 ? 17  LEU A C   1 
ATOM   121  O  O   . LEU A 1 16  ? -1.559  9.620   5.394   1.00 27.87 ? 17  LEU A O   1 
ATOM   122  C  CB  . LEU A 1 16  ? -3.593  11.914  5.160   1.00 27.30 ? 17  LEU A CB  1 
ATOM   123  C  CG  . LEU A 1 16  ? -4.875  12.737  5.356   1.00 28.51 ? 17  LEU A CG  1 
ATOM   124  C  CD1 . LEU A 1 16  ? -4.623  13.849  6.348   1.00 29.27 ? 17  LEU A CD1 1 
ATOM   125  C  CD2 . LEU A 1 16  ? -5.359  13.293  4.019   1.00 27.98 ? 17  LEU A CD2 1 
ATOM   126  N  N   . ALA A 1 17  ? -2.695  9.028   3.542   1.00 27.07 ? 18  ALA A N   1 
ATOM   127  C  CA  . ALA A 1 17  ? -1.582  8.277   2.961   1.00 27.19 ? 18  ALA A CA  1 
ATOM   128  C  C   . ALA A 1 17  ? -0.287  9.070   3.111   1.00 27.24 ? 18  ALA A C   1 
ATOM   129  O  O   . ALA A 1 17  ? 0.713   8.550   3.593   1.00 28.14 ? 18  ALA A O   1 
ATOM   130  C  CB  . ALA A 1 17  ? -1.857  7.983   1.500   1.00 28.50 ? 18  ALA A CB  1 
ATOM   131  N  N   . ILE A 1 18  ? -0.289  10.317  2.657   1.00 28.33 ? 19  ILE A N   1 
ATOM   132  C  CA  . ILE A 1 18  ? 0.877   11.180  2.835   1.00 31.49 ? 19  ILE A CA  1 
ATOM   133  C  C   . ILE A 1 18  ? 0.335   12.023  4.002   1.00 31.60 ? 19  ILE A C   1 
ATOM   134  O  O   . ILE A 1 18  ? -0.684  12.704  3.856   1.00 33.07 ? 19  ILE A O   1 
ATOM   135  C  CB  . ILE A 1 18  ? 1.113   12.126  1.638   1.00 30.23 ? 19  ILE A CB  1 
ATOM   136  C  CG1 . ILE A 1 18  ? 1.423   11.330  0.382   1.00 29.20 ? 19  ILE A CG1 1 
ATOM   137  C  CG2 . ILE A 1 18  ? 2.291   13.045  1.928   1.00 30.85 ? 19  ILE A CG2 1 
ATOM   138  C  CD1 . ILE A 1 18  ? 1.191   12.132  -0.883  1.00 31.19 ? 19  ILE A CD1 1 
ATOM   139  N  N   . PRO A 1 19  ? 1.038   12.051  5.145   1.00 30.80 ? 20  PRO A N   1 
ATOM   140  C  CA  . PRO A 1 19  ? 2.307   11.418  5.509   1.00 31.54 ? 20  PRO A CA  1 
ATOM   141  C  C   . PRO A 1 19  ? 2.235   10.199  6.437   1.00 31.04 ? 20  PRO A C   1 
ATOM   142  O  O   . PRO A 1 19  ? 3.272   9.727   6.891   1.00 33.43 ? 20  PRO A O   1 
ATOM   143  C  CB  . PRO A 1 19  ? 2.997   12.539  6.238   1.00 32.09 ? 20  PRO A CB  1 
ATOM   144  C  CG  . PRO A 1 19  ? 1.748   13.270  6.809   1.00 31.98 ? 20  PRO A CG  1 
ATOM   145  C  CD  . PRO A 1 19  ? 0.679   13.169  5.705   1.00 31.52 ? 20  PRO A CD  1 
ATOM   146  N  N   . SER A 1 20  ? 1.051   9.714   6.781   1.00 29.42 ? 21  SER A N   1 
ATOM   147  C  CA  . SER A 1 20  ? 0.985   8.581   7.693   1.00 28.92 ? 21  SER A CA  1 
ATOM   148  C  C   . SER A 1 20  ? 1.590   7.315   7.114   1.00 29.20 ? 21  SER A C   1 
ATOM   149  O  O   . SER A 1 20  ? 2.104   6.474   7.848   1.00 29.17 ? 21  SER A O   1 
ATOM   150  C  CB  . SER A 1 20  ? -0.467  8.305   8.077   1.00 30.11 ? 21  SER A CB  1 
ATOM   151  O  OG  . SER A 1 20  ? -1.021  9.413   8.763   1.00 31.94 ? 21  SER A OG  1 
ATOM   152  N  N   . TYR A 1 21  ? 1.552   7.205   5.791   1.00 29.39 ? 22  TYR A N   1 
ATOM   153  C  CA  . TYR A 1 21  ? 2.029   6.014   5.100   1.00 29.29 ? 22  TYR A CA  1 
ATOM   154  C  C   . TYR A 1 21  ? 3.124   6.154   4.048   1.00 31.39 ? 22  TYR A C   1 
ATOM   155  O  O   . TYR A 1 21  ? 3.675   5.146   3.593   1.00 33.17 ? 22  TYR A O   1 
ATOM   156  C  CB  . TYR A 1 21  ? 0.827   5.325   4.463   1.00 25.26 ? 22  TYR A CB  1 
ATOM   157  C  CG  . TYR A 1 21  ? -0.105  4.713   5.475   1.00 21.85 ? 22  TYR A CG  1 
ATOM   158  C  CD1 . TYR A 1 21  ? 0.268   3.574   6.184   1.00 22.32 ? 22  TYR A CD1 1 
ATOM   159  C  CD2 . TYR A 1 21  ? -1.354  5.260   5.727   1.00 19.37 ? 22  TYR A CD2 1 
ATOM   160  C  CE1 . TYR A 1 21  ? -0.580  2.992   7.115   1.00 19.16 ? 22  TYR A CE1 1 
ATOM   161  C  CE2 . TYR A 1 21  ? -2.207  4.688   6.655   1.00 18.39 ? 22  TYR A CE2 1 
ATOM   162  C  CZ  . TYR A 1 21  ? -1.813  3.553   7.343   1.00 18.70 ? 22  TYR A CZ  1 
ATOM   163  O  OH  . TYR A 1 21  ? -2.655  2.978   8.264   1.00 19.17 ? 22  TYR A OH  1 
ATOM   164  N  N   . SER A 1 22  ? 3.439   7.378   3.644   1.00 31.53 ? 23  SER A N   1 
ATOM   165  C  CA  . SER A 1 22  ? 4.468   7.564   2.631   1.00 31.35 ? 23  SER A CA  1 
ATOM   166  C  C   . SER A 1 22  ? 5.878   7.325   3.154   1.00 31.61 ? 23  SER A C   1 
ATOM   167  O  O   . SER A 1 22  ? 6.791   7.065   2.373   1.00 33.24 ? 23  SER A O   1 
ATOM   168  C  CB  . SER A 1 22  ? 4.357   8.955   2.017   1.00 30.40 ? 23  SER A CB  1 
ATOM   169  O  OG  . SER A 1 22  ? 3.847   9.873   2.965   1.00 34.97 ? 23  SER A OG  1 
ATOM   170  N  N   . SER A 1 23  ? 6.078   7.394   4.465   1.00 31.64 ? 24  SER A N   1 
ATOM   171  C  CA  . SER A 1 23  ? 7.421   7.141   4.972   1.00 32.16 ? 24  SER A CA  1 
ATOM   172  C  C   . SER A 1 23  ? 7.600   6.074   6.044   1.00 29.98 ? 24  SER A C   1 
ATOM   173  O  O   . SER A 1 23  ? 8.710   5.796   6.498   1.00 29.35 ? 24  SER A O   1 
ATOM   174  C  CB  . SER A 1 23  ? 8.185   8.457   5.160   1.00 33.43 ? 24  SER A CB  1 
ATOM   175  O  OG  . SER A 1 23  ? 8.045   8.962   6.474   1.00 38.10 ? 24  SER A OG  1 
ATOM   176  N  N   . TYR A 1 24  ? 6.484   5.470   6.433   1.00 28.60 ? 25  TYR A N   1 
ATOM   177  C  CA  . TYR A 1 24  ? 6.479   4.409   7.432   1.00 26.57 ? 25  TYR A CA  1 
ATOM   178  C  C   . TYR A 1 24  ? 7.446   3.240   7.215   1.00 25.35 ? 25  TYR A C   1 
ATOM   179  O  O   . TYR A 1 24  ? 7.686   2.823   6.086   1.00 26.39 ? 25  TYR A O   1 
ATOM   180  C  CB  . TYR A 1 24  ? 5.043   3.884   7.562   1.00 24.59 ? 25  TYR A CB  1 
ATOM   181  C  CG  . TYR A 1 24  ? 4.775   3.135   8.845   1.00 22.44 ? 25  TYR A CG  1 
ATOM   182  C  CD1 . TYR A 1 24  ? 5.098   1.782   8.972   1.00 24.06 ? 25  TYR A CD1 1 
ATOM   183  C  CD2 . TYR A 1 24  ? 4.221   3.784   9.942   1.00 21.77 ? 25  TYR A CD2 1 
ATOM   184  C  CE1 . TYR A 1 24  ? 4.871   1.096   10.168  1.00 23.55 ? 25  TYR A CE1 1 
ATOM   185  C  CE2 . TYR A 1 24  ? 3.994   3.111   11.138  1.00 23.20 ? 25  TYR A CE2 1 
ATOM   186  C  CZ  . TYR A 1 24  ? 4.323   1.768   11.243  1.00 23.69 ? 25  TYR A CZ  1 
ATOM   187  O  OH  . TYR A 1 24  ? 4.106   1.106   12.423  1.00 23.87 ? 25  TYR A OH  1 
ATOM   188  N  N   . GLY A 1 25  ? 8.011   2.736   8.305   1.00 24.41 ? 26  GLY A N   1 
ATOM   189  C  CA  . GLY A 1 25  ? 8.933   1.617   8.244   1.00 23.42 ? 26  GLY A CA  1 
ATOM   190  C  C   . GLY A 1 25  ? 9.895   1.538   7.082   1.00 24.82 ? 26  GLY A C   1 
ATOM   191  O  O   . GLY A 1 25  ? 10.351  2.551   6.560   1.00 25.06 ? 26  GLY A O   1 
ATOM   192  N  N   . CYS A 1 26  ? 10.210  0.310   6.684   1.00 25.73 ? 27  CYS A N   1 
ATOM   193  C  CA  . CYS A 1 26  ? 11.130  0.069   5.585   1.00 25.81 ? 27  CYS A CA  1 
ATOM   194  C  C   . CYS A 1 26  ? 10.483  0.024   4.213   1.00 25.51 ? 27  CYS A C   1 
ATOM   195  O  O   . CYS A 1 26  ? 11.117  0.388   3.229   1.00 27.10 ? 27  CYS A O   1 
ATOM   196  C  CB  . CYS A 1 26  ? 11.900  -1.235  5.805   1.00 26.96 ? 27  CYS A CB  1 
ATOM   197  S  SG  . CYS A 1 26  ? 13.002  -1.188  7.255   1.00 32.59 ? 27  CYS A SG  1 
ATOM   198  N  N   . TYR A 1 27  ? 9.225   -0.395  4.133   1.00 24.97 ? 28  TYR A N   1 
ATOM   199  C  CA  . TYR A 1 27  ? 8.588   -0.501  2.834   1.00 23.56 ? 28  TYR A CA  1 
ATOM   200  C  C   . TYR A 1 27  ? 7.514   0.488   2.426   1.00 25.54 ? 28  TYR A C   1 
ATOM   201  O  O   . TYR A 1 27  ? 7.318   0.719   1.236   1.00 27.49 ? 28  TYR A O   1 
ATOM   202  C  CB  . TYR A 1 27  ? 8.073   -1.915  2.652   1.00 19.71 ? 28  TYR A CB  1 
ATOM   203  C  CG  . TYR A 1 27  ? 9.202   -2.874  2.446   1.00 16.74 ? 28  TYR A CG  1 
ATOM   204  C  CD1 . TYR A 1 27  ? 9.924   -3.384  3.522   1.00 18.01 ? 28  TYR A CD1 1 
ATOM   205  C  CD2 . TYR A 1 27  ? 9.613   -3.202  1.169   1.00 16.97 ? 28  TYR A CD2 1 
ATOM   206  C  CE1 . TYR A 1 27  ? 11.039  -4.200  3.319   1.00 17.23 ? 28  TYR A CE1 1 
ATOM   207  C  CE2 . TYR A 1 27  ? 10.721  -4.008  0.952   1.00 17.71 ? 28  TYR A CE2 1 
ATOM   208  C  CZ  . TYR A 1 27  ? 11.431  -4.506  2.025   1.00 15.75 ? 28  TYR A CZ  1 
ATOM   209  O  OH  . TYR A 1 27  ? 12.524  -5.308  1.782   1.00 13.47 ? 28  TYR A OH  1 
ATOM   210  N  N   . CYS A 1 28  ? 6.825   1.085   3.386   1.00 27.51 ? 29  CYS A N   1 
ATOM   211  C  CA  . CYS A 1 28  ? 5.785   2.036   3.040   1.00 29.87 ? 29  CYS A CA  1 
ATOM   212  C  C   . CYS A 1 28  ? 6.412   3.252   2.368   1.00 34.14 ? 29  CYS A C   1 
ATOM   213  O  O   . CYS A 1 28  ? 7.197   3.977   2.981   1.00 34.86 ? 29  CYS A O   1 
ATOM   214  C  CB  . CYS A 1 28  ? 4.984   2.414   4.282   1.00 27.41 ? 29  CYS A CB  1 
ATOM   215  S  SG  . CYS A 1 28  ? 4.104   1.002   5.015   1.00 25.60 ? 29  CYS A SG  1 
ATOM   216  N  N   . GLY A 1 29  ? 6.081   3.456   1.097   1.00 38.84 ? 30  GLY A N   1 
ATOM   217  C  CA  . GLY A 1 29  ? 6.560   4.618   0.391   1.00 44.17 ? 30  GLY A CA  1 
ATOM   218  C  C   . GLY A 1 29  ? 7.821   4.460   -0.413  1.00 48.80 ? 30  GLY A C   1 
ATOM   219  O  O   . GLY A 1 29  ? 7.815   4.684   -1.637  1.00 49.48 ? 30  GLY A O   1 
ATOM   220  N  N   . TRP A 1 30  ? 8.926   4.114   0.226   1.00 53.56 ? 31  TRP A N   1 
ATOM   221  C  CA  . TRP A 1 30  ? 10.174  4.000   -0.529  1.00 57.40 ? 31  TRP A CA  1 
ATOM   222  C  C   . TRP A 1 30  ? 10.380  2.673   -1.240  1.00 56.00 ? 31  TRP A C   1 
ATOM   223  O  O   . TRP A 1 30  ? 10.704  2.631   -2.423  1.00 55.22 ? 31  TRP A O   1 
ATOM   224  C  CB  . TRP A 1 30  ? 11.416  4.339   0.320   1.00 62.92 ? 31  TRP A CB  1 
ATOM   225  C  CG  . TRP A 1 30  ? 12.273  5.296   -0.397  1.00 71.76 ? 31  TRP A CG  1 
ATOM   226  C  CD1 . TRP A 1 30  ? 11.871  6.417   -1.059  1.00 73.82 ? 31  TRP A CD1 1 
ATOM   227  C  CD2 . TRP A 1 30  ? 13.709  5.252   -0.534  1.00 75.95 ? 31  TRP A CD2 1 
ATOM   228  N  NE1 . TRP A 1 30  ? 12.941  7.071   -1.588  1.00 76.83 ? 31  TRP A NE1 1 
ATOM   229  C  CE2 . TRP A 1 30  ? 14.086  6.392   -1.291  1.00 76.59 ? 31  TRP A CE2 1 
ATOM   230  C  CE3 . TRP A 1 30  ? 14.693  4.359   -0.095  1.00 77.02 ? 31  TRP A CE3 1 
ATOM   231  C  CZ2 . TRP A 1 30  ? 15.427  6.654   -1.616  1.00 77.95 ? 31  TRP A CZ2 1 
ATOM   232  C  CZ3 . TRP A 1 30  ? 16.049  4.622   -0.421  1.00 78.33 ? 31  TRP A CZ3 1 
ATOM   233  C  CH2 . TRP A 1 30  ? 16.395  5.754   -1.170  1.00 78.41 ? 31  TRP A CH2 1 
ATOM   234  N  N   . GLY A 1 31  ? 10.196  1.575   -0.517  1.00 54.39 ? 32  GLY A N   1 
ATOM   235  C  CA  . GLY A 1 31  ? 10.381  0.259   -1.099  1.00 50.86 ? 32  GLY A CA  1 
ATOM   236  C  C   . GLY A 1 31  ? 11.752  -0.315  -0.797  1.00 48.63 ? 32  GLY A C   1 
ATOM   237  O  O   . GLY A 1 31  ? 11.983  -0.830  0.296   1.00 48.16 ? 32  GLY A O   1 
ATOM   238  N  N   . GLY A 1 32  ? 12.656  -0.253  -1.768  1.00 48.00 ? 33  GLY A N   1 
ATOM   239  C  CA  . GLY A 1 32  ? 14.009  -0.753  -1.585  1.00 47.38 ? 33  GLY A CA  1 
ATOM   240  C  C   . GLY A 1 32  ? 14.149  -2.020  -0.755  1.00 46.63 ? 33  GLY A C   1 
ATOM   241  O  O   . GLY A 1 32  ? 13.551  -3.051  -1.063  1.00 47.48 ? 33  GLY A O   1 
ATOM   242  N  N   . LYS A 1 33  ? 14.945  -1.962  0.312   1.00 45.61 ? 34  LYS A N   1 
ATOM   243  C  CA  . LYS A 1 33  ? 15.292  -3.177  1.065   1.00 43.48 ? 34  LYS A CA  1 
ATOM   244  C  C   . LYS A 1 33  ? 14.938  -3.208  2.562   1.00 40.96 ? 34  LYS A C   1 
ATOM   245  O  O   . LYS A 1 33  ? 14.247  -2.328  3.076   1.00 41.26 ? 34  LYS A O   1 
ATOM   246  C  CB  . LYS A 1 33  ? 16.779  -3.498  0.884   1.00 45.69 ? 34  LYS A CB  1 
ATOM   247  C  CG  . LYS A 1 33  ? 17.707  -2.332  1.186   1.00 46.29 ? 34  LYS A CG  1 
ATOM   248  C  CD  . LYS A 1 33  ? 19.065  -2.522  0.530   1.00 50.11 ? 34  LYS A CD  1 
ATOM   249  C  CE  . LYS A 1 33  ? 19.080  -1.957  -0.880  1.00 50.50 ? 34  LYS A CE  1 
ATOM   250  N  NZ  . LYS A 1 33  ? 20.370  -2.228  -1.573  1.00 52.24 ? 34  LYS A NZ  1 
ATOM   251  N  N   . GLY A 1 34  ? 15.431  -4.248  3.238   1.00 37.83 ? 35  GLY A N   1 
ATOM   252  C  CA  . GLY A 1 34  ? 15.180  -4.502  4.642   1.00 35.34 ? 35  GLY A CA  1 
ATOM   253  C  C   . GLY A 1 34  ? 14.190  -5.584  5.028   1.00 33.47 ? 35  GLY A C   1 
ATOM   254  O  O   . GLY A 1 34  ? 13.740  -6.383  4.206   1.00 34.67 ? 35  GLY A O   1 
ATOM   255  N  N   . THR A 1 35  ? 13.884  -5.600  6.322   1.00 30.04 ? 36  THR A N   1 
ATOM   256  C  CA  . THR A 1 35  ? 12.944  -6.527  6.941   1.00 27.10 ? 36  THR A CA  1 
ATOM   257  C  C   . THR A 1 35  ? 11.807  -5.640  7.423   1.00 25.92 ? 36  THR A C   1 
ATOM   258  O  O   . THR A 1 35  ? 12.046  -4.703  8.182   1.00 27.50 ? 36  THR A O   1 
ATOM   259  C  CB  . THR A 1 35  ? 13.547  -7.188  8.192   1.00 27.28 ? 36  THR A CB  1 
ATOM   260  O  OG1 . THR A 1 35  ? 14.441  -8.238  7.810   1.00 26.84 ? 36  THR A OG1 1 
ATOM   261  C  CG2 . THR A 1 35  ? 12.442  -7.732  9.089   1.00 27.97 ? 36  THR A CG2 1 
ATOM   262  N  N   . PRO A 1 36  ? 10.563  -5.908  6.991   1.00 23.82 ? 37  PRO A N   1 
ATOM   263  C  CA  . PRO A 1 36  ? 9.455   -5.065  7.447   1.00 23.16 ? 37  PRO A CA  1 
ATOM   264  C  C   . PRO A 1 36  ? 9.463   -4.979  8.969   1.00 21.87 ? 37  PRO A C   1 
ATOM   265  O  O   . PRO A 1 36  ? 9.492   -5.989  9.660   1.00 22.95 ? 37  PRO A O   1 
ATOM   266  C  CB  . PRO A 1 36  ? 8.226   -5.792  6.911   1.00 21.25 ? 37  PRO A CB  1 
ATOM   267  C  CG  . PRO A 1 36  ? 8.722   -6.362  5.642   1.00 21.17 ? 37  PRO A CG  1 
ATOM   268  C  CD  . PRO A 1 36  ? 10.090  -6.903  6.015   1.00 23.05 ? 37  PRO A CD  1 
ATOM   269  N  N   . LYS A 1 37  ? 9.433   -3.765  9.491   1.00 21.16 ? 38  LYS A N   1 
ATOM   270  C  CA  . LYS A 1 37  ? 9.452   -3.563  10.925  1.00 21.95 ? 38  LYS A CA  1 
ATOM   271  C  C   . LYS A 1 37  ? 8.180   -4.093  11.574  1.00 22.59 ? 38  LYS A C   1 
ATOM   272  O  O   . LYS A 1 37  ? 8.238   -4.628  12.704  1.00 23.81 ? 38  LYS A O   1 
ATOM   273  C  CB  . LYS A 1 37  ? 9.657   -2.082  11.221  1.00 22.31 ? 38  LYS A CB  1 
ATOM   274  C  CG  . LYS A 1 37  ? 10.782  -1.422  10.418  1.00 22.45 ? 38  LYS A CG  1 
ATOM   275  C  CD  . LYS A 1 37  ? 12.122  -1.453  11.146  1.00 24.80 ? 38  LYS A CD  1 
ATOM   276  C  CE  . LYS A 1 37  ? 12.742  -2.836  11.196  1.00 25.01 ? 38  LYS A CE  1 
ATOM   277  N  NZ  . LYS A 1 37  ? 13.607  -2.967  12.399  1.00 26.95 ? 38  LYS A NZ  1 
ATOM   278  N  N   . ASP A 1 38  ? 7.028   -3.985  10.929  1.00 20.84 ? 39  ASP A N   1 
ATOM   279  C  CA  . ASP A 1 38  ? 5.828   -4.520  11.559  1.00 20.52 ? 39  ASP A CA  1 
ATOM   280  C  C   . ASP A 1 38  ? 4.616   -4.696  10.589  1.00 22.36 ? 39  ASP A C   1 
ATOM   281  O  O   . ASP A 1 38  ? 4.712   -4.438  9.362   1.00 23.31 ? 39  ASP A O   1 
ATOM   282  C  CB  . ASP A 1 38  ? 5.336   -3.546  12.594  1.00 17.47 ? 39  ASP A CB  1 
ATOM   283  C  CG  . ASP A 1 38  ? 4.801   -2.247  11.944  1.00 16.59 ? 39  ASP A CG  1 
ATOM   284  O  OD1 . ASP A 1 38  ? 5.125   -2.036  10.718  1.00 19.90 ? 39  ASP A OD1 1 
ATOM   285  O  OD2 . ASP A 1 38  ? 4.080   -1.474  12.644  1.00 17.26 ? 39  ASP A OD2 1 
ATOM   286  N  N   . ALA A 1 39  ? 3.474   -5.125  11.142  1.00 23.06 ? 40  ALA A N   1 
ATOM   287  C  CA  . ALA A 1 39  ? 2.333   -5.539  10.331  1.00 23.40 ? 40  ALA A CA  1 
ATOM   288  C  C   . ALA A 1 39  ? 2.019   -4.560  9.209   1.00 22.77 ? 40  ALA A C   1 
ATOM   289  O  O   . ALA A 1 39  ? 1.784   -4.959  8.065   1.00 23.69 ? 40  ALA A O   1 
ATOM   290  C  CB  . ALA A 1 39  ? 1.109   -5.767  11.201  1.00 24.15 ? 40  ALA A CB  1 
ATOM   291  N  N   . THR A 1 40  ? 1.979   -3.273  9.537   1.00 22.87 ? 41  THR A N   1 
ATOM   292  C  CA  . THR A 1 40  ? 1.713   -2.257  8.519   1.00 22.13 ? 41  THR A CA  1 
ATOM   293  C  C   . THR A 1 40  ? 2.856   -2.267  7.513   1.00 21.89 ? 41  THR A C   1 
ATOM   294  O  O   . THR A 1 40  ? 2.635   -2.122  6.313   1.00 22.05 ? 41  THR A O   1 
ATOM   295  C  CB  . THR A 1 40  ? 1.630   -0.838  9.106   1.00 20.54 ? 41  THR A CB  1 
ATOM   296  O  OG1 . THR A 1 40  ? 0.438   -0.714  9.889   1.00 19.72 ? 41  THR A OG1 1 
ATOM   297  C  CG2 . THR A 1 40  ? 1.611   0.201   7.978   1.00 19.72 ? 41  THR A CG2 1 
ATOM   298  N  N   . ASP A 1 41  ? 4.077   -2.447  8.008   1.00 21.28 ? 42  ASP A N   1 
ATOM   299  C  CA  . ASP A 1 41  ? 5.234   -2.467  7.139   1.00 22.20 ? 42  ASP A CA  1 
ATOM   300  C  C   . ASP A 1 41  ? 5.133   -3.681  6.236   1.00 22.89 ? 42  ASP A C   1 
ATOM   301  O  O   . ASP A 1 41  ? 5.555   -3.637  5.081   1.00 23.51 ? 42  ASP A O   1 
ATOM   302  C  CB  . ASP A 1 41  ? 6.524   -2.507  7.960   1.00 23.25 ? 42  ASP A CB  1 
ATOM   303  C  CG  . ASP A 1 41  ? 7.707   -1.920  7.209   1.00 23.85 ? 42  ASP A CG  1 
ATOM   304  O  OD1 . ASP A 1 41  ? 7.499   -1.342  6.125   1.00 22.47 ? 42  ASP A OD1 1 
ATOM   305  O  OD2 . ASP A 1 41  ? 8.846   -2.027  7.702   1.00 26.69 ? 42  ASP A OD2 1 
ATOM   306  N  N   . ARG A 1 42  ? 4.574   -4.769  6.757   1.00 23.50 ? 43  ARG A N   1 
ATOM   307  C  CA  . ARG A 1 42  ? 4.418   -5.965  5.938   1.00 23.72 ? 43  ARG A CA  1 
ATOM   308  C  C   . ARG A 1 42  ? 3.359   -5.678  4.877   1.00 20.59 ? 43  ARG A C   1 
ATOM   309  O  O   . ARG A 1 42  ? 3.463   -6.131  3.744   1.00 19.38 ? 43  ARG A O   1 
ATOM   310  C  CB  . ARG A 1 42  ? 4.020   -7.192  6.787   1.00 26.49 ? 43  ARG A CB  1 
ATOM   311  C  CG  . ARG A 1 42  ? 5.222   -7.958  7.378   1.00 31.80 ? 43  ARG A CG  1 
ATOM   312  C  CD  . ARG A 1 42  ? 4.842   -9.320  7.985   1.00 36.91 ? 43  ARG A CD  1 
ATOM   313  N  NE  . ARG A 1 42  ? 4.046   -9.226  9.213   1.00 41.35 ? 43  ARG A NE  1 
ATOM   314  C  CZ  . ARG A 1 42  ? 4.527   -8.895  10.409  1.00 43.59 ? 43  ARG A CZ  1 
ATOM   315  N  NH1 . ARG A 1 42  ? 5.814   -8.620  10.565  1.00 45.04 ? 43  ARG A NH1 1 
ATOM   316  N  NH2 . ARG A 1 42  ? 3.719   -8.846  11.459  1.00 45.22 ? 43  ARG A NH2 1 
ATOM   317  N  N   . CYS A 1 43  ? 2.345   -4.907  5.241   1.00 19.09 ? 44  CYS A N   1 
ATOM   318  C  CA  . CYS A 1 43  ? 1.300   -4.588  4.289   1.00 18.70 ? 44  CYS A CA  1 
ATOM   319  C  C   . CYS A 1 43  ? 1.926   -3.879  3.103   1.00 18.42 ? 44  CYS A C   1 
ATOM   320  O  O   . CYS A 1 43  ? 1.521   -4.078  1.962   1.00 18.14 ? 44  CYS A O   1 
ATOM   321  C  CB  . CYS A 1 43  ? 0.260   -3.680  4.922   1.00 20.22 ? 44  CYS A CB  1 
ATOM   322  S  SG  . CYS A 1 43  ? -0.705  -4.387  6.291   1.00 22.82 ? 44  CYS A SG  1 
ATOM   323  N  N   . CYS A 1 44  ? 2.918   -3.043  3.371   1.00 20.06 ? 45  CYS A N   1 
ATOM   324  C  CA  . CYS A 1 44  ? 3.572   -2.316  2.294   1.00 21.35 ? 45  CYS A CA  1 
ATOM   325  C  C   . CYS A 1 44  ? 4.489   -3.218  1.501   1.00 21.13 ? 45  CYS A C   1 
ATOM   326  O  O   . CYS A 1 44  ? 4.607   -3.075  0.286   1.00 21.22 ? 45  CYS A O   1 
ATOM   327  C  CB  . CYS A 1 44  ? 4.341   -1.113  2.842   1.00 21.76 ? 45  CYS A CB  1 
ATOM   328  S  SG  . CYS A 1 44  ? 3.177   0.161   3.421   1.00 25.60 ? 45  CYS A SG  1 
ATOM   329  N  N   . PHE A 1 45  ? 5.125   -4.155  2.195   1.00 21.66 ? 46  PHE A N   1 
ATOM   330  C  CA  . PHE A 1 45  ? 6.018   -5.090  1.540   1.00 21.40 ? 46  PHE A CA  1 
ATOM   331  C  C   . PHE A 1 45  ? 5.216   -5.912  0.542   1.00 20.92 ? 46  PHE A C   1 
ATOM   332  O  O   . PHE A 1 45  ? 5.555   -5.942  -0.637  1.00 20.98 ? 46  PHE A O   1 
ATOM   333  C  CB  . PHE A 1 45  ? 6.671   -6.015  2.563   1.00 23.75 ? 46  PHE A CB  1 
ATOM   334  C  CG  . PHE A 1 45  ? 7.509   -7.094  1.942   1.00 25.53 ? 46  PHE A CG  1 
ATOM   335  C  CD1 . PHE A 1 45  ? 8.681   -6.781  1.267   1.00 25.35 ? 46  PHE A CD1 1 
ATOM   336  C  CD2 . PHE A 1 45  ? 7.103   -8.421  2.001   1.00 25.72 ? 46  PHE A CD2 1 
ATOM   337  C  CE1 . PHE A 1 45  ? 9.436   -7.773  0.657   1.00 26.57 ? 46  PHE A CE1 1 
ATOM   338  C  CE2 . PHE A 1 45  ? 7.852   -9.424  1.395   1.00 27.62 ? 46  PHE A CE2 1 
ATOM   339  C  CZ  . PHE A 1 45  ? 9.022   -9.101  0.720   1.00 27.14 ? 46  PHE A CZ  1 
ATOM   340  N  N   . VAL A 1 46  ? 4.156   -6.572  1.017   1.00 20.71 ? 47  VAL A N   1 
ATOM   341  C  CA  . VAL A 1 46  ? 3.300   -7.386  0.156   1.00 20.12 ? 47  VAL A CA  1 
ATOM   342  C  C   . VAL A 1 46  ? 2.686   -6.521  -0.943  1.00 21.43 ? 47  VAL A C   1 
ATOM   343  O  O   . VAL A 1 46  ? 2.305   -7.036  -1.993  1.00 23.60 ? 47  VAL A O   1 
ATOM   344  C  CB  . VAL A 1 46  ? 2.141   -8.052  0.938   1.00 19.85 ? 47  VAL A CB  1 
ATOM   345  C  CG1 . VAL A 1 46  ? 1.249   -8.808  -0.017  1.00 19.15 ? 47  VAL A CG1 1 
ATOM   346  C  CG2 . VAL A 1 46  ? 2.682   -9.005  1.979   1.00 19.92 ? 47  VAL A CG2 1 
ATOM   347  N  N   . HIS A 1 47  ? 2.591   -5.220  -0.690  1.00 21.43 ? 48  HIS A N   1 
ATOM   348  C  CA  . HIS A 1 47  ? 2.068   -4.291  -1.672  1.00 21.34 ? 48  HIS A CA  1 
ATOM   349  C  C   . HIS A 1 47  ? 3.098   -4.039  -2.731  1.00 21.06 ? 48  HIS A C   1 
ATOM   350  O  O   . HIS A 1 47  ? 2.824   -4.189  -3.941  1.00 22.48 ? 48  HIS A O   1 
ATOM   351  C  CB  . HIS A 1 47  ? 1.666   -2.980  -1.008  1.00 21.41 ? 48  HIS A CB  1 
ATOM   352  C  CG  . HIS A 1 47  ? 0.897   -2.049  -1.915  1.00 20.64 ? 48  HIS A CG  1 
ATOM   353  N  ND1 . HIS A 1 47  ? 1.344   -0.822  -2.239  1.00 21.65 ? 48  HIS A ND1 1 
ATOM   354  C  CD2 . HIS A 1 47  ? -0.324  -2.207  -2.567  1.00 19.43 ? 48  HIS A CD2 1 
ATOM   355  C  CE1 . HIS A 1 47  ? 0.459   -0.223  -3.056  1.00 20.70 ? 48  HIS A CE1 1 
ATOM   356  N  NE2 . HIS A 1 47  ? -0.563  -1.071  -3.256  1.00 19.81 ? 48  HIS A NE2 1 
ATOM   357  N  N   . ASP A 1 48  ? 4.296   -3.662  -2.299  1.00 20.01 ? 49  ASP A N   1 
ATOM   358  C  CA  . ASP A 1 48  ? 5.411   -3.452  -3.214  1.00 21.10 ? 49  ASP A CA  1 
ATOM   359  C  C   . ASP A 1 48  ? 5.637   -4.733  -4.006  1.00 21.80 ? 49  ASP A C   1 
ATOM   360  O  O   . ASP A 1 48  ? 6.142   -4.711  -5.128  1.00 23.60 ? 49  ASP A O   1 
ATOM   361  C  CB  . ASP A 1 48  ? 6.677   -3.075  -2.443  1.00 19.18 ? 49  ASP A CB  1 
ATOM   362  C  CG  . ASP A 1 48  ? 6.608   -1.680  -1.855  1.00 18.98 ? 49  ASP A CG  1 
ATOM   363  O  OD1 . ASP A 1 48  ? 5.588   -0.991  -2.071  1.00 20.91 ? 49  ASP A OD1 1 
ATOM   364  O  OD2 . ASP A 1 48  ? 7.573   -1.271  -1.174  1.00 17.19 ? 49  ASP A OD2 1 
ATOM   365  N  N   . CYS A 1 49  ? 5.246   -5.847  -3.398  1.00 22.22 ? 50  CYS A N   1 
ATOM   366  C  CA  . CYS A 1 49  ? 5.320   -7.174  -4.025  1.00 23.81 ? 50  CYS A CA  1 
ATOM   367  C  C   . CYS A 1 49  ? 4.250   -7.360  -5.067  1.00 23.62 ? 50  CYS A C   1 
ATOM   368  O  O   . CYS A 1 49  ? 4.446   -8.040  -6.075  1.00 25.30 ? 50  CYS A O   1 
ATOM   369  C  CB  . CYS A 1 49  ? 5.150   -8.295  -2.998  1.00 25.06 ? 50  CYS A CB  1 
ATOM   370  S  SG  . CYS A 1 49  ? 6.640   -8.597  -2.016  1.00 28.33 ? 50  CYS A SG  1 
ATOM   371  N  N   . CYS A 1 50  ? 3.100   -6.771  -4.800  1.00 21.65 ? 51  CYS A N   1 
ATOM   372  C  CA  . CYS A 1 50  ? 1.987   -6.880  -5.706  1.00 21.52 ? 51  CYS A CA  1 
ATOM   373  C  C   . CYS A 1 50  ? 2.272   -6.112  -6.992  1.00 21.96 ? 51  CYS A C   1 
ATOM   374  O  O   . CYS A 1 50  ? 2.101   -6.648  -8.080  1.00 24.29 ? 51  CYS A O   1 
ATOM   375  C  CB  . CYS A 1 50  ? 0.760   -6.342  -5.021  1.00 20.50 ? 51  CYS A CB  1 
ATOM   376  S  SG  . CYS A 1 50  ? -0.810  -7.040  -5.586  1.00 19.89 ? 51  CYS A SG  1 
ATOM   377  N  N   . TYR A 1 51  ? 2.717   -4.864  -6.877  1.00 21.60 ? 52  TYR A N   1 
ATOM   378  C  CA  . TYR A 1 51  ? 3.023   -4.075  -8.064  1.00 20.10 ? 52  TYR A CA  1 
ATOM   379  C  C   . TYR A 1 51  ? 4.129   -4.746  -8.875  1.00 19.71 ? 52  TYR A C   1 
ATOM   380  O  O   . TYR A 1 51  ? 4.221   -4.553  -10.087 1.00 19.74 ? 52  TYR A O   1 
ATOM   381  C  CB  . TYR A 1 51  ? 3.463   -2.653  -7.682  1.00 19.43 ? 52  TYR A CB  1 
ATOM   382  C  CG  . TYR A 1 51  ? 2.352   -1.703  -7.263  1.00 19.31 ? 52  TYR A CG  1 
ATOM   383  C  CD1 . TYR A 1 51  ? 1.000   -2.060  -7.375  1.00 18.62 ? 52  TYR A CD1 1 
ATOM   384  C  CD2 . TYR A 1 51  ? 2.654   -0.433  -6.770  1.00 19.16 ? 52  TYR A CD2 1 
ATOM   385  C  CE1 . TYR A 1 51  ? -0.017  -1.175  -7.003  1.00 17.72 ? 52  TYR A CE1 1 
ATOM   386  C  CE2 . TYR A 1 51  ? 1.651   0.457   -6.397  1.00 19.81 ? 52  TYR A CE2 1 
ATOM   387  C  CZ  . TYR A 1 51  ? 0.320   0.081   -6.513  1.00 18.60 ? 52  TYR A CZ  1 
ATOM   388  O  OH  . TYR A 1 51  ? -0.652  0.964   -6.120  1.00 20.11 ? 52  TYR A OH  1 
ATOM   389  N  N   . GLY A 1 52  ? 4.951   -5.549  -8.203  1.00 19.51 ? 53  GLY A N   1 
ATOM   390  C  CA  . GLY A 1 52  ? 6.050   -6.231  -8.864  1.00 19.94 ? 53  GLY A CA  1 
ATOM   391  C  C   . GLY A 1 52  ? 5.672   -7.289  -9.883  1.00 21.30 ? 53  GLY A C   1 
ATOM   392  O  O   . GLY A 1 52  ? 6.482   -7.623  -10.749 1.00 22.26 ? 53  GLY A O   1 
ATOM   393  N  N   . ASN A 1 53  ? 4.457   -7.823  -9.783  1.00 22.79 ? 54  ASN A N   1 
ATOM   394  C  CA  . ASN A 1 53  ? 3.983   -8.846  -10.711 1.00 25.78 ? 54  ASN A CA  1 
ATOM   395  C  C   . ASN A 1 53  ? 3.438   -8.264  -12.008 1.00 27.63 ? 54  ASN A C   1 
ATOM   396  O  O   . ASN A 1 53  ? 3.145   -9.000  -12.953 1.00 30.56 ? 54  ASN A O   1 
ATOM   397  C  CB  . ASN A 1 53  ? 2.874   -9.691  -10.078 1.00 27.46 ? 54  ASN A CB  1 
ATOM   398  C  CG  . ASN A 1 53  ? 3.360   -10.543 -8.915  1.00 30.93 ? 54  ASN A CG  1 
ATOM   399  O  OD1 . ASN A 1 53  ? 4.463   -11.095 -8.938  1.00 32.48 ? 54  ASN A OD1 1 
ATOM   400  N  ND2 . ASN A 1 53  ? 2.514   -10.677 -7.898  1.00 30.79 ? 54  ASN A ND2 1 
ATOM   401  N  N   . LEU A 1 54  ? 3.273   -6.947  -12.040 1.00 28.30 ? 55  LEU A N   1 
ATOM   402  C  CA  . LEU A 1 54  ? 2.750   -6.235  -13.204 1.00 27.02 ? 55  LEU A CA  1 
ATOM   403  C  C   . LEU A 1 54  ? 4.024   -5.499  -13.563 1.00 28.14 ? 55  LEU A C   1 
ATOM   404  O  O   . LEU A 1 54  ? 4.282   -4.412  -13.057 1.00 28.26 ? 55  LEU A O   1 
ATOM   405  C  CB  . LEU A 1 54  ? 1.634   -5.282  -12.775 1.00 23.86 ? 55  LEU A CB  1 
ATOM   406  C  CG  . LEU A 1 54  ? 0.634   -5.820  -11.752 1.00 21.32 ? 55  LEU A CG  1 
ATOM   407  C  CD1 . LEU A 1 54  ? -0.382  -4.760  -11.405 1.00 18.95 ? 55  LEU A CD1 1 
ATOM   408  C  CD2 . LEU A 1 54  ? -0.041  -7.048  -12.320 1.00 20.69 ? 55  LEU A CD2 1 
ATOM   409  N  N   . PRO A 1 55  ? 4.843   -6.085  -14.438 1.00 28.29 ? 56  PRO A N   1 
ATOM   410  C  CA  . PRO A 1 55  ? 5.969   -5.314  -14.956 1.00 29.44 ? 56  PRO A CA  1 
ATOM   411  C  C   . PRO A 1 55  ? 5.633   -4.268  -15.990 1.00 30.29 ? 56  PRO A C   1 
ATOM   412  O  O   . PRO A 1 55  ? 6.281   -3.266  -16.079 1.00 31.04 ? 56  PRO A O   1 
ATOM   413  C  CB  . PRO A 1 55  ? 6.942   -6.389  -15.476 1.00 29.82 ? 56  PRO A CB  1 
ATOM   414  C  CG  . PRO A 1 55  ? 6.202   -7.726  -15.290 1.00 31.48 ? 56  PRO A CG  1 
ATOM   415  C  CD  . PRO A 1 55  ? 4.752   -7.377  -15.121 1.00 29.78 ? 56  PRO A CD  1 
ATOM   416  N  N   . ASP A 1 56  ? 4.618   -4.497  -16.810 1.00 31.02 ? 59  ASP A N   1 
ATOM   417  C  CA  . ASP A 1 56  ? 4.282   -3.506  -17.824 1.00 31.33 ? 59  ASP A CA  1 
ATOM   418  C  C   . ASP A 1 56  ? 3.072   -2.603  -17.529 1.00 30.15 ? 59  ASP A C   1 
ATOM   419  O  O   . ASP A 1 56  ? 2.439   -2.091  -18.425 1.00 29.28 ? 59  ASP A O   1 
ATOM   420  C  CB  . ASP A 1 56  ? 4.135   -4.184  -19.219 1.00 33.46 ? 59  ASP A CB  1 
ATOM   421  C  CG  . ASP A 1 56  ? 5.437   -4.889  -19.705 1.00 36.39 ? 59  ASP A CG  1 
ATOM   422  O  OD1 . ASP A 1 56  ? 5.327   -5.830  -20.527 1.00 38.39 ? 59  ASP A OD1 1 
ATOM   423  O  OD2 . ASP A 1 56  ? 6.558   -4.523  -19.279 1.00 37.17 ? 59  ASP A OD2 1 
ATOM   424  N  N   . CYS A 1 57  ? 2.777   -2.358  -16.250 1.00 26.51 ? 61  CYS A N   1 
ATOM   425  C  CA  . CYS A 1 57  ? 1.679   -1.459  -15.862 1.00 26.80 ? 61  CYS A CA  1 
ATOM   426  C  C   . CYS A 1 57  ? 2.281   -0.261  -15.182 1.00 27.78 ? 61  CYS A C   1 
ATOM   427  O  O   . CYS A 1 57  ? 3.413   -0.243  -14.819 1.00 29.61 ? 61  CYS A O   1 
ATOM   428  C  CB  . CYS A 1 57  ? 0.664   -2.120  -14.912 1.00 26.36 ? 61  CYS A CB  1 
ATOM   429  S  SG  . CYS A 1 57  ? -0.089  -3.670  -15.500 1.00 22.26 ? 61  CYS A SG  1 
ATOM   430  N  N   . ASN A 1 58  ? 1.507   0.784   -14.943 1.00 27.91 ? 67  ASN A N   1 
ATOM   431  C  CA  . ASN A 1 58  ? 2.029   1.967   -14.303 1.00 25.87 ? 67  ASN A CA  1 
ATOM   432  C  C   . ASN A 1 58  ? 1.134   2.400   -13.153 1.00 26.26 ? 67  ASN A C   1 
ATOM   433  O  O   . ASN A 1 58  ? 0.429   3.411   -13.208 1.00 24.79 ? 67  ASN A O   1 
ATOM   434  C  CB  . ASN A 1 58  ? 2.232   3.049   -15.374 1.00 26.08 ? 67  ASN A CB  1 
ATOM   435  C  CG  . ASN A 1 58  ? 3.097   2.539   -16.532 1.00 25.58 ? 67  ASN A CG  1 
ATOM   436  O  OD1 . ASN A 1 58  ? 4.319   2.642   -16.504 1.00 26.86 ? 67  ASN A OD1 1 
ATOM   437  N  ND2 . ASN A 1 58  ? 2.457   1.942   -17.531 1.00 25.00 ? 67  ASN A ND2 1 
ATOM   438  N  N   . PRO A 1 59  ? 1.211   1.634   -12.047 1.00 26.45 ? 68  PRO A N   1 
ATOM   439  C  CA  . PRO A 1 59  ? 0.470   1.795   -10.791 1.00 23.95 ? 68  PRO A CA  1 
ATOM   440  C  C   . PRO A 1 59  ? 0.337   3.223   -10.303 1.00 24.22 ? 68  PRO A C   1 
ATOM   441  O  O   . PRO A 1 59  ? -0.733  3.653   -9.901  1.00 24.66 ? 68  PRO A O   1 
ATOM   442  C  CB  . PRO A 1 59  ? 1.260   0.937   -9.804  1.00 24.60 ? 68  PRO A CB  1 
ATOM   443  C  CG  . PRO A 1 59  ? 1.909   -0.093  -10.674 1.00 25.22 ? 68  PRO A CG  1 
ATOM   444  C  CD  . PRO A 1 59  ? 2.354   0.721   -11.847 1.00 26.61 ? 68  PRO A CD  1 
ATOM   445  N  N   . LYS A 1 60  ? 1.439   3.956   -10.308 1.00 25.78 ? 69  LYS A N   1 
ATOM   446  C  CA  . LYS A 1 60  ? 1.440   5.331   -9.848  1.00 25.72 ? 69  LYS A CA  1 
ATOM   447  C  C   . LYS A 1 60  ? 0.627   6.322   -10.671 1.00 25.34 ? 69  LYS A C   1 
ATOM   448  O  O   . LYS A 1 60  ? 0.153   7.313   -10.122 1.00 26.02 ? 69  LYS A O   1 
ATOM   449  C  CB  . LYS A 1 60  ? 2.871   5.833   -9.732  1.00 27.27 ? 69  LYS A CB  1 
ATOM   450  C  CG  . LYS A 1 60  ? 3.592   5.374   -8.487  1.00 32.22 ? 69  LYS A CG  1 
ATOM   451  C  CD  . LYS A 1 60  ? 5.116   5.389   -8.631  1.00 37.01 ? 69  LYS A CD  1 
ATOM   452  C  CE  . LYS A 1 60  ? 5.765   6.658   -8.104  1.00 38.94 ? 69  LYS A CE  1 
ATOM   453  N  NZ  . LYS A 1 60  ? 7.200   6.427   -7.722  1.00 39.86 ? 69  LYS A NZ  1 
ATOM   454  N  N   . SER A 1 61  ? 0.442   6.051   -11.961 1.00 24.75 ? 70  SER A N   1 
ATOM   455  C  CA  . SER A 1 61  ? -0.265  6.993   -12.824 1.00 24.81 ? 70  SER A CA  1 
ATOM   456  C  C   . SER A 1 61  ? -1.492  6.498   -13.580 1.00 25.01 ? 70  SER A C   1 
ATOM   457  O  O   . SER A 1 61  ? -2.230  7.304   -14.146 1.00 25.47 ? 70  SER A O   1 
ATOM   458  C  CB  . SER A 1 61  ? 0.714   7.586   -13.839 1.00 24.63 ? 70  SER A CB  1 
ATOM   459  O  OG  . SER A 1 61  ? 1.363   6.572   -14.595 1.00 27.42 ? 70  SER A OG  1 
ATOM   460  N  N   . ASP A 1 62  ? -1.702  5.189   -13.615 1.00 24.34 ? 71  ASP A N   1 
ATOM   461  C  CA  . ASP A 1 62  ? -2.846  4.608   -14.315 1.00 24.18 ? 71  ASP A CA  1 
ATOM   462  C  C   . ASP A 1 62  ? -4.035  4.719   -13.361 1.00 24.00 ? 71  ASP A C   1 
ATOM   463  O  O   . ASP A 1 62  ? -3.967  4.231   -12.241 1.00 23.21 ? 71  ASP A O   1 
ATOM   464  C  CB  . ASP A 1 62  ? -2.550  3.133   -14.632 1.00 25.37 ? 71  ASP A CB  1 
ATOM   465  C  CG  . ASP A 1 62  ? -3.446  2.559   -15.724 1.00 26.08 ? 71  ASP A CG  1 
ATOM   466  O  OD1 . ASP A 1 62  ? -4.499  3.153   -16.028 1.00 27.04 ? 71  ASP A OD1 1 
ATOM   467  O  OD2 . ASP A 1 62  ? -3.099  1.490   -16.272 1.00 26.73 ? 71  ASP A OD2 1 
ATOM   468  N  N   . ARG A 1 63  ? -5.120  5.346   -13.799 1.00 24.73 ? 72  ARG A N   1 
ATOM   469  C  CA  . ARG A 1 63  ? -6.284  5.521   -12.933 1.00 25.19 ? 72  ARG A CA  1 
ATOM   470  C  C   . ARG A 1 63  ? -7.347  4.446   -13.154 1.00 24.30 ? 72  ARG A C   1 
ATOM   471  O  O   . ARG A 1 63  ? -7.773  4.209   -14.285 1.00 26.10 ? 72  ARG A O   1 
ATOM   472  C  CB  . ARG A 1 63  ? -6.895  6.911   -13.133 1.00 27.39 ? 72  ARG A CB  1 
ATOM   473  C  CG  . ARG A 1 63  ? -5.883  8.045   -13.100 1.00 32.24 ? 72  ARG A CG  1 
ATOM   474  C  CD  . ARG A 1 63  ? -6.555  9.390   -13.319 1.00 35.64 ? 72  ARG A CD  1 
ATOM   475  N  NE  . ARG A 1 63  ? -6.307  10.311  -12.214 1.00 42.35 ? 72  ARG A NE  1 
ATOM   476  C  CZ  . ARG A 1 63  ? -6.885  11.502  -12.091 1.00 47.27 ? 72  ARG A CZ  1 
ATOM   477  N  NH1 . ARG A 1 63  ? -6.601  12.275  -11.051 1.00 49.14 ? 72  ARG A NH1 1 
ATOM   478  N  NH2 . ARG A 1 63  ? -7.747  11.921  -13.006 1.00 48.08 ? 72  ARG A NH2 1 
ATOM   479  N  N   . TYR A 1 64  ? -7.780  3.802   -12.071 1.00 23.71 ? 73  TYR A N   1 
ATOM   480  C  CA  . TYR A 1 64  ? -8.847  2.806   -12.164 1.00 23.83 ? 73  TYR A CA  1 
ATOM   481  C  C   . TYR A 1 64  ? -10.029 3.366   -11.374 1.00 24.51 ? 73  TYR A C   1 
ATOM   482  O  O   . TYR A 1 64  ? -9.931  4.447   -10.779 1.00 23.95 ? 73  TYR A O   1 
ATOM   483  C  CB  . TYR A 1 64  ? -8.412  1.457   -11.579 1.00 21.39 ? 73  TYR A CB  1 
ATOM   484  C  CG  . TYR A 1 64  ? -7.916  1.536   -10.157 1.00 19.64 ? 73  TYR A CG  1 
ATOM   485  C  CD1 . TYR A 1 64  ? -8.800  1.595   -9.075  1.00 18.99 ? 73  TYR A CD1 1 
ATOM   486  C  CD2 . TYR A 1 64  ? -6.558  1.584   -9.891  1.00 19.23 ? 73  TYR A CD2 1 
ATOM   487  C  CE1 . TYR A 1 64  ? -8.332  1.706   -7.767  1.00 16.39 ? 73  TYR A CE1 1 
ATOM   488  C  CE2 . TYR A 1 64  ? -6.084  1.696   -8.587  1.00 18.16 ? 73  TYR A CE2 1 
ATOM   489  C  CZ  . TYR A 1 64  ? -6.976  1.758   -7.537  1.00 15.23 ? 73  TYR A CZ  1 
ATOM   490  O  OH  . TYR A 1 64  ? -6.501  1.884   -6.263  1.00 13.70 ? 73  TYR A OH  1 
ATOM   491  N  N   . LYS A 1 65  ? -11.144 2.642   -11.364 1.00 25.02 ? 74  LYS A N   1 
ATOM   492  C  CA  . LYS A 1 65  ? -12.335 3.088   -10.650 1.00 25.78 ? 74  LYS A CA  1 
ATOM   493  C  C   . LYS A 1 65  ? -12.877 2.004   -9.721  1.00 26.33 ? 74  LYS A C   1 
ATOM   494  O  O   . LYS A 1 65  ? -12.878 0.816   -10.062 1.00 26.32 ? 74  LYS A O   1 
ATOM   495  C  CB  . LYS A 1 65  ? -13.426 3.492   -11.654 1.00 25.97 ? 74  LYS A CB  1 
ATOM   496  C  CG  . LYS A 1 65  ? -13.133 4.778   -12.440 1.00 28.46 ? 74  LYS A CG  1 
ATOM   497  C  CD  . LYS A 1 65  ? -14.144 4.977   -13.565 1.00 30.23 ? 74  LYS A CD  1 
ATOM   498  C  CE  . LYS A 1 65  ? -14.339 6.451   -13.894 1.00 31.89 ? 74  LYS A CE  1 
ATOM   499  N  NZ  . LYS A 1 65  ? -15.763 6.719   -14.292 1.00 34.16 ? 74  LYS A NZ  1 
ATOM   500  N  N   . TYR A 1 66  ? -13.324 2.404   -8.537  1.00 25.95 ? 75  TYR A N   1 
ATOM   501  C  CA  . TYR A 1 66  ? -13.887 1.435   -7.607  1.00 26.60 ? 75  TYR A CA  1 
ATOM   502  C  C   . TYR A 1 66  ? -15.117 1.995   -6.936  1.00 26.75 ? 75  TYR A C   1 
ATOM   503  O  O   . TYR A 1 66  ? -15.392 3.187   -7.021  1.00 29.19 ? 75  TYR A O   1 
ATOM   504  C  CB  . TYR A 1 66  ? -12.863 1.026   -6.538  1.00 25.04 ? 75  TYR A CB  1 
ATOM   505  C  CG  . TYR A 1 66  ? -12.492 2.104   -5.547  1.00 22.01 ? 75  TYR A CG  1 
ATOM   506  C  CD1 . TYR A 1 66  ? -13.088 2.162   -4.290  1.00 21.67 ? 75  TYR A CD1 1 
ATOM   507  C  CD2 . TYR A 1 66  ? -11.513 3.044   -5.853  1.00 20.76 ? 75  TYR A CD2 1 
ATOM   508  C  CE1 . TYR A 1 66  ? -12.709 3.133   -3.359  1.00 21.26 ? 75  TYR A CE1 1 
ATOM   509  C  CE2 . TYR A 1 66  ? -11.132 4.012   -4.933  1.00 20.23 ? 75  TYR A CE2 1 
ATOM   510  C  CZ  . TYR A 1 66  ? -11.731 4.050   -3.693  1.00 20.44 ? 75  TYR A CZ  1 
ATOM   511  O  OH  . TYR A 1 66  ? -11.350 5.015   -2.797  1.00 23.26 ? 75  TYR A OH  1 
ATOM   512  N  N   . LYS A 1 67  ? -15.866 1.119   -6.286  1.00 25.67 ? 76  LYS A N   1 
ATOM   513  C  CA  . LYS A 1 67  ? -17.057 1.529   -5.582  1.00 25.21 ? 76  LYS A CA  1 
ATOM   514  C  C   . LYS A 1 67  ? -17.094 0.746   -4.302  1.00 25.87 ? 76  LYS A C   1 
ATOM   515  O  O   . LYS A 1 67  ? -16.330 -0.198  -4.111  1.00 26.76 ? 76  LYS A O   1 
ATOM   516  C  CB  . LYS A 1 67  ? -18.312 1.220   -6.392  1.00 26.03 ? 76  LYS A CB  1 
ATOM   517  C  CG  . LYS A 1 67  ? -18.523 -0.252  -6.699  1.00 26.37 ? 76  LYS A CG  1 
ATOM   518  C  CD  . LYS A 1 67  ? -19.836 -0.441  -7.439  1.00 26.06 ? 76  LYS A CD  1 
ATOM   519  C  CE  . LYS A 1 67  ? -19.920 -1.815  -8.079  1.00 26.29 ? 76  LYS A CE  1 
ATOM   520  N  NZ  . LYS A 1 67  ? -21.248 -1.993  -8.736  1.00 28.68 ? 76  LYS A NZ  1 
ATOM   521  N  N   . ARG A 1 68  ? -17.989 1.155   -3.419  1.00 26.69 ? 77  ARG A N   1 
ATOM   522  C  CA  . ARG A 1 68  ? -18.156 0.497   -2.149  1.00 26.53 ? 77  ARG A CA  1 
ATOM   523  C  C   . ARG A 1 68  ? -19.534 -0.122  -2.156  1.00 27.76 ? 77  ARG A C   1 
ATOM   524  O  O   . ARG A 1 68  ? -20.526 0.574   -2.356  1.00 27.22 ? 77  ARG A O   1 
ATOM   525  C  CB  . ARG A 1 68  ? -18.063 1.511   -1.016  1.00 25.84 ? 77  ARG A CB  1 
ATOM   526  C  CG  . ARG A 1 68  ? -16.705 2.151   -0.851  1.00 22.57 ? 77  ARG A CG  1 
ATOM   527  C  CD  . ARG A 1 68  ? -16.003 1.596   0.359   1.00 22.20 ? 77  ARG A CD  1 
ATOM   528  N  NE  . ARG A 1 68  ? -14.671 2.163   0.523   1.00 22.97 ? 77  ARG A NE  1 
ATOM   529  C  CZ  . ARG A 1 68  ? -13.732 1.640   1.307   1.00 24.03 ? 77  ARG A CZ  1 
ATOM   530  N  NH1 . ARG A 1 68  ? -13.980 0.536   1.998   1.00 24.14 ? 77  ARG A NH1 1 
ATOM   531  N  NH2 . ARG A 1 68  ? -12.539 2.212   1.387   1.00 25.20 ? 77  ARG A NH2 1 
ATOM   532  N  N   . VAL A 1 69  ? -19.589 -1.435  -1.992  1.00 30.15 ? 78  VAL A N   1 
ATOM   533  C  CA  . VAL A 1 69  ? -20.864 -2.125  -1.923  1.00 33.52 ? 78  VAL A CA  1 
ATOM   534  C  C   . VAL A 1 69  ? -21.034 -2.340  -0.417  1.00 36.47 ? 78  VAL A C   1 
ATOM   535  O  O   . VAL A 1 69  ? -20.562 -3.333  0.146   1.00 36.78 ? 78  VAL A O   1 
ATOM   536  C  CB  . VAL A 1 69  ? -20.830 -3.472  -2.690  1.00 31.26 ? 78  VAL A CB  1 
ATOM   537  C  CG1 . VAL A 1 69  ? -22.007 -4.349  -2.267  1.00 30.76 ? 78  VAL A CG1 1 
ATOM   538  C  CG2 . VAL A 1 69  ? -20.906 -3.206  -4.193  1.00 29.15 ? 78  VAL A CG2 1 
ATOM   539  N  N   . ASN A 1 70  ? -21.664 -1.354  0.227   1.00 39.89 ? 79  ASN A N   1 
ATOM   540  C  CA  . ASN A 1 70  ? -21.916 -1.350  1.671   1.00 41.69 ? 79  ASN A CA  1 
ATOM   541  C  C   . ASN A 1 70  ? -20.702 -1.205  2.585   1.00 40.72 ? 79  ASN A C   1 
ATOM   542  O  O   . ASN A 1 70  ? -20.849 -1.231  3.803   1.00 43.83 ? 79  ASN A O   1 
ATOM   543  C  CB  . ASN A 1 70  ? -22.656 -2.611  2.095   1.00 44.68 ? 79  ASN A CB  1 
ATOM   544  C  CG  . ASN A 1 70  ? -24.137 -2.522  1.863   1.00 47.74 ? 79  ASN A CG  1 
ATOM   545  O  OD1 . ASN A 1 70  ? -24.703 -1.428  1.789   1.00 49.19 ? 79  ASN A OD1 1 
ATOM   546  N  ND2 . ASN A 1 70  ? -24.789 -3.681  1.772   1.00 48.74 ? 79  ASN A ND2 1 
ATOM   547  N  N   . GLY A 1 71  ? -19.512 -1.052  2.022   1.00 38.74 ? 80  GLY A N   1 
ATOM   548  C  CA  . GLY A 1 71  ? -18.327 -0.936  2.854   1.00 35.01 ? 80  GLY A CA  1 
ATOM   549  C  C   . GLY A 1 71  ? -17.236 -1.740  2.183   1.00 32.09 ? 80  GLY A C   1 
ATOM   550  O  O   . GLY A 1 71  ? -16.053 -1.635  2.495   1.00 30.95 ? 80  GLY A O   1 
ATOM   551  N  N   . ALA A 1 72  ? -17.665 -2.571  1.243   1.00 28.88 ? 81  ALA A N   1 
ATOM   552  C  CA  . ALA A 1 72  ? -16.764 -3.404  0.483   1.00 27.12 ? 81  ALA A CA  1 
ATOM   553  C  C   . ALA A 1 72  ? -16.154 -2.516  -0.574  1.00 27.81 ? 81  ALA A C   1 
ATOM   554  O  O   . ALA A 1 72  ? -16.789 -1.540  -1.015  1.00 28.39 ? 81  ALA A O   1 
ATOM   555  C  CB  . ALA A 1 72  ? -17.518 -4.524  -0.155  1.00 27.33 ? 81  ALA A CB  1 
ATOM   556  N  N   . ILE A 1 73  ? -14.918 -2.796  -0.970  1.00 25.93 ? 82  ILE A N   1 
ATOM   557  C  CA  . ILE A 1 73  ? -14.306 -2.023  -2.022  1.00 24.75 ? 82  ILE A CA  1 
ATOM   558  C  C   . ILE A 1 73  ? -14.518 -2.917  -3.222  1.00 24.09 ? 82  ILE A C   1 
ATOM   559  O  O   . ILE A 1 73  ? -14.176 -4.130  -3.171  1.00 24.93 ? 82  ILE A O   1 
ATOM   560  C  CB  . ILE A 1 73  ? -12.806 -1.894  -1.883  1.00 27.32 ? 82  ILE A CB  1 
ATOM   561  C  CG1 . ILE A 1 73  ? -12.482 -0.949  -0.734  1.00 28.43 ? 82  ILE A CG1 1 
ATOM   562  C  CG2 . ILE A 1 73  ? -12.216 -1.414  -3.225  1.00 25.74 ? 82  ILE A CG2 1 
ATOM   563  C  CD1 . ILE A 1 73  ? -11.208 -1.314  -0.039  1.00 23.85 ? 82  ILE A CD1 1 
ATOM   564  N  N   . VAL A 1 74  ? -15.064 -2.359  -4.298  1.00 22.48 ? 83  VAL A N   1 
ATOM   565  C  CA  . VAL A 1 74  ? -15.278 -3.182  -5.460  1.00 20.14 ? 83  VAL A CA  1 
ATOM   566  C  C   . VAL A 1 74  ? -14.651 -2.500  -6.665  1.00 20.28 ? 83  VAL A C   1 
ATOM   567  O  O   . VAL A 1 74  ? -15.065 -1.419  -7.069  1.00 21.40 ? 83  VAL A O   1 
ATOM   568  C  CB  . VAL A 1 74  ? -16.772 -3.450  -5.647  1.00 17.87 ? 83  VAL A CB  1 
ATOM   569  C  CG1 . VAL A 1 74  ? -17.018 -4.179  -6.933  1.00 17.29 ? 83  VAL A CG1 1 
ATOM   570  C  CG2 . VAL A 1 74  ? -17.281 -4.290  -4.475  1.00 16.07 ? 83  VAL A CG2 1 
ATOM   571  N  N   . CYS A 1 75  ? -13.622 -3.139  -7.207  1.00 19.88 ? 84  CYS A N   1 
ATOM   572  C  CA  . CYS A 1 75  ? -12.917 -2.638  -8.370  1.00 18.85 ? 84  CYS A CA  1 
ATOM   573  C  C   . CYS A 1 75  ? -13.804 -2.823  -9.578  1.00 20.87 ? 84  CYS A C   1 
ATOM   574  O  O   . CYS A 1 75  ? -14.429 -3.873  -9.740  1.00 22.51 ? 84  CYS A O   1 
ATOM   575  C  CB  . CYS A 1 75  ? -11.635 -3.424  -8.582  1.00 15.93 ? 84  CYS A CB  1 
ATOM   576  S  SG  . CYS A 1 75  ? -10.411 -3.285  -7.251  1.00 14.13 ? 84  CYS A SG  1 
ATOM   577  N  N   . GLU A 1 76  ? -13.855 -1.813  -10.438 1.00 22.03 ? 85  GLU A N   1 
ATOM   578  C  CA  . GLU A 1 76  ? -14.683 -1.910  -11.629 1.00 22.17 ? 85  GLU A CA  1 
ATOM   579  C  C   . GLU A 1 76  ? -13.889 -2.314  -12.865 1.00 21.47 ? 85  GLU A C   1 
ATOM   580  O  O   . GLU A 1 76  ? -12.688 -2.065  -12.946 1.00 22.21 ? 85  GLU A O   1 
ATOM   581  C  CB  . GLU A 1 76  ? -15.421 -0.597  -11.853 1.00 23.41 ? 85  GLU A CB  1 
ATOM   582  C  CG  . GLU A 1 76  ? -16.769 -0.587  -11.160 1.00 29.81 ? 85  GLU A CG  1 
ATOM   583  C  CD  . GLU A 1 76  ? -17.141 0.753   -10.558 1.00 33.29 ? 85  GLU A CD  1 
ATOM   584  O  OE1 . GLU A 1 76  ? -16.345 1.709   -10.663 1.00 37.83 ? 85  GLU A OE1 1 
ATOM   585  O  OE2 . GLU A 1 76  ? -18.238 0.851   -9.969  1.00 34.22 ? 85  GLU A OE2 1 
ATOM   586  N  N   . LYS A 1 77  ? -14.570 -2.960  -13.803 1.00 20.54 ? 86  LYS A N   1 
ATOM   587  C  CA  . LYS A 1 77  ? -13.959 -3.427  -15.027 1.00 19.73 ? 86  LYS A CA  1 
ATOM   588  C  C   . LYS A 1 77  ? -13.253 -2.232  -15.676 1.00 19.22 ? 86  LYS A C   1 
ATOM   589  O  O   . LYS A 1 77  ? -13.864 -1.183  -15.885 1.00 21.26 ? 86  LYS A O   1 
ATOM   590  C  CB  . LYS A 1 77  ? -15.085 -4.048  -15.914 1.00 20.84 ? 86  LYS A CB  1 
ATOM   591  C  CG  . LYS A 1 77  ? -14.692 -4.636  -17.238 1.00 23.92 ? 86  LYS A CG  1 
ATOM   592  C  CD  . LYS A 1 77  ? -15.846 -5.426  -17.837 1.00 29.33 ? 86  LYS A CD  1 
ATOM   593  C  CE  . LYS A 1 77  ? -15.382 -6.758  -18.428 1.00 33.75 ? 86  LYS A CE  1 
ATOM   594  N  NZ  . LYS A 1 77  ? -14.213 -6.573  -19.337 1.00 33.19 ? 86  LYS A NZ  1 
ATOM   595  N  N   . GLY A 1 78  ? -11.977 -2.414  -16.058 1.00 17.33 ? 88  GLY A N   1 
ATOM   596  C  CA  . GLY A 1 78  ? -11.182 -1.385  -16.708 1.00 17.23 ? 88  GLY A CA  1 
ATOM   597  C  C   . GLY A 1 78  ? -10.168 -2.158  -17.560 1.00 18.07 ? 88  GLY A C   1 
ATOM   598  O  O   . GLY A 1 78  ? -10.451 -3.296  -17.930 1.00 18.48 ? 88  GLY A O   1 
ATOM   599  N  N   . THR A 1 79  ? -9.006  -1.592  -17.908 1.00 19.35 ? 89  THR A N   1 
ATOM   600  C  CA  . THR A 1 79  ? -8.021  -2.373  -18.680 1.00 18.32 ? 89  THR A CA  1 
ATOM   601  C  C   . THR A 1 79  ? -7.643  -3.490  -17.699 1.00 19.12 ? 89  THR A C   1 
ATOM   602  O  O   . THR A 1 79  ? -8.087  -3.471  -16.545 1.00 18.35 ? 89  THR A O   1 
ATOM   603  C  CB  . THR A 1 79  ? -6.744  -1.567  -18.985 1.00 18.62 ? 89  THR A CB  1 
ATOM   604  O  OG1 . THR A 1 79  ? -6.150  -1.154  -17.749 1.00 20.25 ? 89  THR A OG1 1 
ATOM   605  C  CG2 . THR A 1 79  ? -7.061  -0.351  -19.829 1.00 18.46 ? 89  THR A CG2 1 
ATOM   606  N  N   . SER A 1 80  ? -6.836  -4.464  -18.105 1.00 19.25 ? 90  SER A N   1 
ATOM   607  C  CA  . SER A 1 80  ? -6.502  -5.497  -17.134 1.00 17.84 ? 90  SER A CA  1 
ATOM   608  C  C   . SER A 1 80  ? -5.384  -5.012  -16.230 1.00 17.47 ? 90  SER A C   1 
ATOM   609  O  O   . SER A 1 80  ? -5.218  -5.518  -15.122 1.00 16.19 ? 90  SER A O   1 
ATOM   610  C  CB  . SER A 1 80  ? -6.094  -6.796  -17.811 1.00 19.83 ? 90  SER A CB  1 
ATOM   611  O  OG  . SER A 1 80  ? -4.891  -6.618  -18.522 1.00 22.65 ? 90  SER A OG  1 
ATOM   612  N  N   . CYS A 1 81  ? -4.604  -4.041  -16.698 1.00 17.49 ? 91  CYS A N   1 
ATOM   613  C  CA  . CYS A 1 81  ? -3.542  -3.507  -15.851 1.00 17.72 ? 91  CYS A CA  1 
ATOM   614  C  C   . CYS A 1 81  ? -4.264  -2.782  -14.732 1.00 16.53 ? 91  CYS A C   1 
ATOM   615  O  O   . CYS A 1 81  ? -3.881  -2.851  -13.582 1.00 16.61 ? 91  CYS A O   1 
ATOM   616  C  CB  . CYS A 1 81  ? -2.674  -2.508  -16.602 1.00 21.00 ? 91  CYS A CB  1 
ATOM   617  S  SG  . CYS A 1 81  ? -1.071  -3.142  -17.193 1.00 25.73 ? 91  CYS A SG  1 
ATOM   618  N  N   . GLU A 1 82  ? -5.336  -2.095  -15.091 1.00 15.78 ? 92  GLU A N   1 
ATOM   619  C  CA  . GLU A 1 82  ? -6.141  -1.350  -14.142 1.00 15.42 ? 92  GLU A CA  1 
ATOM   620  C  C   . GLU A 1 82  ? -6.807  -2.255  -13.123 1.00 15.92 ? 92  GLU A C   1 
ATOM   621  O  O   . GLU A 1 82  ? -6.871  -1.923  -11.945 1.00 16.55 ? 92  GLU A O   1 
ATOM   622  C  CB  . GLU A 1 82  ? -7.212  -0.567  -14.890 1.00 15.58 ? 92  GLU A CB  1 
ATOM   623  C  CG  . GLU A 1 82  ? -6.868  0.866   -15.115 1.00 16.29 ? 92  GLU A CG  1 
ATOM   624  C  CD  . GLU A 1 82  ? -7.433  1.375   -16.397 1.00 18.63 ? 92  GLU A CD  1 
ATOM   625  O  OE1 . GLU A 1 82  ? -8.589  1.029   -16.713 1.00 20.60 ? 92  GLU A OE1 1 
ATOM   626  O  OE2 . GLU A 1 82  ? -6.722  2.130   -17.089 1.00 21.18 ? 92  GLU A OE2 1 
ATOM   627  N  N   . ASN A 1 83  ? -7.319  -3.393  -13.575 1.00 17.36 ? 93  ASN A N   1 
ATOM   628  C  CA  . ASN A 1 83  ? -7.988  -4.310  -12.661 1.00 18.36 ? 93  ASN A CA  1 
ATOM   629  C  C   . ASN A 1 83  ? -6.996  -4.860  -11.647 1.00 18.82 ? 93  ASN A C   1 
ATOM   630  O  O   . ASN A 1 83  ? -7.211  -4.733  -10.445 1.00 19.90 ? 93  ASN A O   1 
ATOM   631  C  CB  . ASN A 1 83  ? -8.655  -5.461  -13.429 1.00 19.30 ? 93  ASN A CB  1 
ATOM   632  C  CG  . ASN A 1 83  ? -9.712  -4.973  -14.419 1.00 21.88 ? 93  ASN A CG  1 
ATOM   633  O  OD1 . ASN A 1 83  ? -10.383 -3.958  -14.184 1.00 21.39 ? 93  ASN A OD1 1 
ATOM   634  N  ND2 . ASN A 1 83  ? -9.875  -5.705  -15.523 1.00 21.08 ? 93  ASN A ND2 1 
ATOM   635  N  N   . ARG A 1 84  ? -5.905  -5.441  -12.135 1.00 18.63 ? 94  ARG A N   1 
ATOM   636  C  CA  . ARG A 1 84  ? -4.882  -6.033  -11.283 1.00 17.26 ? 94  ARG A CA  1 
ATOM   637  C  C   . ARG A 1 84  ? -4.229  -5.036  -10.336 1.00 17.23 ? 94  ARG A C   1 
ATOM   638  O  O   . ARG A 1 84  ? -3.760  -5.415  -9.266  1.00 18.64 ? 94  ARG A O   1 
ATOM   639  C  CB  . ARG A 1 84  ? -3.834  -6.721  -12.159 1.00 18.31 ? 94  ARG A CB  1 
ATOM   640  C  CG  . ARG A 1 84  ? -4.444  -7.801  -13.049 1.00 21.25 ? 94  ARG A CG  1 
ATOM   641  C  CD  . ARG A 1 84  ? -3.573  -8.104  -14.246 1.00 25.54 ? 94  ARG A CD  1 
ATOM   642  N  NE  . ARG A 1 84  ? -2.388  -8.878  -13.898 1.00 29.20 ? 94  ARG A NE  1 
ATOM   643  C  CZ  . ARG A 1 84  ? -1.259  -8.878  -14.606 1.00 31.08 ? 94  ARG A CZ  1 
ATOM   644  N  NH1 . ARG A 1 84  ? -1.154  -8.136  -15.705 1.00 29.60 ? 94  ARG A NH1 1 
ATOM   645  N  NH2 . ARG A 1 84  ? -0.238  -9.629  -14.214 1.00 33.98 ? 94  ARG A NH2 1 
ATOM   646  N  N   . ILE A 1 85  ? -4.183  -3.765  -10.727 1.00 16.40 ? 95  ILE A N   1 
ATOM   647  C  CA  . ILE A 1 85  ? -3.602  -2.734  -9.875  1.00 14.26 ? 95  ILE A CA  1 
ATOM   648  C  C   . ILE A 1 85  ? -4.591  -2.517  -8.744  1.00 14.97 ? 95  ILE A C   1 
ATOM   649  O  O   . ILE A 1 85  ? -4.244  -2.590  -7.575  1.00 15.82 ? 95  ILE A O   1 
ATOM   650  C  CB  . ILE A 1 85  ? -3.445  -1.372  -10.599 1.00 13.46 ? 95  ILE A CB  1 
ATOM   651  C  CG1 . ILE A 1 85  ? -2.233  -1.375  -11.542 1.00 11.16 ? 95  ILE A CG1 1 
ATOM   652  C  CG2 . ILE A 1 85  ? -3.288  -0.263  -9.556  1.00 12.90 ? 95  ILE A CG2 1 
ATOM   653  C  CD1 . ILE A 1 85  ? -2.222  -0.214  -12.506 1.00 15.32 ? 95  ILE A CD1 1 
ATOM   654  N  N   . CYS A 1 86  ? -5.841  -2.264  -9.107  1.00 15.99 ? 96  CYS A N   1 
ATOM   655  C  CA  . CYS A 1 86  ? -6.880  -2.022  -8.120  1.00 15.62 ? 96  CYS A CA  1 
ATOM   656  C  C   . CYS A 1 86  ? -6.946  -3.069  -7.014  1.00 15.71 ? 96  CYS A C   1 
ATOM   657  O  O   . CYS A 1 86  ? -7.160  -2.725  -5.854  1.00 16.89 ? 96  CYS A O   1 
ATOM   658  C  CB  . CYS A 1 86  ? -8.230  -1.913  -8.807  1.00 14.88 ? 96  CYS A CB  1 
ATOM   659  S  SG  . CYS A 1 86  ? -9.554  -1.497  -7.644  1.00 15.30 ? 96  CYS A SG  1 
ATOM   660  N  N   . GLU A 1 87  ? -6.762  -4.337  -7.369  1.00 16.27 ? 97  GLU A N   1 
ATOM   661  C  CA  . GLU A 1 87  ? -6.791  -5.422  -6.387  1.00 17.22 ? 97  GLU A CA  1 
ATOM   662  C  C   . GLU A 1 87  ? -5.634  -5.295  -5.412  1.00 17.58 ? 97  GLU A C   1 
ATOM   663  O  O   . GLU A 1 87  ? -5.775  -5.588  -4.226  1.00 19.58 ? 97  GLU A O   1 
ATOM   664  C  CB  . GLU A 1 87  ? -6.686  -6.780  -7.071  1.00 17.29 ? 97  GLU A CB  1 
ATOM   665  C  CG  . GLU A 1 87  ? -7.934  -7.214  -7.797  1.00 20.50 ? 97  GLU A CG  1 
ATOM   666  C  CD  . GLU A 1 87  ? -9.125  -7.314  -6.880  1.00 21.60 ? 97  GLU A CD  1 
ATOM   667  O  OE1 . GLU A 1 87  ? -8.942  -7.769  -5.726  1.00 21.94 ? 97  GLU A OE1 1 
ATOM   668  O  OE2 . GLU A 1 87  ? -10.238 -6.950  -7.319  1.00 21.51 ? 97  GLU A OE2 1 
ATOM   669  N  N   . CYS A 1 88  ? -4.484  -4.878  -5.923  1.00 17.14 ? 98  CYS A N   1 
ATOM   670  C  CA  . CYS A 1 88  ? -3.294  -4.717  -5.104  1.00 17.21 ? 98  CYS A CA  1 
ATOM   671  C  C   . CYS A 1 88  ? -3.460  -3.617  -4.066  1.00 17.57 ? 98  CYS A C   1 
ATOM   672  O  O   . CYS A 1 88  ? -2.885  -3.693  -2.985  1.00 18.71 ? 98  CYS A O   1 
ATOM   673  C  CB  . CYS A 1 88  ? -2.098  -4.357  -5.972  1.00 18.10 ? 98  CYS A CB  1 
ATOM   674  S  SG  . CYS A 1 88  ? -1.360  -5.678  -6.973  1.00 20.61 ? 98  CYS A SG  1 
ATOM   675  N  N   . ASP A 1 89  ? -4.233  -2.590  -4.410  1.00 16.45 ? 99  ASP A N   1 
ATOM   676  C  CA  . ASP A 1 89  ? -4.459  -1.451  -3.525  1.00 15.63 ? 99  ASP A CA  1 
ATOM   677  C  C   . ASP A 1 89  ? -5.511  -1.700  -2.461  1.00 18.54 ? 99  ASP A C   1 
ATOM   678  O  O   . ASP A 1 89  ? -5.434  -1.165  -1.341  1.00 19.73 ? 99  ASP A O   1 
ATOM   679  C  CB  . ASP A 1 89  ? -4.854  -0.241  -4.355  1.00 14.24 ? 99  ASP A CB  1 
ATOM   680  C  CG  . ASP A 1 89  ? -3.692  0.325   -5.109  1.00 14.33 ? 99  ASP A CG  1 
ATOM   681  O  OD1 . ASP A 1 89  ? -2.584  -0.218  -4.922  1.00 16.31 ? 99  ASP A OD1 1 
ATOM   682  O  OD2 . ASP A 1 89  ? -3.867  1.302   -5.871  1.00 14.72 ? 99  ASP A OD2 1 
ATOM   683  N  N   . LYS A 1 90  ? -6.499  -2.507  -2.833  1.00 18.01 ? 100 LYS A N   1 
ATOM   684  C  CA  . LYS A 1 90  ? -7.599  -2.880  -1.967  1.00 16.73 ? 100 LYS A CA  1 
ATOM   685  C  C   . LYS A 1 90  ? -7.001  -3.690  -0.821  1.00 18.72 ? 100 LYS A C   1 
ATOM   686  O  O   . LYS A 1 90  ? -7.360  -3.509  0.351   1.00 21.18 ? 100 LYS A O   1 
ATOM   687  C  CB  . LYS A 1 90  ? -8.574  -3.728  -2.781  1.00 15.46 ? 100 LYS A CB  1 
ATOM   688  C  CG  . LYS A 1 90  ? -9.807  -4.196  -2.052  1.00 13.80 ? 100 LYS A CG  1 
ATOM   689  C  CD  . LYS A 1 90  ? -10.574 -5.173  -2.914  1.00 9.08  ? 100 LYS A CD  1 
ATOM   690  C  CE  . LYS A 1 90  ? -11.707 -5.775  -2.129  1.00 11.17 ? 100 LYS A CE  1 
ATOM   691  N  NZ  . LYS A 1 90  ? -12.278 -6.994  -2.764  1.00 12.40 ? 100 LYS A NZ  1 
ATOM   692  N  N   . ALA A 1 91  ? -6.080  -4.579  -1.175  1.00 18.69 ? 101 ALA A N   1 
ATOM   693  C  CA  . ALA A 1 91  ? -5.410  -5.436  -0.203  1.00 19.88 ? 101 ALA A CA  1 
ATOM   694  C  C   . ALA A 1 91  ? -4.678  -4.591  0.827   1.00 18.44 ? 101 ALA A C   1 
ATOM   695  O  O   . ALA A 1 91  ? -4.810  -4.795  2.037   1.00 18.08 ? 101 ALA A O   1 
ATOM   696  C  CB  . ALA A 1 91  ? -4.428  -6.339  -0.904  1.00 21.41 ? 101 ALA A CB  1 
ATOM   697  N  N   . ALA A 1 92  ? -3.891  -3.646  0.336   1.00 16.92 ? 102 ALA A N   1 
ATOM   698  C  CA  . ALA A 1 92  ? -3.144  -2.776  1.220   1.00 17.01 ? 102 ALA A CA  1 
ATOM   699  C  C   . ALA A 1 92  ? -4.133  -2.047  2.116   1.00 16.90 ? 102 ALA A C   1 
ATOM   700  O  O   . ALA A 1 92  ? -3.995  -2.057  3.337   1.00 18.32 ? 102 ALA A O   1 
ATOM   701  C  CB  . ALA A 1 92  ? -2.323  -1.780  0.415   1.00 16.00 ? 102 ALA A CB  1 
ATOM   702  N  N   . ALA A 1 93  ? -5.145  -1.435  1.512   1.00 15.89 ? 103 ALA A N   1 
ATOM   703  C  CA  . ALA A 1 93  ? -6.129  -0.698  2.293   1.00 16.58 ? 103 ALA A CA  1 
ATOM   704  C  C   . ALA A 1 93  ? -6.672  -1.557  3.414   1.00 17.44 ? 103 ALA A C   1 
ATOM   705  O  O   . ALA A 1 93  ? -6.669  -1.146  4.572   1.00 17.74 ? 103 ALA A O   1 
ATOM   706  C  CB  . ALA A 1 93  ? -7.256  -0.226  1.408   1.00 15.92 ? 103 ALA A CB  1 
ATOM   707  N  N   . ILE A 1 94  ? -7.139  -2.749  3.054   1.00 18.02 ? 104 ILE A N   1 
ATOM   708  C  CA  . ILE A 1 94  ? -7.680  -3.703  4.015   1.00 17.80 ? 104 ILE A CA  1 
ATOM   709  C  C   . ILE A 1 94  ? -6.612  -3.991  5.059   1.00 18.67 ? 104 ILE A C   1 
ATOM   710  O  O   . ILE A 1 94  ? -6.819  -3.823  6.259   1.00 20.71 ? 104 ILE A O   1 
ATOM   711  C  CB  . ILE A 1 94  ? -8.015  -5.029  3.336   1.00 19.39 ? 104 ILE A CB  1 
ATOM   712  C  CG1 . ILE A 1 94  ? -9.156  -4.837  2.333   1.00 20.79 ? 104 ILE A CG1 1 
ATOM   713  C  CG2 . ILE A 1 94  ? -8.312  -6.074  4.387   1.00 20.13 ? 104 ILE A CG2 1 
ATOM   714  C  CD1 . ILE A 1 94  ? -10.474 -4.454  2.951   1.00 23.61 ? 104 ILE A CD1 1 
ATOM   715  N  N   . CYS A 1 95  ? -5.462  -4.435  4.583   1.00 18.04 ? 105 CYS A N   1 
ATOM   716  C  CA  . CYS A 1 95  ? -4.348  -4.759  5.456   1.00 18.31 ? 105 CYS A CA  1 
ATOM   717  C  C   . CYS A 1 95  ? -4.079  -3.652  6.482   1.00 18.14 ? 105 CYS A C   1 
ATOM   718  O  O   . CYS A 1 95  ? -3.925  -3.927  7.666   1.00 20.29 ? 105 CYS A O   1 
ATOM   719  C  CB  . CYS A 1 95  ? -3.111  -5.013  4.602   1.00 18.73 ? 105 CYS A CB  1 
ATOM   720  S  SG  . CYS A 1 95  ? -1.724  -5.890  5.391   1.00 19.30 ? 105 CYS A SG  1 
ATOM   721  N  N   . PHE A 1 96  ? -4.024  -2.403  6.036   1.00 17.23 ? 106 PHE A N   1 
ATOM   722  C  CA  . PHE A 1 96  ? -3.786  -1.294  6.953   1.00 16.96 ? 106 PHE A CA  1 
ATOM   723  C  C   . PHE A 1 96  ? -4.884  -1.253  8.002   1.00 18.43 ? 106 PHE A C   1 
ATOM   724  O  O   . PHE A 1 96  ? -4.630  -1.089  9.200   1.00 19.55 ? 106 PHE A O   1 
ATOM   725  C  CB  . PHE A 1 96  ? -3.770  0.043   6.199   1.00 15.25 ? 106 PHE A CB  1 
ATOM   726  C  CG  . PHE A 1 96  ? -2.608  0.198   5.258   1.00 14.68 ? 106 PHE A CG  1 
ATOM   727  C  CD1 . PHE A 1 96  ? -1.358  -0.322  5.577   1.00 15.70 ? 106 PHE A CD1 1 
ATOM   728  C  CD2 . PHE A 1 96  ? -2.752  0.892   4.068   1.00 13.85 ? 106 PHE A CD2 1 
ATOM   729  C  CE1 . PHE A 1 96  ? -0.268  -0.147  4.722   1.00 14.48 ? 106 PHE A CE1 1 
ATOM   730  C  CE2 . PHE A 1 96  ? -1.665  1.071   3.209   1.00 13.03 ? 106 PHE A CE2 1 
ATOM   731  C  CZ  . PHE A 1 96  ? -0.426  0.552   3.538   1.00 12.51 ? 106 PHE A CZ  1 
ATOM   732  N  N   . ARG A 1 97  ? -6.115  -1.395  7.529   1.00 19.29 ? 107 ARG A N   1 
ATOM   733  C  CA  . ARG A 1 97  ? -7.279  -1.366  8.390   1.00 19.14 ? 107 ARG A CA  1 
ATOM   734  C  C   . ARG A 1 97  ? -7.195  -2.443  9.432   1.00 20.31 ? 107 ARG A C   1 
ATOM   735  O  O   . ARG A 1 97  ? -7.630  -2.280  10.571  1.00 21.76 ? 107 ARG A O   1 
ATOM   736  C  CB  . ARG A 1 97  ? -8.533  -1.606  7.572   1.00 19.26 ? 107 ARG A CB  1 
ATOM   737  C  CG  . ARG A 1 97  ? -9.764  -1.603  8.415   1.00 18.72 ? 107 ARG A CG  1 
ATOM   738  C  CD  . ARG A 1 97  ? -9.842  -0.292  9.161   1.00 20.39 ? 107 ARG A CD  1 
ATOM   739  N  NE  . ARG A 1 97  ? -10.881 -0.335  10.173  1.00 23.62 ? 107 ARG A NE  1 
ATOM   740  C  CZ  . ARG A 1 97  ? -10.678 -0.701  11.431  1.00 26.79 ? 107 ARG A CZ  1 
ATOM   741  N  NH1 . ARG A 1 97  ? -11.696 -0.726  12.280  1.00 26.26 ? 107 ARG A NH1 1 
ATOM   742  N  NH2 . ARG A 1 97  ? -9.454  -1.010  11.851  1.00 29.97 ? 107 ARG A NH2 1 
ATOM   743  N  N   . GLN A 1 98  ? -6.615  -3.554  9.022   1.00 20.71 ? 108 GLN A N   1 
ATOM   744  C  CA  . GLN A 1 98  ? -6.501  -4.711  9.875   1.00 22.34 ? 108 GLN A CA  1 
ATOM   745  C  C   . GLN A 1 98  ? -5.425  -4.621  10.925  1.00 22.34 ? 108 GLN A C   1 
ATOM   746  O  O   . GLN A 1 98  ? -5.345  -5.479  11.796  1.00 22.83 ? 108 GLN A O   1 
ATOM   747  C  CB  . GLN A 1 98  ? -6.251  -5.915  9.000   1.00 23.89 ? 108 GLN A CB  1 
ATOM   748  C  CG  . GLN A 1 98  ? -6.728  -7.197  9.571   1.00 29.35 ? 108 GLN A CG  1 
ATOM   749  C  CD  . GLN A 1 98  ? -6.443  -8.339  8.638   1.00 33.09 ? 108 GLN A CD  1 
ATOM   750  O  OE1 . GLN A 1 98  ? -6.513  -9.505  9.026   1.00 35.82 ? 108 GLN A OE1 1 
ATOM   751  N  NE2 . GLN A 1 98  ? -6.120  -8.014  7.389   1.00 33.93 ? 108 GLN A NE2 1 
ATOM   752  N  N   . ASN A 1 99  ? -4.599  -3.587  10.845  1.00 23.46 ? 109 ASN A N   1 
ATOM   753  C  CA  . ASN A 1 99  ? -3.505  -3.431  11.789  1.00 25.31 ? 109 ASN A CA  1 
ATOM   754  C  C   . ASN A 1 99  ? -3.341  -2.004  12.294  1.00 26.68 ? 109 ASN A C   1 
ATOM   755  O  O   . ASN A 1 99  ? -2.263  -1.630  12.755  1.00 28.10 ? 109 ASN A O   1 
ATOM   756  C  CB  . ASN A 1 99  ? -2.192  -3.919  11.171  1.00 23.91 ? 109 ASN A CB  1 
ATOM   757  C  CG  . ASN A 1 99  ? -2.258  -5.369  10.736  1.00 24.85 ? 109 ASN A CG  1 
ATOM   758  O  OD1 . ASN A 1 99  ? -2.070  -6.281  11.541  1.00 23.88 ? 109 ASN A OD1 1 
ATOM   759  N  ND2 . ASN A 1 99  ? -2.525  -5.591  9.454   1.00 25.11 ? 109 ASN A ND2 1 
ATOM   760  N  N   . LEU A 1 100 ? -4.401  -1.202  12.216  1.00 27.31 ? 110 LEU A N   1 
ATOM   761  C  CA  . LEU A 1 100 ? -4.295  0.153   12.715  1.00 28.73 ? 110 LEU A CA  1 
ATOM   762  C  C   . LEU A 1 100 ? -3.926  0.046   14.184  1.00 31.09 ? 110 LEU A C   1 
ATOM   763  O  O   . LEU A 1 100 ? -3.164  0.857   14.709  1.00 32.58 ? 110 LEU A O   1 
ATOM   764  C  CB  . LEU A 1 100 ? -5.629  0.873   12.616  1.00 28.74 ? 110 LEU A CB  1 
ATOM   765  C  CG  . LEU A 1 100 ? -5.959  1.618   11.334  1.00 28.97 ? 110 LEU A CG  1 
ATOM   766  C  CD1 . LEU A 1 100 ? -7.399  2.125   11.432  1.00 28.77 ? 110 LEU A CD1 1 
ATOM   767  C  CD2 . LEU A 1 100 ? -4.985  2.772   11.134  1.00 28.44 ? 110 LEU A CD2 1 
ATOM   768  N  N   . ASN A 1 101 ? -4.460  -0.974  14.844  1.00 32.60 ? 111 ASN A N   1 
ATOM   769  C  CA  . ASN A 1 101 ? -4.200  -1.137  16.260  1.00 33.31 ? 111 ASN A CA  1 
ATOM   770  C  C   . ASN A 1 101 ? -2.740  -1.320  16.653  1.00 32.22 ? 111 ASN A C   1 
ATOM   771  O  O   . ASN A 1 101 ? -2.418  -1.273  17.839  1.00 33.88 ? 111 ASN A O   1 
ATOM   772  C  CB  . ASN A 1 101 ? -5.108  -2.229  16.840  1.00 36.51 ? 111 ASN A CB  1 
ATOM   773  C  CG  . ASN A 1 101 ? -6.501  -1.692  17.184  1.00 41.16 ? 111 ASN A CG  1 
ATOM   774  O  OD1 . ASN A 1 101 ? -6.779  -0.493  17.024  1.00 44.32 ? 111 ASN A OD1 1 
ATOM   775  N  ND2 . ASN A 1 101 ? -7.376  -2.567  17.661  1.00 41.98 ? 111 ASN A ND2 1 
ATOM   776  N  N   . THR A 1 102 ? -1.850  -1.538  15.687  1.00 30.50 ? 112 THR A N   1 
ATOM   777  C  CA  . THR A 1 102 ? -0.429  -1.613  16.028  1.00 29.71 ? 112 THR A CA  1 
ATOM   778  C  C   . THR A 1 102 ? 0.375   -0.652  15.174  1.00 30.10 ? 112 THR A C   1 
ATOM   779  O  O   . THR A 1 102 ? 1.587   -0.768  15.071  1.00 30.96 ? 112 THR A O   1 
ATOM   780  C  CB  . THR A 1 102 ? 0.222   -3.019  15.893  1.00 27.26 ? 112 THR A CB  1 
ATOM   781  O  OG1 . THR A 1 102 ? -0.049  -3.569  14.606  1.00 26.99 ? 112 THR A OG1 1 
ATOM   782  C  CG2 . THR A 1 102 ? -0.264  -3.938  16.983  1.00 27.55 ? 112 THR A CG2 1 
ATOM   783  N  N   . TYR A 1 103 ? -0.297  0.297   14.541  1.00 30.36 ? 113 TYR A N   1 
ATOM   784  C  CA  . TYR A 1 103 ? 0.431   1.281   13.762  1.00 31.28 ? 113 TYR A CA  1 
ATOM   785  C  C   . TYR A 1 103 ? 1.206   2.045   14.834  1.00 32.25 ? 113 TYR A C   1 
ATOM   786  O  O   . TYR A 1 103 ? 0.611   2.554   15.780  1.00 32.64 ? 113 TYR A O   1 
ATOM   787  C  CB  . TYR A 1 103 ? -0.542  2.227   13.047  1.00 31.43 ? 113 TYR A CB  1 
ATOM   788  C  CG  . TYR A 1 103 ? 0.103   3.410   12.351  1.00 32.41 ? 113 TYR A CG  1 
ATOM   789  C  CD1 . TYR A 1 103 ? 0.586   4.500   13.076  1.00 32.93 ? 113 TYR A CD1 1 
ATOM   790  C  CD2 . TYR A 1 103 ? 0.217   3.444   10.965  1.00 33.52 ? 113 TYR A CD2 1 
ATOM   791  C  CE1 . TYR A 1 103 ? 1.168   5.601   12.431  1.00 32.69 ? 113 TYR A CE1 1 
ATOM   792  C  CE2 . TYR A 1 103 ? 0.797   4.537   10.314  1.00 33.64 ? 113 TYR A CE2 1 
ATOM   793  C  CZ  . TYR A 1 103 ? 1.265   5.609   11.050  1.00 33.05 ? 113 TYR A CZ  1 
ATOM   794  O  OH  . TYR A 1 103 ? 1.804   6.690   10.396  1.00 32.55 ? 113 TYR A OH  1 
ATOM   795  N  N   . SER A 1 104 ? 2.529   2.101   14.712  1.00 32.85 ? 114 SER A N   1 
ATOM   796  C  CA  . SER A 1 104 ? 3.347   2.823   15.682  1.00 33.74 ? 114 SER A CA  1 
ATOM   797  C  C   . SER A 1 104 ? 4.047   4.019   15.048  1.00 34.31 ? 114 SER A C   1 
ATOM   798  O  O   . SER A 1 104 ? 4.603   3.913   13.959  1.00 34.15 ? 114 SER A O   1 
ATOM   799  C  CB  . SER A 1 104 ? 4.406   1.910   16.284  1.00 34.01 ? 114 SER A CB  1 
ATOM   800  O  OG  . SER A 1 104 ? 5.361   2.674   17.005  1.00 36.26 ? 114 SER A OG  1 
ATOM   801  N  N   . LYS A 1 105 ? 4.034   5.151   15.742  1.00 34.32 ? 115 LYS A N   1 
ATOM   802  C  CA  . LYS A 1 105 ? 4.670   6.360   15.230  1.00 34.82 ? 115 LYS A CA  1 
ATOM   803  C  C   . LYS A 1 105 ? 6.199   6.364   15.308  1.00 33.93 ? 115 LYS A C   1 
ATOM   804  O  O   . LYS A 1 105 ? 6.840   7.247   14.737  1.00 35.29 ? 115 LYS A O   1 
ATOM   805  C  CB  . LYS A 1 105 ? 4.136   7.592   15.963  1.00 37.23 ? 115 LYS A CB  1 
ATOM   806  C  CG  . LYS A 1 105 ? 2.730   8.026   15.581  1.00 41.07 ? 115 LYS A CG  1 
ATOM   807  C  CD  . LYS A 1 105 ? 2.076   8.687   16.783  1.00 44.08 ? 115 LYS A CD  1 
ATOM   808  C  CE  . LYS A 1 105 ? 1.385   9.986   16.439  1.00 46.95 ? 115 LYS A CE  1 
ATOM   809  N  NZ  . LYS A 1 105 ? 1.136   10.772  17.689  1.00 49.73 ? 115 LYS A NZ  1 
ATOM   810  N  N   . LYS A 1 106 ? 6.805   5.410   16.001  1.00 32.04 ? 116 LYS A N   1 
ATOM   811  C  CA  . LYS A 1 106 ? 8.258   5.435   16.055  1.00 31.88 ? 116 LYS A CA  1 
ATOM   812  C  C   . LYS A 1 106 ? 8.842   4.972   14.722  1.00 32.61 ? 116 LYS A C   1 
ATOM   813  O  O   . LYS A 1 106 ? 10.063  4.929   14.534  1.00 33.24 ? 116 LYS A O   1 
ATOM   814  C  CB  . LYS A 1 106 ? 8.795   4.586   17.217  1.00 31.51 ? 116 LYS A CB  1 
ATOM   815  C  CG  . LYS A 1 106 ? 8.737   3.071   17.091  1.00 29.45 ? 116 LYS A CG  1 
ATOM   816  C  CD  . LYS A 1 106 ? 9.457   2.473   18.305  1.00 30.66 ? 116 LYS A CD  1 
ATOM   817  C  CE  . LYS A 1 106 ? 9.554   0.954   18.266  1.00 33.06 ? 116 LYS A CE  1 
ATOM   818  N  NZ  . LYS A 1 106 ? 8.247   0.274   18.543  1.00 36.06 ? 116 LYS A NZ  1 
ATOM   819  N  N   . TYR A 1 107 ? 7.949   4.661   13.785  1.00 31.21 ? 117 TYR A N   1 
ATOM   820  C  CA  . TYR A 1 107 ? 8.346   4.200   12.462  1.00 28.78 ? 117 TYR A CA  1 
ATOM   821  C  C   . TYR A 1 107 ? 8.123   5.276   11.411  1.00 27.48 ? 117 TYR A C   1 
ATOM   822  O  O   . TYR A 1 107 ? 8.539   5.135   10.262  1.00 27.55 ? 117 TYR A O   1 
ATOM   823  C  CB  . TYR A 1 107 ? 7.588   2.915   12.121  1.00 27.83 ? 117 TYR A CB  1 
ATOM   824  C  CG  . TYR A 1 107 ? 8.013   1.760   13.005  1.00 29.04 ? 117 TYR A CG  1 
ATOM   825  C  CD1 . TYR A 1 107 ? 9.347   1.357   13.052  1.00 29.54 ? 117 TYR A CD1 1 
ATOM   826  C  CD2 . TYR A 1 107 ? 7.095   1.086   13.810  1.00 28.45 ? 117 TYR A CD2 1 
ATOM   827  C  CE1 . TYR A 1 107 ? 9.761   0.312   13.878  1.00 29.39 ? 117 TYR A CE1 1 
ATOM   828  C  CE2 . TYR A 1 107 ? 7.499   0.037   14.644  1.00 28.37 ? 117 TYR A CE2 1 
ATOM   829  C  CZ  . TYR A 1 107 ? 8.835   -0.343  14.672  1.00 28.33 ? 117 TYR A CZ  1 
ATOM   830  O  OH  . TYR A 1 107 ? 9.250   -1.372  15.486  1.00 26.65 ? 117 TYR A OH  1 
ATOM   831  N  N   . MET A 1 108 ? 7.478   6.360   11.817  1.00 25.81 ? 118 MET A N   1 
ATOM   832  C  CA  . MET A 1 108 ? 7.239   7.474   10.914  1.00 26.11 ? 118 MET A CA  1 
ATOM   833  C  C   . MET A 1 108 ? 8.624   8.075   10.624  1.00 25.79 ? 118 MET A C   1 
ATOM   834  O  O   . MET A 1 108 ? 9.426   8.259   11.542  1.00 25.52 ? 118 MET A O   1 
ATOM   835  C  CB  . MET A 1 108 ? 6.348   8.508   11.606  1.00 28.65 ? 118 MET A CB  1 
ATOM   836  C  CG  . MET A 1 108 ? 4.923   8.066   11.867  1.00 29.74 ? 118 MET A CG  1 
ATOM   837  S  SD  . MET A 1 108 ? 4.042   9.370   12.765  1.00 32.78 ? 118 MET A SD  1 
ATOM   838  C  CE  . MET A 1 108 ? 3.837   10.612  11.497  1.00 33.64 ? 118 MET A CE  1 
ATOM   839  N  N   . LEU A 1 109 ? 8.899   8.370   9.355   1.00 25.13 ? 119 LEU A N   1 
ATOM   840  C  CA  . LEU A 1 109 ? 10.182  8.944   8.935   1.00 24.95 ? 119 LEU A CA  1 
ATOM   841  C  C   . LEU A 1 109 ? 11.361  8.063   9.359   1.00 25.42 ? 119 LEU A C   1 
ATOM   842  O  O   . LEU A 1 109 ? 12.399  8.575   9.791   1.00 26.71 ? 119 LEU A O   1 
ATOM   843  C  CB  . LEU A 1 109 ? 10.361  10.349  9.531   1.00 25.42 ? 119 LEU A CB  1 
ATOM   844  C  CG  . LEU A 1 109 ? 9.445   11.481  9.053   1.00 27.01 ? 119 LEU A CG  1 
ATOM   845  C  CD1 . LEU A 1 109 ? 9.519   12.664  10.012  1.00 26.65 ? 119 LEU A CD1 1 
ATOM   846  C  CD2 . LEU A 1 109 ? 9.847   11.902  7.659   1.00 27.36 ? 119 LEU A CD2 1 
ATOM   847  N  N   . TYR A 1 110 ? 11.213  6.747   9.218   1.00 24.24 ? 120 TYR A N   1 
ATOM   848  C  CA  . TYR A 1 110 ? 12.259  5.795   9.612   1.00 24.33 ? 120 TYR A CA  1 
ATOM   849  C  C   . TYR A 1 110 ? 13.546  5.936   8.771   1.00 26.54 ? 120 TYR A C   1 
ATOM   850  O  O   . TYR A 1 110 ? 13.511  5.905   7.537   1.00 27.49 ? 120 TYR A O   1 
ATOM   851  C  CB  . TYR A 1 110 ? 11.703  4.369   9.510   1.00 21.76 ? 120 TYR A CB  1 
ATOM   852  C  CG  . TYR A 1 110 ? 12.381  3.370   10.419  1.00 21.61 ? 120 TYR A CG  1 
ATOM   853  C  CD1 . TYR A 1 110 ? 12.196  3.411   11.801  1.00 22.22 ? 120 TYR A CD1 1 
ATOM   854  C  CD2 . TYR A 1 110 ? 13.213  2.382   9.901   1.00 21.99 ? 120 TYR A CD2 1 
ATOM   855  C  CE1 . TYR A 1 110 ? 12.827  2.489   12.641  1.00 21.81 ? 120 TYR A CE1 1 
ATOM   856  C  CE2 . TYR A 1 110 ? 13.845  1.460   10.732  1.00 20.96 ? 120 TYR A CE2 1 
ATOM   857  C  CZ  . TYR A 1 110 ? 13.649  1.523   12.094  1.00 20.90 ? 120 TYR A CZ  1 
ATOM   858  O  OH  . TYR A 1 110 ? 14.295  0.632   12.910  1.00 24.75 ? 120 TYR A OH  1 
ATOM   859  N  N   . PRO A 1 111 ? 14.712  6.072   9.430   1.00 26.19 ? 121 PRO A N   1 
ATOM   860  C  CA  . PRO A 1 111 ? 15.940  6.215   8.650   1.00 25.33 ? 121 PRO A CA  1 
ATOM   861  C  C   . PRO A 1 111 ? 16.306  4.961   7.876   1.00 25.52 ? 121 PRO A C   1 
ATOM   862  O  O   . PRO A 1 111 ? 16.164  3.844   8.357   1.00 24.96 ? 121 PRO A O   1 
ATOM   863  C  CB  . PRO A 1 111 ? 16.981  6.578   9.709   1.00 25.52 ? 121 PRO A CB  1 
ATOM   864  C  CG  . PRO A 1 111 ? 16.547  5.780   10.876  1.00 25.47 ? 121 PRO A CG  1 
ATOM   865  C  CD  . PRO A 1 111 ? 15.020  5.878   10.859  1.00 27.20 ? 121 PRO A CD  1 
ATOM   866  N  N   . ASP A 1 112 ? 16.778  5.169   6.657   1.00 26.24 ? 122 ASP A N   1 
ATOM   867  C  CA  . ASP A 1 112 ? 17.192  4.084   5.781   1.00 26.48 ? 122 ASP A CA  1 
ATOM   868  C  C   . ASP A 1 112 ? 18.207  3.041   6.320   1.00 26.02 ? 122 ASP A C   1 
ATOM   869  O  O   . ASP A 1 112 ? 17.961  1.844   6.163   1.00 27.53 ? 122 ASP A O   1 
ATOM   870  C  CB  . ASP A 1 112 ? 17.618  4.729   4.448   1.00 29.32 ? 122 ASP A CB  1 
ATOM   871  C  CG  . ASP A 1 112 ? 18.285  3.755   3.511   1.00 31.97 ? 122 ASP A CG  1 
ATOM   872  O  OD1 . ASP A 1 112 ? 19.332  3.205   3.902   1.00 33.02 ? 122 ASP A OD1 1 
ATOM   873  O  OD2 . ASP A 1 112 ? 17.767  3.551   2.384   1.00 33.20 ? 122 ASP A OD2 1 
ATOM   874  N  N   . PHE A 1 113 ? 19.284  3.473   6.990   1.00 25.31 ? 124 PHE A N   1 
ATOM   875  C  CA  . PHE A 1 113 ? 20.303  2.534   7.494   1.00 24.58 ? 124 PHE A CA  1 
ATOM   876  C  C   . PHE A 1 113 ? 19.787  1.441   8.420   1.00 26.23 ? 124 PHE A C   1 
ATOM   877  O  O   . PHE A 1 113 ? 20.431  0.410   8.629   1.00 27.61 ? 124 PHE A O   1 
ATOM   878  C  CB  . PHE A 1 113 ? 21.427  3.269   8.244   1.00 24.31 ? 124 PHE A CB  1 
ATOM   879  C  CG  . PHE A 1 113 ? 21.049  3.708   9.650   1.00 23.16 ? 124 PHE A CG  1 
ATOM   880  C  CD1 . PHE A 1 113 ? 20.001  4.598   9.847   1.00 24.21 ? 124 PHE A CD1 1 
ATOM   881  C  CD2 . PHE A 1 113 ? 21.737  3.230   10.769  1.00 20.65 ? 124 PHE A CD2 1 
ATOM   882  C  CE1 . PHE A 1 113 ? 19.638  5.008   11.127  1.00 24.70 ? 124 PHE A CE1 1 
ATOM   883  C  CE2 . PHE A 1 113 ? 21.377  3.635   12.056  1.00 20.65 ? 124 PHE A CE2 1 
ATOM   884  C  CZ  . PHE A 1 113 ? 20.328  4.523   12.235  1.00 23.18 ? 124 PHE A CZ  1 
ATOM   885  N  N   . LEU A 1 114 ? 18.630  1.675   9.002   1.00 28.46 ? 125 LEU A N   1 
ATOM   886  C  CA  . LEU A 1 114 ? 18.074  0.683   9.898   1.00 30.85 ? 125 LEU A CA  1 
ATOM   887  C  C   . LEU A 1 114 ? 17.311  -0.349  9.091   1.00 33.20 ? 125 LEU A C   1 
ATOM   888  O  O   . LEU A 1 114 ? 16.729  -1.283  9.637   1.00 35.43 ? 125 LEU A O   1 
ATOM   889  C  CB  . LEU A 1 114 ? 17.174  1.360   10.933  1.00 29.52 ? 125 LEU A CB  1 
ATOM   890  C  CG  . LEU A 1 114 ? 17.975  2.093   12.013  1.00 29.94 ? 125 LEU A CG  1 
ATOM   891  C  CD1 . LEU A 1 114 ? 17.034  2.808   12.955  1.00 32.72 ? 125 LEU A CD1 1 
ATOM   892  C  CD2 . LEU A 1 114 ? 18.828  1.098   12.782  1.00 30.16 ? 125 LEU A CD2 1 
ATOM   893  N  N   . CYS A 1 115 ? 17.332  -0.189  7.776   1.00 35.72 ? 126 CYS A N   1 
ATOM   894  C  CA  . CYS A 1 115 ? 16.641  -1.131  6.921   1.00 38.04 ? 126 CYS A CA  1 
ATOM   895  C  C   . CYS A 1 115 ? 17.666  -1.945  6.148   1.00 42.28 ? 126 CYS A C   1 
ATOM   896  O  O   . CYS A 1 115 ? 18.171  -1.508  5.110   1.00 42.95 ? 126 CYS A O   1 
ATOM   897  C  CB  . CYS A 1 115 ? 15.659  -0.403  5.998   1.00 35.19 ? 126 CYS A CB  1 
ATOM   898  S  SG  . CYS A 1 115 ? 14.262  0.360   6.883   1.00 30.24 ? 126 CYS A SG  1 
ATOM   899  N  N   . LYS A 1 116 ? 18.004  -3.112  6.684   1.00 46.86 ? 127 LYS A N   1 
ATOM   900  C  CA  . LYS A 1 116 ? 18.917  -4.007  5.990   1.00 52.06 ? 127 LYS A CA  1 
ATOM   901  C  C   . LYS A 1 116 ? 18.496  -5.437  6.302   1.00 54.08 ? 127 LYS A C   1 
ATOM   902  O  O   . LYS A 1 116 ? 17.855  -5.716  7.321   1.00 53.77 ? 127 LYS A O   1 
ATOM   903  C  CB  . LYS A 1 116 ? 20.427  -3.792  6.239   1.00 52.99 ? 127 LYS A CB  1 
ATOM   904  C  CG  . LYS A 1 116 ? 20.855  -3.109  7.527   1.00 55.02 ? 127 LYS A CG  1 
ATOM   905  C  CD  . LYS A 1 116 ? 21.323  -4.112  8.573   1.00 56.22 ? 127 LYS A CD  1 
ATOM   906  C  CE  . LYS A 1 116 ? 22.196  -3.438  9.633   1.00 58.76 ? 127 LYS A CE  1 
ATOM   907  N  NZ  . LYS A 1 116 ? 21.528  -2.286  10.311  1.00 58.17 ? 127 LYS A NZ  1 
ATOM   908  N  N   . GLY A 1 117 ? 18.849  -6.332  5.391   1.00 55.47 ? 128 GLY A N   1 
ATOM   909  C  CA  . GLY A 1 117 ? 18.477  -7.724  5.516   1.00 56.86 ? 128 GLY A CA  1 
ATOM   910  C  C   . GLY A 1 117 ? 17.830  -8.063  4.184   1.00 58.42 ? 128 GLY A C   1 
ATOM   911  O  O   . GLY A 1 117 ? 17.532  -7.163  3.390   1.00 59.59 ? 128 GLY A O   1 
ATOM   912  N  N   . GLU A 1 118 ? 17.605  -9.346  3.933   1.00 59.30 ? 129 GLU A N   1 
ATOM   913  C  CA  . GLU A 1 118 ? 17.016  -9.817  2.679   1.00 60.14 ? 129 GLU A CA  1 
ATOM   914  C  C   . GLU A 1 118 ? 15.549  -10.180 2.817   1.00 58.12 ? 129 GLU A C   1 
ATOM   915  O  O   . GLU A 1 118 ? 15.084  -10.541 3.895   1.00 59.14 ? 129 GLU A O   1 
ATOM   916  C  CB  . GLU A 1 118 ? 17.757  -11.080 2.215   1.00 62.37 ? 129 GLU A CB  1 
ATOM   917  C  CG  . GLU A 1 118 ? 17.336  -11.694 0.874   1.00 66.99 ? 129 GLU A CG  1 
ATOM   918  C  CD  . GLU A 1 118 ? 17.611  -10.801 -0.332  1.00 68.95 ? 129 GLU A CD  1 
ATOM   919  O  OE1 . GLU A 1 118 ? 18.353  -9.804  -0.181  1.00 69.74 ? 129 GLU A OE1 1 
ATOM   920  O  OE2 . GLU A 1 118 ? 17.081  -11.090 -1.426  1.00 70.27 ? 129 GLU A OE2 1 
ATOM   921  N  N   . LEU A 1 119 ? 14.815  -10.056 1.720   1.00 54.78 ? 130 LEU A N   1 
ATOM   922  C  CA  . LEU A 1 119 ? 13.425  -10.491 1.690   1.00 51.09 ? 130 LEU A CA  1 
ATOM   923  C  C   . LEU A 1 119 ? 13.208  -10.675 0.197   1.00 50.33 ? 130 LEU A C   1 
ATOM   924  O  O   . LEU A 1 119 ? 13.583  -9.834  -0.619  1.00 50.86 ? 130 LEU A O   1 
ATOM   925  C  CB  . LEU A 1 119 ? 12.489  -9.599  2.512   1.00 49.67 ? 130 LEU A CB  1 
ATOM   926  C  CG  . LEU A 1 119 ? 11.704  -10.452 3.533   1.00 48.63 ? 130 LEU A CG  1 
ATOM   927  C  CD1 . LEU A 1 119 ? 10.586  -9.625  4.148   1.00 48.32 ? 130 LEU A CD1 1 
ATOM   928  C  CD2 . LEU A 1 119 ? 11.108  -11.682 2.866   1.00 47.14 ? 130 LEU A CD2 1 
ATOM   929  N  N   . LYS A 1 120 ? 12.634  -11.818 -0.154  1.00 48.53 ? 131 LYS A N   1 
ATOM   930  C  CA  . LYS A 1 120 ? 12.356  -12.103 -1.537  1.00 44.85 ? 131 LYS A CA  1 
ATOM   931  C  C   . LYS A 1 120 ? 10.824  -12.095 -1.411  1.00 42.28 ? 131 LYS A C   1 
ATOM   932  O  O   . LYS A 1 120 ? 10.271  -12.546 -0.402  1.00 41.93 ? 131 LYS A O   1 
ATOM   933  C  CB  . LYS A 1 120 ? 12.960  -13.447 -2.064  1.00 47.10 ? 131 LYS A CB  1 
ATOM   934  C  CG  . LYS A 1 120 ? 14.503  -13.354 -2.305  1.00 50.70 ? 131 LYS A CG  1 
ATOM   935  C  CD  . LYS A 1 120 ? 15.007  -14.309 -3.417  1.00 53.73 ? 131 LYS A CD  1 
ATOM   936  C  CE  . LYS A 1 120 ? 16.508  -14.101 -3.753  1.00 54.71 ? 131 LYS A CE  1 
ATOM   937  N  NZ  . LYS A 1 120 ? 16.954  -14.800 -5.011  1.00 55.35 ? 131 LYS A NZ  1 
ATOM   938  N  N   . CYS A 1 121 ? 10.133  -11.601 -2.454  1.00 37.89 ? 133 CYS A N   1 
ATOM   939  C  CA  . CYS A 1 121 ? 8.666   -11.519 -2.496  1.00 34.74 ? 133 CYS A CA  1 
ATOM   940  C  C   . CYS A 1 121 ? 8.092   -12.911 -2.660  1.00 33.04 ? 133 CYS A C   1 
ATOM   941  O  O   . CYS A 1 121 ? 8.777   -13.792 -3.174  1.00 31.01 ? 133 CYS A O   1 
ATOM   942  C  CB  . CYS A 1 121 ? 8.173   -10.658 -3.683  1.00 33.56 ? 133 CYS A CB  1 
ATOM   943  S  SG  . CYS A 1 121 ? 8.095   -8.856  -3.407  1.00 30.61 ? 133 CYS A SG  1 
HETATM 944  O  O4  . NIM B 2 .   ? 0.218   6.927   -0.684  0.80 41.54 ? 201 NIM A O4  1 
HETATM 945  N  N2  . NIM B 2 .   ? 0.426   8.117   -1.465  0.80 46.61 ? 201 NIM A N2  1 
HETATM 946  O  O3  . NIM B 2 .   ? -0.508  8.954   -1.716  0.80 47.20 ? 201 NIM A O3  1 
HETATM 947  C  C5  . NIM B 2 .   ? 1.758   8.359   -1.935  0.80 46.33 ? 201 NIM A C5  1 
HETATM 948  C  C4  . NIM B 2 .   ? 2.771   7.420   -1.564  0.80 47.18 ? 201 NIM A C4  1 
HETATM 949  C  C3  . NIM B 2 .   ? 4.094   7.605   -1.993  0.80 46.74 ? 201 NIM A C3  1 
HETATM 950  C  C2  . NIM B 2 .   ? 4.433   8.686   -2.829  0.80 48.24 ? 201 NIM A C2  1 
HETATM 951  N  N1  . NIM B 2 .   ? 5.690   8.758   -3.255  0.80 51.08 ? 201 NIM A N1  1 
HETATM 952  S  S1  . NIM B 2 .   ? 6.182   7.726   -4.463  0.80 52.31 ? 201 NIM A S1  1 
HETATM 953  O  O1  . NIM B 2 .   ? 6.913   8.481   -5.575  0.80 51.85 ? 201 NIM A O1  1 
HETATM 954  O  O2  . NIM B 2 .   ? 7.097   6.804   -3.839  0.80 53.47 ? 201 NIM A O2  1 
HETATM 955  C  C1  . NIM B 2 .   ? 4.906   6.784   -5.092  0.80 51.56 ? 201 NIM A C1  1 
HETATM 956  C  C6  . NIM B 2 .   ? 2.073   9.494   -2.755  0.80 46.45 ? 201 NIM A C6  1 
HETATM 957  C  C7  . NIM B 2 .   ? 3.409   9.753   -3.266  0.80 47.21 ? 201 NIM A C7  1 
HETATM 958  O  O5  . NIM B 2 .   ? 3.750   10.857  -4.101  0.80 48.13 ? 201 NIM A O5  1 
HETATM 959  C  C8  . NIM B 2 .   ? 3.014   12.081  -4.073  0.80 47.65 ? 201 NIM A C8  1 
HETATM 960  C  C13 . NIM B 2 .   ? 3.562   13.324  -3.511  0.80 45.67 ? 201 NIM A C13 1 
HETATM 961  C  C12 . NIM B 2 .   ? 2.753   14.533  -3.530  0.80 44.89 ? 201 NIM A C12 1 
HETATM 962  C  C11 . NIM B 2 .   ? 1.411   14.499  -4.118  0.80 44.24 ? 201 NIM A C11 1 
HETATM 963  C  C10 . NIM B 2 .   ? 0.853   13.275  -4.670  0.80 44.47 ? 201 NIM A C10 1 
HETATM 964  C  C9  . NIM B 2 .   ? 1.639   12.084  -4.644  0.80 46.05 ? 201 NIM A C9  1 
HETATM 965  C  C   . IMN C 3 .   ? 7.080   -0.448  -10.098 0.80 46.39 ? 202 IMN A C   1 
HETATM 966  C  C1  . IMN C 3 .   ? 6.840   -0.011  -8.688  0.80 45.26 ? 202 IMN A C1  1 
HETATM 967  C  C2  . IMN C 3 .   ? 7.204   -0.821  -7.593  0.80 42.68 ? 202 IMN A C2  1 
HETATM 968  C  C3  . IMN C 3 .   ? 7.815   -2.066  -7.815  0.80 43.51 ? 202 IMN A C3  1 
HETATM 969  C  C4  . IMN C 3 .   ? 8.045   -2.486  -9.145  0.80 44.61 ? 202 IMN A C4  1 
HETATM 970  C  C5  . IMN C 3 .   ? 7.691   -1.706  -10.263 0.80 44.67 ? 202 IMN A C5  1 
HETATM 971  C  C6  . IMN C 3 .   ? 9.176   -3.869  -6.748  0.80 42.41 ? 202 IMN A C6  1 
HETATM 972  C  C7  . IMN C 3 .   ? 6.198   1.339   -8.767  0.80 44.51 ? 202 IMN A C7  1 
HETATM 973  C  C8  . IMN C 3 .   ? 6.080   1.636   -10.234 0.80 44.49 ? 202 IMN A C8  1 
HETATM 974  C  C9  . IMN C 3 .   ? 6.638   0.565   -12.300 0.80 45.25 ? 202 IMN A C9  1 
HETATM 975  C  C10 . IMN C 3 .   ? 7.518   -0.302  -13.163 0.80 43.33 ? 202 IMN A C10 1 
HETATM 976  C  C11 . IMN C 3 .   ? 8.384   -1.288  -12.667 0.80 42.12 ? 202 IMN A C11 1 
HETATM 977  C  C12 . IMN C 3 .   ? 9.291   -1.905  -13.527 0.80 41.25 ? 202 IMN A C12 1 
HETATM 978  C  C13 . IMN C 3 .   ? 9.313   -1.579  -14.891 0.80 40.94 ? 202 IMN A C13 1 
HETATM 979  C  C14 . IMN C 3 .   ? 8.431   -0.605  -15.385 0.80 40.95 ? 202 IMN A C14 1 
HETATM 980  C  C15 . IMN C 3 .   ? 7.536   0.028   -14.522 0.80 42.53 ? 202 IMN A C15 1 
HETATM 981  C  C16 . IMN C 3 .   ? 5.476   2.896   -10.836 0.80 44.18 ? 202 IMN A C16 1 
HETATM 982  C  C17 . IMN C 3 .   ? 5.725   2.219   -7.625  0.80 45.00 ? 202 IMN A C17 1 
HETATM 983  C  C18 . IMN C 3 .   ? 6.805   2.582   -6.634  0.80 46.40 ? 202 IMN A C18 1 
HETATM 984  N  N   . IMN C 3 .   ? 6.616   0.567   -10.896 0.80 46.34 ? 202 IMN A N   1 
HETATM 985  O  O   . IMN C 3 .   ? 8.162   -2.850  -6.721  0.80 42.70 ? 202 IMN A O   1 
HETATM 986  O  O1  . IMN C 3 .   ? 5.897   1.320   -12.926 0.80 47.70 ? 202 IMN A O1  1 
HETATM 987  O  O2  . IMN C 3 .   ? 7.065   3.800   -6.494  0.80 44.89 ? 202 IMN A O2  1 
HETATM 988  O  O3  . IMN C 3 .   ? 7.374   1.667   -5.983  0.80 47.71 ? 202 IMN A O3  1 
HETATM 989  CL CL  . IMN C 3 .   ? 10.473  -2.386  -16.014 0.80 41.08 ? 202 IMN A CL  1 
HETATM 990  N  N   . CCN D 4 .   ? -1.099  -5.585  1.121   1.00 22.98 ? 203 CCN A N   1 
HETATM 991  C  C1  . CCN D 4 .   ? -1.175  -6.509  1.782   1.00 23.57 ? 203 CCN A C1  1 
HETATM 992  C  C2  . CCN D 4 .   ? -1.269  -7.710  2.627   1.00 24.26 ? 203 CCN A C2  1 
HETATM 993  O  O   . HOH E 5 .   ? 3.197   3.175   -3.406  1.00 23.74 ? 301 HOH A O   1 
HETATM 994  O  O   . HOH E 5 .   ? 2.543   -5.417  -21.680 1.00 23.03 ? 302 HOH A O   1 
HETATM 995  O  O   . HOH E 5 .   ? 21.073  -0.578  5.084   1.00 27.65 ? 303 HOH A O   1 
HETATM 996  O  O   . HOH E 5 .   ? 20.051  1.252   1.359   1.00 43.04 ? 304 HOH A O   1 
HETATM 997  O  O   . HOH E 5 .   ? -2.051  -8.866  10.566  1.00 29.64 ? 305 HOH A O   1 
HETATM 998  O  O   . HOH E 5 .   ? 6.253   -8.747  13.825  1.00 33.49 ? 306 HOH A O   1 
HETATM 999  O  O   . HOH E 5 .   ? 8.945   10.030  13.702  1.00 15.69 ? 307 HOH A O   1 
HETATM 1000 O  O   . HOH E 5 .   ? -20.988 -4.587  -9.619  1.00 36.54 ? 308 HOH A O   1 
HETATM 1001 O  O   . HOH E 5 .   ? -1.613  -5.801  14.464  1.00 16.32 ? 309 HOH A O   1 
HETATM 1002 O  O   . HOH E 5 .   ? 21.666  3.864   4.646   1.00 16.39 ? 310 HOH A O   1 
HETATM 1003 O  O   . HOH E 5 .   ? -2.001  -11.176 8.406   1.00 53.29 ? 311 HOH A O   1 
HETATM 1004 O  O   . HOH E 5 .   ? -7.013  -4.566  -20.927 1.00 22.80 ? 312 HOH A O   1 
HETATM 1005 O  O   . HOH E 5 .   ? 2.203   -6.484  -16.868 1.00 29.55 ? 313 HOH A O   1 
HETATM 1006 O  O   . HOH E 5 .   ? -4.096  -5.873  15.907  1.00 38.20 ? 314 HOH A O   1 
HETATM 1007 O  O   . HOH E 5 .   ? -23.650 1.344   -0.579  1.00 44.74 ? 315 HOH A O   1 
HETATM 1008 O  O   . HOH E 5 .   ? 7.376   1.548   -1.696  1.00 23.19 ? 316 HOH A O   1 
HETATM 1009 O  O   . HOH E 5 .   ? 16.005  -10.161 10.028  1.00 45.94 ? 317 HOH A O   1 
HETATM 1010 O  O   . HOH E 5 .   ? -20.339 -6.140  -7.525  1.00 44.85 ? 318 HOH A O   1 
HETATM 1011 O  O   . HOH E 5 .   ? -0.140  5.524   16.815  1.00 28.15 ? 319 HOH A O   1 
HETATM 1012 O  O   . HOH E 5 .   ? 3.356   -5.397  14.464  1.00 26.82 ? 320 HOH A O   1 
HETATM 1013 O  O   . HOH E 5 .   ? 13.719  2.183   2.938   1.00 20.19 ? 321 HOH A O   1 
HETATM 1014 O  O   . HOH E 5 .   ? 1.030   -8.584  7.819   1.00 47.20 ? 322 HOH A O   1 
HETATM 1015 O  O   . HOH E 5 .   ? 10.039  3.828   3.900   1.00 18.91 ? 323 HOH A O   1 
HETATM 1016 O  O   . HOH E 5 .   ? -7.376  -7.766  -2.866  1.00 22.65 ? 324 HOH A O   1 
HETATM 1017 O  O   . HOH E 5 .   ? -1.096  -5.681  -1.887  1.00 17.88 ? 325 HOH A O   1 
HETATM 1018 O  O   . HOH E 5 .   ? 8.506   -8.691  10.424  1.00 43.32 ? 326 HOH A O   1 
HETATM 1019 O  O   . HOH E 5 .   ? -17.332 -2.469  -13.888 1.00 31.90 ? 327 HOH A O   1 
HETATM 1020 O  O   . HOH E 5 .   ? -25.438 -1.368  -1.092  1.00 38.57 ? 328 HOH A O   1 
HETATM 1021 O  O   . HOH E 5 .   ? 14.081  4.908   2.932   1.00 41.97 ? 329 HOH A O   1 
HETATM 1022 O  O   . HOH E 5 .   ? -5.387  -5.220  18.136  1.00 39.85 ? 330 HOH A O   1 
HETATM 1023 O  O   . HOH E 5 .   ? -1.624  -8.371  -1.996  1.00 24.62 ? 331 HOH A O   1 
HETATM 1024 O  O   . HOH E 5 .   ? 11.599  -2.129  16.476  1.00 44.16 ? 332 HOH A O   1 
HETATM 1025 O  O   . HOH E 5 .   ? -23.578 -1.061  -8.413  1.00 40.34 ? 333 HOH A O   1 
HETATM 1026 O  O   . HOH E 5 .   ? 3.211   0.973   -0.781  1.00 46.42 ? 334 HOH A O   1 
HETATM 1027 O  O   . HOH E 5 .   ? 6.573   -9.720  -7.075  1.00 28.02 ? 335 HOH A O   1 
HETATM 1028 O  O   . HOH E 5 .   ? -10.952 -9.413  -4.464  1.00 33.70 ? 336 HOH A O   1 
HETATM 1029 O  O   . HOH E 5 .   ? 9.930   0.756   -10.338 1.00 31.47 ? 337 HOH A O   1 
HETATM 1030 O  O   . HOH E 5 .   ? 9.910   0.552   -4.537  1.00 64.07 ? 338 HOH A O   1 
HETATM 1031 O  O   . HOH E 5 .   ? -9.303  -8.317  -17.051 1.00 32.97 ? 339 HOH A O   1 
HETATM 1032 O  O   . HOH E 5 .   ? 12.234  -8.477  -3.042  1.00 53.96 ? 340 HOH A O   1 
HETATM 1033 O  O   . HOH E 5 .   ? 0.641   0.333   -18.654 1.00 15.11 ? 341 HOH A O   1 
HETATM 1034 O  O   . HOH E 5 .   ? -24.127 -3.670  -10.323 1.00 58.10 ? 342 HOH A O   1 
HETATM 1035 O  O   . HOH E 5 .   ? -9.244  -11.688 -16.740 1.00 56.26 ? 343 HOH A O   1 
HETATM 1036 O  O   . HOH E 5 .   ? 2.638   -10.261 -15.164 1.00 47.24 ? 344 HOH A O   1 
# 
